data_1EZ0
#
_entry.id   1EZ0
#
_cell.length_a   79.380
_cell.length_b   131.180
_cell.length_c   92.540
_cell.angle_alpha   90.00
_cell.angle_beta   92.49
_cell.angle_gamma   90.00
#
_symmetry.space_group_name_H-M   'P 1 21 1'
#
loop_
_entity.id
_entity.type
_entity.pdbx_description
1 polymer 'ALDEHYDE DEHYDROGENASE'
2 non-polymer 'NADP NICOTINAMIDE-ADENINE-DINUCLEOTIDE PHOSPHATE'
3 water water
#
_entity_poly.entity_id   1
_entity_poly.type   'polypeptide(L)'
_entity_poly.pdbx_seq_one_letter_code
;MNPQTDNVFYATNAFTGEALPLAFPVHTEVEVNQAATAAAKVARDFRRLNNSKRASLLRTIASELEARSDDIIARAHLET
ALPEVRLTGEIARTANQLRLFADVVNSGSYHQAILDTPNPTRAPLPKPDIRRQQIALGPVAVFGASNFPLAFSAAGGDTA
SALAAGCPVIVKGHTAHPGTSQIVAECIEQALKQEQLPQAIFTLLQGNQRALGQALVSHPEIKAVGFTGSVGGGRALFNL
AHERPEPIPFYGELGAINPTFIFPSAMRAKADLADQFVASMTMGCGQFCTKPGVVFALNTPETQAFIETAQSLIRQQSPS
TLLTPGIRDSYQSQVVSRGSDDGIDVTFSQAESPCVASALFVTSSENWRKHPAWEEEIFGPQSLIVVCENVADMLSLSEM
LAGSLTATIHATEEDYPQVSQLIPRLEEIAGRLVFNGWPTGVEVGYAMVHGGPYPASTHSASTSVGAEAIHRWLRPVAYQ
ALPESLLPDSLKAENPLEIARAVDGKAAHS
;
_entity_poly.pdbx_strand_id   A,B,C,D
#
loop_
_chem_comp.id
_chem_comp.type
_chem_comp.name
_chem_comp.formula
NAP non-polymer 'NADP NICOTINAMIDE-ADENINE-DINUCLEOTIDE PHOSPHATE' 'C21 H28 N7 O17 P3'
#
# COMPACT_ATOMS: atom_id res chain seq x y z
N THR A 5 -15.59 -37.91 17.47
CA THR A 5 -16.37 -38.56 16.38
C THR A 5 -16.16 -40.07 16.37
N ASP A 6 -17.12 -40.79 15.80
CA ASP A 6 -17.08 -42.25 15.72
C ASP A 6 -15.77 -42.75 15.09
N ASN A 7 -15.29 -42.07 14.06
CA ASN A 7 -14.05 -42.46 13.39
C ASN A 7 -13.07 -41.31 13.25
N VAL A 8 -11.81 -41.67 12.99
CA VAL A 8 -10.75 -40.71 12.75
C VAL A 8 -10.01 -41.21 11.50
N PHE A 9 -9.17 -40.36 10.92
CA PHE A 9 -8.39 -40.76 9.76
C PHE A 9 -7.04 -40.07 9.82
N TYR A 10 -6.08 -40.56 9.03
CA TYR A 10 -4.75 -39.97 9.02
C TYR A 10 -4.37 -39.47 7.64
N ALA A 11 -3.48 -38.50 7.61
CA ALA A 11 -2.99 -37.95 6.34
C ALA A 11 -1.95 -38.95 5.81
N THR A 12 -1.77 -38.96 4.50
CA THR A 12 -0.81 -39.86 3.89
C THR A 12 0.49 -39.13 3.55
N ASN A 13 1.62 -39.74 3.94
CA ASN A 13 2.93 -39.17 3.65
C ASN A 13 3.03 -39.26 2.12
N ALA A 14 3.12 -38.11 1.47
CA ALA A 14 3.19 -38.07 0.02
C ALA A 14 4.40 -38.81 -0.57
N PHE A 15 5.47 -38.94 0.22
CA PHE A 15 6.68 -39.61 -0.27
C PHE A 15 6.74 -41.12 -0.02
N THR A 16 6.06 -41.59 1.01
CA THR A 16 6.11 -43.01 1.33
C THR A 16 4.79 -43.75 1.16
N GLY A 17 3.68 -43.02 1.22
CA GLY A 17 2.38 -43.66 1.08
C GLY A 17 1.90 -44.20 2.41
N GLU A 18 2.68 -44.01 3.46
CA GLU A 18 2.28 -44.48 4.77
C GLU A 18 1.61 -43.33 5.51
N ALA A 19 0.98 -43.65 6.63
CA ALA A 19 0.27 -42.64 7.41
C ALA A 19 1.22 -41.76 8.22
N LEU A 20 0.87 -40.49 8.30
CA LEU A 20 1.64 -39.52 9.06
C LEU A 20 1.02 -39.44 10.45
N PRO A 21 1.77 -38.95 11.44
CA PRO A 21 1.23 -38.83 12.79
C PRO A 21 0.08 -37.84 12.88
N LEU A 22 -0.65 -37.88 13.97
CA LEU A 22 -1.80 -37.02 14.22
C LEU A 22 -3.06 -37.52 13.53
N ALA A 23 -4.07 -37.86 14.34
CA ALA A 23 -5.34 -38.34 13.79
C ALA A 23 -6.28 -37.16 13.65
N PHE A 24 -7.13 -37.22 12.63
CA PHE A 24 -8.10 -36.16 12.40
C PHE A 24 -9.50 -36.76 12.47
N PRO A 25 -10.48 -35.96 12.94
CA PRO A 25 -11.85 -36.46 13.05
C PRO A 25 -12.56 -36.64 11.71
N VAL A 26 -13.52 -37.55 11.70
CA VAL A 26 -14.31 -37.82 10.50
C VAL A 26 -15.68 -37.22 10.79
N HIS A 27 -15.85 -35.95 10.39
CA HIS A 27 -17.10 -35.25 10.61
C HIS A 27 -18.22 -35.75 9.73
N THR A 28 -19.45 -35.56 10.21
CA THR A 28 -20.62 -36.02 9.48
C THR A 28 -21.68 -34.92 9.42
N GLU A 29 -22.87 -35.30 8.98
CA GLU A 29 -23.97 -34.38 8.86
C GLU A 29 -24.27 -33.68 10.19
N VAL A 30 -23.91 -34.33 11.30
CA VAL A 30 -24.14 -33.76 12.63
C VAL A 30 -23.30 -32.49 12.83
N GLU A 31 -22.01 -32.57 12.54
CA GLU A 31 -21.13 -31.41 12.68
C GLU A 31 -21.48 -30.35 11.64
N VAL A 32 -21.96 -30.79 10.47
CA VAL A 32 -22.35 -29.86 9.41
C VAL A 32 -23.48 -28.98 9.93
N ASN A 33 -24.51 -29.61 10.47
CA ASN A 33 -25.64 -28.86 10.99
C ASN A 33 -25.21 -27.89 12.10
N GLN A 34 -24.39 -28.35 13.03
CA GLN A 34 -23.94 -27.50 14.13
C GLN A 34 -23.18 -26.30 13.56
N ALA A 35 -22.23 -26.58 12.68
CA ALA A 35 -21.43 -25.53 12.07
C ALA A 35 -22.27 -24.54 11.29
N ALA A 36 -23.15 -25.04 10.42
CA ALA A 36 -23.98 -24.16 9.61
C ALA A 36 -24.94 -23.32 10.46
N THR A 37 -25.50 -23.94 11.49
CA THR A 37 -26.42 -23.24 12.39
C THR A 37 -25.69 -22.10 13.11
N ALA A 38 -24.50 -22.38 13.62
CA ALA A 38 -23.72 -21.37 14.32
C ALA A 38 -23.30 -20.24 13.36
N ALA A 39 -22.96 -20.60 12.13
CA ALA A 39 -22.55 -19.62 11.13
C ALA A 39 -23.72 -18.69 10.80
N ALA A 40 -24.91 -19.26 10.64
CA ALA A 40 -26.11 -18.48 10.32
C ALA A 40 -26.39 -17.48 11.45
N LYS A 41 -26.16 -17.92 12.68
CA LYS A 41 -26.39 -17.11 13.87
C LYS A 41 -25.54 -15.85 13.94
N VAL A 42 -24.36 -15.89 13.32
CA VAL A 42 -23.47 -14.72 13.35
C VAL A 42 -23.37 -14.01 12.01
N ALA A 43 -24.07 -14.52 11.00
CA ALA A 43 -24.00 -13.93 9.67
C ALA A 43 -24.37 -12.45 9.61
N ARG A 44 -25.49 -12.09 10.22
CA ARG A 44 -25.96 -10.70 10.19
C ARG A 44 -24.96 -9.74 10.83
N ASP A 45 -24.49 -10.07 12.03
CA ASP A 45 -23.52 -9.21 12.72
C ASP A 45 -22.23 -9.08 11.93
N PHE A 46 -21.77 -10.19 11.35
CA PHE A 46 -20.53 -10.18 10.59
C PHE A 46 -20.56 -9.25 9.38
N ARG A 47 -21.66 -9.24 8.64
CA ARG A 47 -21.73 -8.37 7.47
C ARG A 47 -21.93 -6.90 7.85
N ARG A 48 -22.42 -6.64 9.06
CA ARG A 48 -22.65 -5.26 9.48
C ARG A 48 -21.47 -4.64 10.22
N LEU A 49 -20.41 -5.40 10.41
CA LEU A 49 -19.22 -4.88 11.07
C LEU A 49 -18.70 -3.72 10.22
N ASN A 50 -17.98 -2.79 10.83
CA ASN A 50 -17.41 -1.68 10.07
C ASN A 50 -16.42 -2.29 9.08
N ASN A 51 -16.28 -1.68 7.91
CA ASN A 51 -15.35 -2.19 6.92
C ASN A 51 -13.93 -2.29 7.51
N SER A 52 -13.56 -1.30 8.32
CA SER A 52 -12.24 -1.27 8.93
C SER A 52 -12.00 -2.48 9.83
N LYS A 53 -13.05 -2.93 10.50
CA LYS A 53 -12.94 -4.06 11.41
C LYS A 53 -12.75 -5.37 10.66
N ARG A 54 -13.56 -5.61 9.64
CA ARG A 54 -13.42 -6.84 8.87
C ARG A 54 -12.09 -6.81 8.12
N ALA A 55 -11.66 -5.62 7.72
CA ALA A 55 -10.39 -5.47 7.04
C ALA A 55 -9.27 -5.87 8.01
N SER A 56 -9.39 -5.40 9.25
CA SER A 56 -8.38 -5.73 10.26
C SER A 56 -8.29 -7.23 10.47
N LEU A 57 -9.45 -7.90 10.55
CA LEU A 57 -9.48 -9.35 10.72
C LEU A 57 -8.66 -10.07 9.65
N LEU A 58 -8.86 -9.67 8.39
CA LEU A 58 -8.14 -10.27 7.27
C LEU A 58 -6.63 -10.11 7.43
N ARG A 59 -6.20 -8.92 7.84
CA ARG A 59 -4.77 -8.67 8.02
C ARG A 59 -4.24 -9.46 9.21
N THR A 60 -5.06 -9.61 10.23
CA THR A 60 -4.65 -10.36 11.43
C THR A 60 -4.49 -11.84 11.07
N ILE A 61 -5.37 -12.35 10.21
CA ILE A 61 -5.28 -13.74 9.78
C ILE A 61 -3.96 -13.91 9.01
N ALA A 62 -3.63 -12.94 8.18
CA ALA A 62 -2.41 -12.99 7.39
C ALA A 62 -1.17 -13.04 8.28
N SER A 63 -1.17 -12.24 9.34
CA SER A 63 -0.05 -12.21 10.27
C SER A 63 0.07 -13.51 11.04
N GLU A 64 -1.07 -14.03 11.48
CA GLU A 64 -1.07 -15.29 12.23
C GLU A 64 -0.52 -16.42 11.37
N LEU A 65 -0.86 -16.39 10.07
CA LEU A 65 -0.40 -17.41 9.12
C LEU A 65 1.11 -17.38 9.00
N GLU A 66 1.64 -16.17 8.87
CA GLU A 66 3.07 -15.97 8.74
C GLU A 66 3.82 -16.43 9.99
N ALA A 67 3.21 -16.24 11.16
CA ALA A 67 3.81 -16.64 12.42
C ALA A 67 3.95 -18.15 12.57
N ARG A 68 3.09 -18.91 11.88
CA ARG A 68 3.14 -20.37 11.94
C ARG A 68 3.71 -20.96 10.65
N SER A 69 4.32 -20.11 9.83
CA SER A 69 4.87 -20.53 8.55
C SER A 69 5.75 -21.77 8.63
N ASP A 70 6.67 -21.83 9.58
CA ASP A 70 7.52 -23.00 9.68
C ASP A 70 6.71 -24.29 9.88
N ASP A 71 5.72 -24.28 10.77
CA ASP A 71 4.89 -25.47 11.01
C ASP A 71 4.10 -25.84 9.77
N ILE A 72 3.51 -24.84 9.12
CA ILE A 72 2.72 -25.07 7.91
C ILE A 72 3.56 -25.71 6.83
N ILE A 73 4.71 -25.09 6.56
CA ILE A 73 5.62 -25.61 5.55
C ILE A 73 6.08 -27.04 5.84
N ALA A 74 6.51 -27.30 7.06
CA ALA A 74 6.98 -28.63 7.42
C ALA A 74 5.90 -29.69 7.23
N ARG A 75 4.68 -29.38 7.64
CA ARG A 75 3.58 -30.35 7.51
C ARG A 75 3.10 -30.48 6.07
N ALA A 76 2.91 -29.36 5.39
CA ALA A 76 2.44 -29.38 4.00
C ALA A 76 3.40 -30.15 3.09
N HIS A 77 4.70 -30.01 3.35
CA HIS A 77 5.72 -30.69 2.56
C HIS A 77 5.55 -32.22 2.60
N LEU A 78 5.32 -32.77 3.78
CA LEU A 78 5.15 -34.21 3.93
C LEU A 78 3.79 -34.70 3.41
N GLU A 79 2.76 -33.86 3.56
CA GLU A 79 1.42 -34.25 3.11
C GLU A 79 1.22 -34.15 1.60
N THR A 80 2.00 -33.29 0.95
CA THR A 80 1.85 -33.05 -0.48
C THR A 80 3.06 -33.30 -1.36
N ALA A 81 4.25 -33.36 -0.78
CA ALA A 81 5.49 -33.58 -1.52
C ALA A 81 5.92 -32.32 -2.31
N LEU A 82 5.23 -31.20 -2.10
CA LEU A 82 5.60 -29.98 -2.79
C LEU A 82 6.85 -29.44 -2.12
N PRO A 83 7.83 -28.98 -2.93
CA PRO A 83 9.08 -28.42 -2.43
C PRO A 83 8.80 -27.34 -1.41
N GLU A 84 9.61 -27.27 -0.37
CA GLU A 84 9.41 -26.26 0.65
C GLU A 84 9.60 -24.85 0.07
N VAL A 85 10.45 -24.75 -0.95
CA VAL A 85 10.70 -23.46 -1.59
C VAL A 85 9.40 -22.96 -2.21
N ARG A 86 8.63 -23.91 -2.72
CA ARG A 86 7.33 -23.62 -3.32
C ARG A 86 6.31 -23.28 -2.24
N LEU A 87 6.34 -24.00 -1.13
CA LEU A 87 5.40 -23.76 -0.04
C LEU A 87 5.66 -22.42 0.66
N THR A 88 6.92 -22.02 0.75
CA THR A 88 7.27 -20.75 1.39
C THR A 88 6.69 -19.62 0.55
N GLY A 89 6.77 -19.77 -0.77
CA GLY A 89 6.23 -18.76 -1.65
C GLY A 89 4.72 -18.74 -1.63
N GLU A 90 4.11 -19.90 -1.43
CA GLU A 90 2.64 -19.96 -1.41
C GLU A 90 2.08 -19.34 -0.14
N ILE A 91 2.80 -19.46 0.98
CA ILE A 91 2.32 -18.85 2.22
C ILE A 91 2.29 -17.33 2.04
N ALA A 92 3.31 -16.79 1.39
CA ALA A 92 3.40 -15.35 1.15
C ALA A 92 2.27 -14.92 0.22
N ARG A 93 2.01 -15.73 -0.81
CA ARG A 93 0.93 -15.46 -1.75
C ARG A 93 -0.39 -15.41 -0.96
N THR A 94 -0.59 -16.42 -0.12
CA THR A 94 -1.80 -16.52 0.69
C THR A 94 -1.98 -15.31 1.60
N ALA A 95 -0.91 -14.91 2.27
CA ALA A 95 -0.94 -13.78 3.18
C ALA A 95 -1.22 -12.48 2.44
N ASN A 96 -0.51 -12.26 1.33
CA ASN A 96 -0.71 -11.02 0.57
C ASN A 96 -2.07 -11.00 -0.12
N GLN A 97 -2.64 -12.18 -0.35
CA GLN A 97 -3.95 -12.29 -0.97
C GLN A 97 -4.98 -11.78 0.04
N LEU A 98 -4.82 -12.20 1.29
CA LEU A 98 -5.72 -11.76 2.35
C LEU A 98 -5.63 -10.24 2.52
N ARG A 99 -4.41 -9.70 2.43
CA ARG A 99 -4.21 -8.26 2.56
C ARG A 99 -4.82 -7.49 1.40
N LEU A 100 -4.88 -8.12 0.23
CA LEU A 100 -5.49 -7.46 -0.93
C LEU A 100 -6.97 -7.24 -0.61
N PHE A 101 -7.65 -8.28 -0.16
CA PHE A 101 -9.07 -8.15 0.17
C PHE A 101 -9.28 -7.23 1.35
N ALA A 102 -8.29 -7.13 2.23
CA ALA A 102 -8.40 -6.21 3.36
C ALA A 102 -8.49 -4.81 2.78
N ASP A 103 -7.68 -4.53 1.75
CA ASP A 103 -7.69 -3.21 1.11
C ASP A 103 -9.04 -2.97 0.44
N VAL A 104 -9.54 -4.00 -0.24
CA VAL A 104 -10.82 -3.91 -0.92
C VAL A 104 -11.95 -3.57 0.04
N VAL A 105 -12.07 -4.35 1.12
CA VAL A 105 -13.11 -4.12 2.11
C VAL A 105 -12.97 -2.72 2.70
N ASN A 106 -11.76 -2.36 3.09
CA ASN A 106 -11.50 -1.06 3.69
C ASN A 106 -11.91 0.10 2.77
N SER A 107 -11.70 -0.08 1.47
CA SER A 107 -12.04 0.96 0.50
C SER A 107 -13.55 1.10 0.29
N GLY A 108 -14.32 0.10 0.73
CA GLY A 108 -15.75 0.16 0.58
C GLY A 108 -16.25 0.13 -0.86
N SER A 109 -15.36 -0.20 -1.78
CA SER A 109 -15.71 -0.27 -3.19
C SER A 109 -16.70 -1.40 -3.46
N TYR A 110 -16.55 -2.51 -2.74
CA TYR A 110 -17.42 -3.68 -2.92
C TYR A 110 -18.90 -3.37 -2.70
N HIS A 111 -19.20 -2.29 -1.99
CA HIS A 111 -20.59 -1.90 -1.75
C HIS A 111 -21.29 -1.61 -3.08
N GLN A 112 -20.52 -1.11 -4.05
CA GLN A 112 -21.06 -0.73 -5.36
C GLN A 112 -22.29 0.16 -5.22
N ALA A 113 -22.15 1.17 -4.36
CA ALA A 113 -23.24 2.11 -4.10
C ALA A 113 -23.69 2.81 -5.38
N ILE A 114 -25.00 2.77 -5.61
CA ILE A 114 -25.61 3.41 -6.78
C ILE A 114 -26.82 4.20 -6.30
N LEU A 115 -26.96 5.44 -6.77
CA LEU A 115 -28.06 6.31 -6.34
C LEU A 115 -28.85 6.90 -7.51
N ASP A 116 -30.18 6.89 -7.41
CA ASP A 116 -31.04 7.51 -8.42
C ASP A 116 -31.52 8.79 -7.74
N THR A 117 -31.23 9.94 -8.31
CA THR A 117 -31.67 11.20 -7.72
C THR A 117 -33.17 11.32 -7.87
N PRO A 118 -33.90 11.54 -6.76
CA PRO A 118 -35.36 11.67 -6.83
C PRO A 118 -35.81 12.94 -7.54
N ASN A 119 -37.07 12.95 -7.97
CA ASN A 119 -37.67 14.09 -8.64
C ASN A 119 -39.15 14.06 -8.28
N PRO A 120 -39.52 14.65 -7.13
CA PRO A 120 -40.89 14.70 -6.63
C PRO A 120 -41.91 15.46 -7.49
N THR A 121 -41.43 16.32 -8.37
CA THR A 121 -42.35 17.09 -9.21
C THR A 121 -42.47 16.53 -10.61
N ARG A 122 -42.14 15.25 -10.79
CA ARG A 122 -42.25 14.63 -12.11
C ARG A 122 -43.70 14.21 -12.37
N ALA A 123 -44.18 14.47 -13.59
CA ALA A 123 -45.52 14.11 -13.99
C ALA A 123 -45.40 13.03 -15.06
N PRO A 124 -46.35 12.08 -15.11
CA PRO A 124 -47.53 11.89 -14.27
C PRO A 124 -47.19 11.51 -12.83
N LEU A 125 -46.26 10.57 -12.68
CA LEU A 125 -45.83 10.09 -11.38
C LEU A 125 -44.43 10.57 -11.03
N PRO A 126 -44.19 10.91 -9.75
CA PRO A 126 -42.89 11.38 -9.30
C PRO A 126 -41.82 10.29 -9.29
N LYS A 127 -40.56 10.71 -9.41
CA LYS A 127 -39.44 9.77 -9.40
C LYS A 127 -38.98 9.60 -7.96
N PRO A 128 -39.07 8.37 -7.42
CA PRO A 128 -38.65 8.08 -6.05
C PRO A 128 -37.15 8.08 -5.83
N ASP A 129 -36.77 8.20 -4.56
CA ASP A 129 -35.38 8.19 -4.14
C ASP A 129 -35.00 6.71 -4.02
N ILE A 130 -34.12 6.24 -4.89
CA ILE A 130 -33.70 4.84 -4.83
C ILE A 130 -32.19 4.72 -4.73
N ARG A 131 -31.74 3.90 -3.80
CA ARG A 131 -30.31 3.70 -3.57
C ARG A 131 -30.07 2.20 -3.35
N ARG A 132 -28.99 1.67 -3.92
CA ARG A 132 -28.67 0.26 -3.77
C ARG A 132 -27.22 -0.02 -3.44
N GLN A 133 -26.98 -1.14 -2.76
CA GLN A 133 -25.64 -1.56 -2.37
C GLN A 133 -25.63 -3.09 -2.36
N GLN A 134 -24.44 -3.66 -2.28
CA GLN A 134 -24.27 -5.11 -2.22
C GLN A 134 -24.08 -5.54 -0.76
N ILE A 135 -24.68 -6.66 -0.38
CA ILE A 135 -24.53 -7.19 0.97
C ILE A 135 -24.25 -8.70 0.85
N ALA A 136 -23.66 -9.25 1.90
CA ALA A 136 -23.31 -10.68 1.94
C ALA A 136 -24.48 -11.63 1.78
N LEU A 137 -24.25 -12.71 1.02
CA LEU A 137 -25.26 -13.73 0.77
C LEU A 137 -25.57 -14.53 2.04
N GLY A 138 -24.54 -14.71 2.86
CA GLY A 138 -24.70 -15.47 4.08
C GLY A 138 -23.55 -16.48 4.19
N PRO A 139 -23.67 -17.54 5.02
CA PRO A 139 -22.60 -18.53 5.15
C PRO A 139 -22.20 -19.17 3.83
N VAL A 140 -20.89 -19.32 3.62
CA VAL A 140 -20.34 -19.90 2.40
C VAL A 140 -19.53 -21.16 2.68
N ALA A 141 -19.74 -22.20 1.88
CA ALA A 141 -19.01 -23.46 2.03
C ALA A 141 -17.84 -23.42 1.05
N VAL A 142 -16.66 -23.81 1.52
CA VAL A 142 -15.47 -23.79 0.68
C VAL A 142 -14.76 -25.14 0.63
N PHE A 143 -14.47 -25.60 -0.59
CA PHE A 143 -13.72 -26.85 -0.78
C PHE A 143 -12.37 -26.41 -1.36
N GLY A 144 -11.29 -26.69 -0.64
CA GLY A 144 -9.97 -26.30 -1.10
C GLY A 144 -9.36 -27.19 -2.16
N ALA A 145 -8.36 -26.67 -2.86
CA ALA A 145 -7.65 -27.40 -3.91
C ALA A 145 -6.53 -28.26 -3.34
N SER A 146 -6.32 -29.44 -3.91
CA SER A 146 -5.25 -30.30 -3.44
C SER A 146 -3.88 -29.81 -3.93
N ASN A 147 -3.82 -29.26 -5.13
CA ASN A 147 -2.55 -28.80 -5.71
C ASN A 147 -2.03 -27.45 -5.18
N PHE A 148 -2.87 -26.72 -4.45
CA PHE A 148 -2.47 -25.45 -3.85
C PHE A 148 -3.04 -25.46 -2.43
N PRO A 149 -2.46 -26.31 -1.56
CA PRO A 149 -2.82 -26.51 -0.16
C PRO A 149 -2.87 -25.26 0.71
N LEU A 150 -2.38 -24.15 0.20
CA LEU A 150 -2.41 -22.92 0.99
C LEU A 150 -3.20 -21.80 0.33
N ALA A 151 -2.76 -21.36 -0.86
CA ALA A 151 -3.42 -20.26 -1.56
C ALA A 151 -4.83 -20.54 -2.11
N PHE A 152 -5.19 -21.81 -2.28
CA PHE A 152 -6.52 -22.16 -2.78
C PHE A 152 -7.23 -23.10 -1.81
N SER A 153 -6.89 -23.02 -0.53
CA SER A 153 -7.51 -23.93 0.41
C SER A 153 -8.16 -23.28 1.65
N ALA A 154 -7.87 -23.81 2.84
CA ALA A 154 -8.47 -23.31 4.07
C ALA A 154 -8.51 -21.78 4.20
N ALA A 155 -7.40 -21.12 3.91
CA ALA A 155 -7.34 -19.66 3.99
C ALA A 155 -7.06 -19.10 2.60
N GLY A 156 -7.44 -19.86 1.57
CA GLY A 156 -7.22 -19.45 0.20
C GLY A 156 -8.10 -18.34 -0.34
N GLY A 157 -8.08 -18.17 -1.66
CA GLY A 157 -8.85 -17.11 -2.31
C GLY A 157 -10.36 -17.10 -2.07
N ASP A 158 -10.99 -18.27 -2.02
CA ASP A 158 -12.42 -18.33 -1.78
C ASP A 158 -12.74 -17.90 -0.34
N THR A 159 -11.99 -18.43 0.62
CA THR A 159 -12.23 -18.08 2.01
C THR A 159 -11.97 -16.58 2.23
N ALA A 160 -10.84 -16.11 1.72
CA ALA A 160 -10.46 -14.71 1.89
C ALA A 160 -11.48 -13.75 1.31
N SER A 161 -11.92 -14.00 0.08
CA SER A 161 -12.91 -13.13 -0.56
C SER A 161 -14.27 -13.23 0.12
N ALA A 162 -14.64 -14.41 0.60
CA ALA A 162 -15.93 -14.57 1.27
C ALA A 162 -15.95 -13.82 2.62
N LEU A 163 -14.88 -13.95 3.40
CA LEU A 163 -14.83 -13.25 4.69
C LEU A 163 -14.85 -11.75 4.40
N ALA A 164 -14.15 -11.33 3.34
CA ALA A 164 -14.10 -9.92 2.96
C ALA A 164 -15.51 -9.40 2.65
N ALA A 165 -16.29 -10.20 1.93
CA ALA A 165 -17.65 -9.83 1.56
C ALA A 165 -18.57 -9.77 2.77
N GLY A 166 -18.15 -10.38 3.87
CA GLY A 166 -18.96 -10.39 5.08
C GLY A 166 -19.72 -11.68 5.28
N CYS A 167 -19.23 -12.76 4.68
CA CYS A 167 -19.87 -14.07 4.80
C CYS A 167 -19.11 -15.00 5.74
N PRO A 168 -19.83 -15.69 6.64
CA PRO A 168 -19.12 -16.62 7.53
C PRO A 168 -18.65 -17.72 6.58
N VAL A 169 -17.60 -18.44 6.95
CA VAL A 169 -17.09 -19.49 6.08
C VAL A 169 -16.94 -20.86 6.76
N ILE A 170 -17.37 -21.91 6.05
CA ILE A 170 -17.23 -23.27 6.56
C ILE A 170 -16.44 -24.01 5.49
N VAL A 171 -15.24 -24.44 5.87
CA VAL A 171 -14.38 -25.16 4.94
C VAL A 171 -14.43 -26.66 5.12
N LYS A 172 -14.66 -27.38 4.04
CA LYS A 172 -14.66 -28.84 4.09
C LYS A 172 -13.21 -29.16 3.74
N GLY A 173 -12.41 -29.40 4.76
CA GLY A 173 -11.00 -29.69 4.56
C GLY A 173 -10.69 -30.81 3.59
N HIS A 174 -9.75 -30.55 2.69
CA HIS A 174 -9.35 -31.56 1.72
C HIS A 174 -8.63 -32.68 2.45
N THR A 175 -9.00 -33.93 2.17
CA THR A 175 -8.36 -35.06 2.83
C THR A 175 -6.90 -35.23 2.44
N ALA A 176 -6.47 -34.52 1.41
CA ALA A 176 -5.08 -34.61 0.96
C ALA A 176 -4.09 -33.88 1.87
N HIS A 177 -4.58 -32.92 2.65
CA HIS A 177 -3.70 -32.17 3.54
C HIS A 177 -4.42 -31.66 4.80
N PRO A 178 -4.99 -32.58 5.60
CA PRO A 178 -5.71 -32.24 6.83
C PRO A 178 -4.86 -31.53 7.89
N GLY A 179 -3.60 -31.94 8.01
CA GLY A 179 -2.72 -31.33 8.99
C GLY A 179 -2.44 -29.87 8.65
N THR A 180 -2.26 -29.61 7.36
CA THR A 180 -2.00 -28.26 6.88
C THR A 180 -3.20 -27.37 7.18
N SER A 181 -4.40 -27.84 6.85
CA SER A 181 -5.62 -27.09 7.10
C SER A 181 -5.84 -26.83 8.59
N GLN A 182 -5.54 -27.82 9.42
CA GLN A 182 -5.70 -27.68 10.86
C GLN A 182 -4.86 -26.51 11.40
N ILE A 183 -3.60 -26.46 11.02
CA ILE A 183 -2.73 -25.39 11.46
C ILE A 183 -3.29 -24.05 10.99
N VAL A 184 -3.73 -23.99 9.73
CA VAL A 184 -4.30 -22.77 9.18
C VAL A 184 -5.56 -22.38 9.96
N ALA A 185 -6.37 -23.37 10.34
CA ALA A 185 -7.59 -23.11 11.10
C ALA A 185 -7.24 -22.55 12.48
N GLU A 186 -6.13 -23.04 13.05
CA GLU A 186 -5.70 -22.58 14.35
C GLU A 186 -5.29 -21.11 14.26
N CYS A 187 -4.70 -20.74 13.12
CA CYS A 187 -4.28 -19.37 12.88
C CYS A 187 -5.50 -18.44 12.83
N ILE A 188 -6.53 -18.87 12.10
CA ILE A 188 -7.74 -18.07 11.98
C ILE A 188 -8.43 -17.98 13.33
N GLU A 189 -8.37 -19.06 14.10
CA GLU A 189 -8.97 -19.09 15.43
C GLU A 189 -8.28 -18.03 16.31
N GLN A 190 -6.96 -17.93 16.19
CA GLN A 190 -6.19 -16.95 16.96
C GLN A 190 -6.55 -15.54 16.54
N ALA A 191 -6.68 -15.33 15.24
CA ALA A 191 -7.02 -14.01 14.70
C ALA A 191 -8.39 -13.55 15.21
N LEU A 192 -9.36 -14.46 15.23
CA LEU A 192 -10.70 -14.11 15.69
C LEU A 192 -10.66 -13.75 17.17
N LYS A 193 -9.83 -14.44 17.94
CA LYS A 193 -9.72 -14.15 19.36
C LYS A 193 -9.14 -12.76 19.57
N GLN A 194 -8.07 -12.45 18.84
CA GLN A 194 -7.41 -11.15 18.93
C GLN A 194 -8.36 -10.02 18.54
N GLU A 195 -9.20 -10.27 17.55
CA GLU A 195 -10.15 -9.27 17.06
C GLU A 195 -11.40 -9.29 17.92
N GLN A 196 -11.49 -10.27 18.81
CA GLN A 196 -12.64 -10.42 19.69
C GLN A 196 -13.92 -10.57 18.88
N LEU A 197 -13.91 -11.50 17.93
CA LEU A 197 -15.07 -11.77 17.09
C LEU A 197 -15.47 -13.23 17.27
N PRO A 198 -16.74 -13.56 17.01
CA PRO A 198 -17.26 -14.94 17.15
C PRO A 198 -16.45 -15.98 16.38
N GLN A 199 -16.21 -17.12 17.01
CA GLN A 199 -15.46 -18.22 16.39
C GLN A 199 -16.26 -18.80 15.22
N ALA A 200 -17.59 -18.69 15.29
CA ALA A 200 -18.47 -19.20 14.25
C ALA A 200 -18.27 -18.51 12.90
N ILE A 201 -17.43 -17.49 12.86
CA ILE A 201 -17.16 -16.78 11.63
C ILE A 201 -16.41 -17.70 10.66
N PHE A 202 -15.61 -18.60 11.22
CA PHE A 202 -14.87 -19.55 10.41
C PHE A 202 -14.83 -20.92 11.07
N THR A 203 -15.15 -21.95 10.29
CA THR A 203 -15.13 -23.31 10.82
C THR A 203 -14.54 -24.29 9.80
N LEU A 204 -13.64 -25.13 10.28
CA LEU A 204 -13.01 -26.12 9.44
C LEU A 204 -13.58 -27.48 9.81
N LEU A 205 -14.10 -28.20 8.82
CA LEU A 205 -14.63 -29.55 9.04
C LEU A 205 -13.65 -30.50 8.35
N GLN A 206 -13.45 -31.68 8.92
CA GLN A 206 -12.54 -32.67 8.36
C GLN A 206 -13.24 -34.00 8.19
N GLY A 207 -12.70 -34.86 7.33
CA GLY A 207 -13.30 -36.17 7.14
C GLY A 207 -13.09 -36.75 5.75
N ASN A 208 -12.94 -38.06 5.67
CA ASN A 208 -12.73 -38.71 4.38
C ASN A 208 -13.97 -39.41 3.85
N GLN A 209 -15.12 -39.13 4.46
CA GLN A 209 -16.38 -39.71 3.99
C GLN A 209 -17.11 -38.62 3.20
N ARG A 210 -17.31 -38.88 1.92
CA ARG A 210 -17.96 -37.93 1.01
C ARG A 210 -19.31 -37.40 1.47
N ALA A 211 -20.01 -38.14 2.32
CA ALA A 211 -21.31 -37.71 2.82
C ALA A 211 -21.18 -36.33 3.46
N LEU A 212 -19.98 -36.04 3.96
CA LEU A 212 -19.71 -34.76 4.61
C LEU A 212 -19.90 -33.59 3.65
N GLY A 213 -19.16 -33.60 2.55
CA GLY A 213 -19.27 -32.53 1.57
C GLY A 213 -20.66 -32.36 0.98
N GLN A 214 -21.34 -33.47 0.74
CA GLN A 214 -22.69 -33.44 0.18
C GLN A 214 -23.69 -32.80 1.17
N ALA A 215 -23.56 -33.12 2.45
CA ALA A 215 -24.45 -32.55 3.46
C ALA A 215 -24.21 -31.03 3.58
N LEU A 216 -22.94 -30.64 3.49
CA LEU A 216 -22.58 -29.23 3.59
C LEU A 216 -23.18 -28.43 2.44
N VAL A 217 -23.03 -28.94 1.22
CA VAL A 217 -23.56 -28.26 0.04
C VAL A 217 -25.08 -28.19 0.05
N SER A 218 -25.73 -29.17 0.68
CA SER A 218 -27.19 -29.22 0.73
C SER A 218 -27.82 -28.58 1.95
N HIS A 219 -27.01 -28.12 2.90
CA HIS A 219 -27.58 -27.53 4.11
C HIS A 219 -28.26 -26.18 3.80
N PRO A 220 -29.53 -26.03 4.20
CA PRO A 220 -30.31 -24.80 3.96
C PRO A 220 -29.68 -23.51 4.45
N GLU A 221 -28.84 -23.58 5.48
CA GLU A 221 -28.22 -22.34 5.95
C GLU A 221 -27.02 -21.93 5.10
N ILE A 222 -26.50 -22.84 4.29
CA ILE A 222 -25.37 -22.53 3.39
C ILE A 222 -25.95 -21.78 2.19
N LYS A 223 -25.39 -20.61 1.87
CA LYS A 223 -25.91 -19.78 0.78
C LYS A 223 -25.10 -19.67 -0.51
N ALA A 224 -23.94 -20.33 -0.54
CA ALA A 224 -23.09 -20.31 -1.73
C ALA A 224 -21.93 -21.29 -1.52
N VAL A 225 -21.32 -21.73 -2.61
CA VAL A 225 -20.21 -22.68 -2.51
C VAL A 225 -19.03 -22.27 -3.38
N GLY A 226 -17.82 -22.48 -2.83
CA GLY A 226 -16.59 -22.22 -3.55
C GLY A 226 -15.92 -23.59 -3.66
N PHE A 227 -15.55 -23.99 -4.87
CA PHE A 227 -14.94 -25.30 -5.11
C PHE A 227 -13.81 -25.27 -6.12
N THR A 228 -12.78 -26.05 -5.84
CA THR A 228 -11.62 -26.15 -6.72
C THR A 228 -11.25 -27.62 -6.73
N GLY A 229 -11.44 -28.29 -7.88
CA GLY A 229 -11.13 -29.71 -7.96
C GLY A 229 -11.46 -30.36 -9.29
N SER A 230 -11.77 -31.64 -9.25
CA SER A 230 -12.10 -32.41 -10.46
C SER A 230 -13.48 -32.10 -11.03
N VAL A 231 -13.67 -32.38 -12.32
CA VAL A 231 -14.96 -32.13 -12.97
C VAL A 231 -15.99 -33.14 -12.51
N GLY A 232 -15.54 -34.36 -12.21
CA GLY A 232 -16.46 -35.38 -11.76
C GLY A 232 -17.10 -35.01 -10.43
N GLY A 233 -16.27 -34.76 -9.42
CA GLY A 233 -16.79 -34.39 -8.12
C GLY A 233 -17.41 -33.00 -8.15
N GLY A 234 -16.75 -32.08 -8.84
CA GLY A 234 -17.23 -30.71 -8.93
C GLY A 234 -18.61 -30.62 -9.55
N ARG A 235 -18.83 -31.33 -10.65
CA ARG A 235 -20.14 -31.28 -11.30
C ARG A 235 -21.20 -31.95 -10.43
N ALA A 236 -20.82 -33.01 -9.72
CA ALA A 236 -21.77 -33.69 -8.85
C ALA A 236 -22.25 -32.73 -7.74
N LEU A 237 -21.31 -32.01 -7.14
CA LEU A 237 -21.65 -31.07 -6.07
C LEU A 237 -22.43 -29.88 -6.62
N PHE A 238 -22.10 -29.47 -7.83
CA PHE A 238 -22.79 -28.36 -8.48
C PHE A 238 -24.26 -28.75 -8.65
N ASN A 239 -24.49 -29.97 -9.14
CA ASN A 239 -25.86 -30.44 -9.36
C ASN A 239 -26.65 -30.47 -8.05
N LEU A 240 -25.99 -30.89 -6.97
CA LEU A 240 -26.63 -30.94 -5.66
C LEU A 240 -27.04 -29.54 -5.25
N ALA A 241 -26.13 -28.58 -5.45
CA ALA A 241 -26.41 -27.20 -5.11
C ALA A 241 -27.62 -26.64 -5.85
N HIS A 242 -27.87 -27.11 -7.07
CA HIS A 242 -29.02 -26.59 -7.82
C HIS A 242 -30.30 -27.40 -7.76
N GLU A 243 -30.28 -28.46 -6.94
CA GLU A 243 -31.44 -29.32 -6.73
C GLU A 243 -32.08 -28.97 -5.40
N ARG A 244 -31.40 -28.12 -4.64
CA ARG A 244 -31.87 -27.69 -3.34
C ARG A 244 -33.21 -26.95 -3.45
N PRO A 245 -34.00 -26.94 -2.38
CA PRO A 245 -35.30 -26.24 -2.41
C PRO A 245 -35.01 -24.79 -2.81
N GLU A 246 -33.90 -24.27 -2.32
CA GLU A 246 -33.44 -22.92 -2.65
C GLU A 246 -32.07 -23.09 -3.31
N PRO A 247 -32.02 -23.04 -4.66
CA PRO A 247 -30.72 -23.18 -5.35
C PRO A 247 -29.76 -22.09 -4.90
N ILE A 248 -28.48 -22.42 -4.84
CA ILE A 248 -27.46 -21.45 -4.44
C ILE A 248 -26.31 -21.41 -5.44
N PRO A 249 -25.64 -20.26 -5.54
CA PRO A 249 -24.51 -20.09 -6.47
C PRO A 249 -23.41 -21.08 -6.13
N PHE A 250 -22.84 -21.71 -7.15
CA PHE A 250 -21.77 -22.68 -6.95
C PHE A 250 -20.63 -22.27 -7.88
N TYR A 251 -19.50 -21.85 -7.30
CA TYR A 251 -18.36 -21.41 -8.08
C TYR A 251 -17.25 -22.45 -8.06
N GLY A 252 -17.27 -23.32 -9.05
CA GLY A 252 -16.25 -24.36 -9.11
C GLY A 252 -15.35 -24.31 -10.33
N GLU A 253 -14.06 -24.50 -10.08
CA GLU A 253 -13.07 -24.54 -11.15
C GLU A 253 -12.83 -26.02 -11.31
N LEU A 254 -13.31 -26.58 -12.42
CA LEU A 254 -13.24 -28.02 -12.65
C LEU A 254 -12.11 -28.59 -13.50
N GLY A 255 -11.52 -27.79 -14.36
CA GLY A 255 -10.44 -28.30 -15.17
C GLY A 255 -10.34 -27.60 -16.50
N ALA A 256 -9.20 -27.78 -17.18
CA ALA A 256 -8.96 -27.15 -18.46
C ALA A 256 -7.65 -27.68 -19.02
N ILE A 257 -7.43 -27.55 -20.32
CA ILE A 257 -6.17 -28.01 -20.91
C ILE A 257 -5.35 -26.83 -21.43
N ASN A 258 -5.86 -25.63 -21.20
CA ASN A 258 -5.17 -24.40 -21.57
C ASN A 258 -4.46 -24.43 -22.92
N PRO A 259 -5.24 -24.39 -24.01
CA PRO A 259 -4.69 -24.43 -25.37
C PRO A 259 -3.68 -23.32 -25.68
N THR A 260 -2.58 -23.71 -26.32
CA THR A 260 -1.51 -22.78 -26.69
C THR A 260 -1.26 -22.85 -28.19
N PHE A 261 -1.24 -21.71 -28.85
CA PHE A 261 -1.00 -21.66 -30.29
C PHE A 261 0.35 -21.03 -30.56
N ILE A 262 1.23 -21.76 -31.23
CA ILE A 262 2.57 -21.25 -31.52
C ILE A 262 2.81 -21.11 -33.03
N PHE A 263 3.06 -19.89 -33.46
CA PHE A 263 3.31 -19.60 -34.87
C PHE A 263 4.79 -19.81 -35.20
N PRO A 264 5.11 -20.15 -36.45
CA PRO A 264 6.49 -20.37 -36.88
C PRO A 264 7.47 -19.24 -36.51
N SER A 265 7.08 -17.99 -36.73
CA SER A 265 7.97 -16.87 -36.43
C SER A 265 8.33 -16.81 -34.96
N ALA A 266 7.42 -17.26 -34.10
CA ALA A 266 7.70 -17.25 -32.66
C ALA A 266 8.81 -18.24 -32.34
N MET A 267 8.80 -19.39 -32.99
CA MET A 267 9.84 -20.37 -32.73
C MET A 267 11.20 -19.90 -33.25
N ARG A 268 11.18 -19.15 -34.35
CA ARG A 268 12.41 -18.62 -34.94
C ARG A 268 12.97 -17.54 -34.03
N ALA A 269 12.07 -16.71 -33.52
CA ALA A 269 12.46 -15.63 -32.64
C ALA A 269 13.03 -16.09 -31.31
N LYS A 270 12.55 -17.22 -30.79
CA LYS A 270 13.05 -17.73 -29.51
C LYS A 270 13.57 -19.15 -29.64
N ALA A 271 14.88 -19.30 -29.72
CA ALA A 271 15.52 -20.60 -29.87
C ALA A 271 15.24 -21.52 -28.69
N ASP A 272 14.97 -20.94 -27.54
CA ASP A 272 14.68 -21.74 -26.35
C ASP A 272 13.19 -21.89 -26.05
N LEU A 273 12.35 -21.67 -27.05
CA LEU A 273 10.91 -21.77 -26.83
C LEU A 273 10.51 -23.17 -26.33
N ALA A 274 11.10 -24.21 -26.91
CA ALA A 274 10.78 -25.57 -26.49
C ALA A 274 11.17 -25.75 -25.03
N ASP A 275 12.30 -25.16 -24.65
CA ASP A 275 12.79 -25.25 -23.28
C ASP A 275 11.79 -24.59 -22.33
N GLN A 276 11.26 -23.45 -22.74
CA GLN A 276 10.28 -22.74 -21.93
C GLN A 276 9.01 -23.56 -21.79
N PHE A 277 8.59 -24.17 -22.89
CA PHE A 277 7.38 -25.00 -22.91
C PHE A 277 7.50 -26.11 -21.88
N VAL A 278 8.60 -26.87 -21.94
CA VAL A 278 8.81 -27.97 -21.03
C VAL A 278 8.83 -27.50 -19.56
N ALA A 279 9.43 -26.33 -19.32
CA ALA A 279 9.49 -25.81 -17.97
C ALA A 279 8.09 -25.49 -17.47
N SER A 280 7.26 -24.96 -18.37
CA SER A 280 5.90 -24.60 -18.01
C SER A 280 5.04 -25.83 -17.73
N MET A 281 5.12 -26.84 -18.59
CA MET A 281 4.32 -28.05 -18.42
C MET A 281 4.80 -28.96 -17.29
N THR A 282 6.03 -28.77 -16.83
CA THR A 282 6.57 -29.59 -15.74
C THR A 282 6.66 -28.81 -14.43
N MET A 283 6.20 -27.55 -14.44
CA MET A 283 6.25 -26.74 -13.23
C MET A 283 5.40 -27.43 -12.17
N GLY A 284 5.95 -27.57 -10.96
CA GLY A 284 5.22 -28.24 -9.89
C GLY A 284 4.83 -29.64 -10.34
N CYS A 285 5.65 -30.23 -11.21
CA CYS A 285 5.41 -31.56 -11.75
C CYS A 285 4.11 -31.57 -12.54
N GLY A 286 3.83 -30.46 -13.20
CA GLY A 286 2.63 -30.34 -14.00
C GLY A 286 1.32 -30.24 -13.22
N GLN A 287 1.40 -30.05 -11.91
CA GLN A 287 0.20 -29.97 -11.09
C GLN A 287 -0.38 -28.55 -10.93
N PHE A 288 -0.49 -27.87 -12.06
CA PHE A 288 -1.03 -26.52 -12.15
C PHE A 288 -2.29 -26.61 -13.00
N CYS A 289 -3.35 -25.95 -12.56
CA CYS A 289 -4.61 -25.97 -13.31
C CYS A 289 -4.45 -25.21 -14.61
N THR A 290 -3.44 -24.34 -14.66
CA THR A 290 -3.14 -23.52 -15.81
C THR A 290 -2.03 -24.11 -16.69
N LYS A 291 -1.64 -25.35 -16.43
CA LYS A 291 -0.58 -26.01 -17.21
C LYS A 291 -0.96 -26.10 -18.68
N PRO A 292 -0.03 -25.74 -19.58
CA PRO A 292 -0.36 -25.83 -21.01
C PRO A 292 -0.50 -27.31 -21.41
N GLY A 293 -1.74 -27.76 -21.55
CA GLY A 293 -1.98 -29.15 -21.89
C GLY A 293 -2.00 -29.53 -23.35
N VAL A 294 -2.11 -28.54 -24.23
CA VAL A 294 -2.10 -28.83 -25.65
C VAL A 294 -1.53 -27.65 -26.41
N VAL A 295 -0.62 -27.97 -27.32
CA VAL A 295 0.02 -26.94 -28.13
C VAL A 295 -0.30 -27.18 -29.60
N PHE A 296 -0.82 -26.17 -30.27
CA PHE A 296 -1.12 -26.29 -31.69
C PHE A 296 -0.02 -25.53 -32.45
N ALA A 297 0.56 -26.20 -33.44
CA ALA A 297 1.63 -25.61 -34.23
C ALA A 297 1.51 -26.05 -35.68
N LEU A 298 2.18 -25.33 -36.57
CA LEU A 298 2.13 -25.64 -37.99
C LEU A 298 3.15 -26.71 -38.37
N ASN A 299 2.89 -27.38 -39.50
CA ASN A 299 3.74 -28.46 -40.00
C ASN A 299 4.94 -27.88 -40.75
N THR A 300 5.83 -27.23 -40.02
CA THR A 300 7.04 -26.63 -40.62
C THR A 300 8.30 -27.18 -39.93
N PRO A 301 9.49 -26.90 -40.49
CA PRO A 301 10.72 -27.40 -39.87
C PRO A 301 10.92 -26.90 -38.44
N GLU A 302 10.50 -25.67 -38.16
CA GLU A 302 10.64 -25.10 -36.83
C GLU A 302 9.91 -25.98 -35.81
N THR A 303 8.73 -26.45 -36.20
CA THR A 303 7.92 -27.28 -35.33
C THR A 303 8.57 -28.64 -35.07
N GLN A 304 9.16 -29.22 -36.09
CA GLN A 304 9.81 -30.52 -35.94
C GLN A 304 10.98 -30.37 -34.97
N ALA A 305 11.72 -29.28 -35.12
CA ALA A 305 12.87 -29.03 -34.26
C ALA A 305 12.37 -28.80 -32.84
N PHE A 306 11.28 -28.04 -32.73
CA PHE A 306 10.67 -27.75 -31.44
C PHE A 306 10.33 -29.07 -30.74
N ILE A 307 9.67 -29.95 -31.48
CA ILE A 307 9.27 -31.25 -30.95
C ILE A 307 10.47 -32.08 -30.49
N GLU A 308 11.51 -32.15 -31.31
CA GLU A 308 12.68 -32.94 -30.96
C GLU A 308 13.39 -32.39 -29.73
N THR A 309 13.42 -31.07 -29.59
CA THR A 309 14.06 -30.47 -28.43
C THR A 309 13.24 -30.78 -27.17
N ALA A 310 11.92 -30.61 -27.29
CA ALA A 310 11.04 -30.88 -26.16
C ALA A 310 11.12 -32.35 -25.76
N GLN A 311 11.12 -33.23 -26.76
CA GLN A 311 11.19 -34.67 -26.51
C GLN A 311 12.47 -35.04 -25.77
N SER A 312 13.57 -34.41 -26.14
CA SER A 312 14.86 -34.69 -25.52
C SER A 312 14.83 -34.24 -24.06
N LEU A 313 14.25 -33.08 -23.79
CA LEU A 313 14.15 -32.58 -22.43
C LEU A 313 13.26 -33.50 -21.59
N ILE A 314 12.14 -33.92 -22.15
CA ILE A 314 11.23 -34.81 -21.43
C ILE A 314 11.96 -36.09 -21.02
N ARG A 315 12.71 -36.69 -21.94
CA ARG A 315 13.44 -37.92 -21.61
C ARG A 315 14.35 -37.78 -20.39
N GLN A 316 14.83 -36.56 -20.13
CA GLN A 316 15.75 -36.36 -19.01
C GLN A 316 15.13 -35.88 -17.70
N GLN A 317 13.81 -35.68 -17.69
CA GLN A 317 13.15 -35.21 -16.49
C GLN A 317 13.35 -36.11 -15.27
N SER A 318 13.45 -35.47 -14.11
CA SER A 318 13.62 -36.18 -12.85
C SER A 318 12.27 -36.80 -12.50
N PRO A 319 12.26 -38.01 -11.93
CA PRO A 319 11.00 -38.67 -11.57
C PRO A 319 10.15 -37.70 -10.73
N SER A 320 8.84 -37.74 -10.91
CA SER A 320 7.95 -36.85 -10.17
C SER A 320 7.12 -37.56 -9.10
N THR A 321 6.92 -36.90 -7.96
CA THR A 321 6.08 -37.46 -6.90
C THR A 321 4.84 -36.59 -6.86
N LEU A 322 3.70 -37.16 -7.21
CA LEU A 322 2.46 -36.39 -7.23
C LEU A 322 1.80 -36.23 -5.86
N LEU A 323 0.73 -35.42 -5.83
CA LEU A 323 0.00 -35.09 -4.60
C LEU A 323 -0.63 -36.22 -3.78
N THR A 324 -1.30 -37.14 -4.45
CA THR A 324 -1.96 -38.24 -3.75
C THR A 324 -1.88 -39.53 -4.55
N PRO A 325 -2.10 -40.68 -3.88
CA PRO A 325 -2.06 -41.98 -4.55
C PRO A 325 -3.05 -42.02 -5.72
N GLY A 326 -4.21 -41.44 -5.50
CA GLY A 326 -5.25 -41.41 -6.53
C GLY A 326 -4.89 -40.58 -7.75
N ILE A 327 -4.25 -39.44 -7.52
CA ILE A 327 -3.84 -38.58 -8.62
C ILE A 327 -2.71 -39.30 -9.35
N ARG A 328 -1.89 -40.00 -8.58
CA ARG A 328 -0.77 -40.76 -9.13
C ARG A 328 -1.32 -41.87 -10.02
N ASP A 329 -2.14 -42.73 -9.43
CA ASP A 329 -2.72 -43.84 -10.18
C ASP A 329 -3.50 -43.34 -11.38
N SER A 330 -4.20 -42.24 -11.21
CA SER A 330 -4.98 -41.70 -12.32
C SER A 330 -4.06 -41.25 -13.45
N TYR A 331 -2.97 -40.58 -13.09
CA TYR A 331 -2.02 -40.10 -14.09
C TYR A 331 -1.42 -41.27 -14.87
N GLN A 332 -0.81 -42.21 -14.16
CA GLN A 332 -0.17 -43.34 -14.80
C GLN A 332 -1.13 -44.10 -15.71
N SER A 333 -2.33 -44.38 -15.20
CA SER A 333 -3.33 -45.11 -15.97
C SER A 333 -3.75 -44.37 -17.23
N GLN A 334 -3.95 -43.07 -17.11
CA GLN A 334 -4.39 -42.27 -18.26
C GLN A 334 -3.31 -42.03 -19.32
N VAL A 335 -2.07 -41.79 -18.91
CA VAL A 335 -1.02 -41.56 -19.91
C VAL A 335 -0.71 -42.83 -20.70
N VAL A 336 -0.73 -43.99 -20.03
CA VAL A 336 -0.46 -45.26 -20.71
C VAL A 336 -1.57 -45.61 -21.69
N SER A 337 -2.81 -45.34 -21.29
CA SER A 337 -3.94 -45.63 -22.15
C SER A 337 -3.85 -44.79 -23.42
N ARG A 338 -3.70 -43.49 -23.27
CA ARG A 338 -3.61 -42.60 -24.42
C ARG A 338 -2.45 -42.96 -25.34
N GLY A 339 -1.31 -43.30 -24.76
CA GLY A 339 -0.15 -43.66 -25.56
C GLY A 339 -0.37 -44.88 -26.43
N SER A 340 -1.27 -45.77 -26.01
CA SER A 340 -1.55 -46.99 -26.74
C SER A 340 -2.44 -46.74 -27.96
N ASP A 341 -3.05 -45.56 -28.03
CA ASP A 341 -3.90 -45.23 -29.17
C ASP A 341 -3.10 -45.13 -30.46
N ASP A 342 -3.79 -45.28 -31.60
CA ASP A 342 -3.14 -45.17 -32.90
C ASP A 342 -3.13 -43.71 -33.32
N GLY A 343 -2.12 -43.33 -34.09
CA GLY A 343 -2.03 -41.95 -34.56
C GLY A 343 -1.46 -40.96 -33.56
N ILE A 344 -0.80 -41.46 -32.53
CA ILE A 344 -0.21 -40.57 -31.55
C ILE A 344 1.10 -41.15 -31.03
N ASP A 345 2.11 -40.29 -30.96
CA ASP A 345 3.43 -40.69 -30.46
C ASP A 345 3.60 -40.16 -29.05
N VAL A 346 4.24 -40.94 -28.19
CA VAL A 346 4.48 -40.50 -26.83
C VAL A 346 5.93 -40.71 -26.42
N THR A 347 6.47 -39.75 -25.66
CA THR A 347 7.84 -39.83 -25.17
C THR A 347 7.77 -39.76 -23.66
N PHE A 348 8.36 -40.74 -22.98
CA PHE A 348 8.36 -40.81 -21.52
C PHE A 348 9.74 -40.59 -20.93
N SER A 349 9.77 -40.06 -19.71
CA SER A 349 11.04 -39.87 -19.01
C SER A 349 11.22 -41.20 -18.27
N GLN A 350 12.32 -41.35 -17.53
CA GLN A 350 12.55 -42.59 -16.78
C GLN A 350 12.08 -42.47 -15.34
N ALA A 351 11.23 -43.39 -14.93
CA ALA A 351 10.71 -43.35 -13.57
C ALA A 351 10.13 -44.68 -13.14
N GLU A 352 10.21 -44.95 -11.85
CA GLU A 352 9.69 -46.19 -11.29
C GLU A 352 8.68 -45.85 -10.19
N SER A 353 7.52 -46.50 -10.27
CA SER A 353 6.41 -46.29 -9.34
C SER A 353 6.90 -46.49 -7.90
N PRO A 354 6.36 -45.72 -6.94
CA PRO A 354 5.35 -44.66 -7.06
C PRO A 354 5.67 -43.36 -7.81
N CYS A 355 6.93 -43.12 -8.20
CA CYS A 355 7.25 -41.91 -8.95
C CYS A 355 6.64 -42.07 -10.34
N VAL A 356 6.32 -40.96 -11.01
CA VAL A 356 5.76 -41.04 -12.35
C VAL A 356 6.68 -40.36 -13.36
N ALA A 357 6.53 -40.76 -14.62
CA ALA A 357 7.35 -40.19 -15.67
C ALA A 357 6.62 -39.05 -16.36
N SER A 358 7.37 -38.06 -16.82
CA SER A 358 6.80 -36.95 -17.56
C SER A 358 6.54 -37.52 -18.95
N ALA A 359 5.59 -36.95 -19.66
CA ALA A 359 5.27 -37.45 -20.99
C ALA A 359 4.93 -36.34 -21.98
N LEU A 360 5.33 -36.54 -23.22
CA LEU A 360 5.03 -35.58 -24.27
C LEU A 360 4.39 -36.34 -25.43
N PHE A 361 3.13 -36.04 -25.72
CA PHE A 361 2.44 -36.69 -26.83
C PHE A 361 2.51 -35.82 -28.08
N VAL A 362 2.50 -36.45 -29.25
CA VAL A 362 2.54 -35.74 -30.52
C VAL A 362 1.54 -36.39 -31.47
N THR A 363 0.79 -35.57 -32.19
CA THR A 363 -0.20 -36.07 -33.12
C THR A 363 -0.54 -35.00 -34.16
N SER A 364 -1.38 -35.36 -35.13
CA SER A 364 -1.80 -34.43 -36.18
C SER A 364 -3.20 -33.90 -35.85
N SER A 365 -3.58 -32.80 -36.49
CA SER A 365 -4.89 -32.21 -36.27
C SER A 365 -5.98 -33.19 -36.74
N GLU A 366 -5.64 -34.05 -37.69
CA GLU A 366 -6.59 -35.02 -38.21
C GLU A 366 -6.95 -36.02 -37.12
N ASN A 367 -5.91 -36.63 -36.54
CA ASN A 367 -6.03 -37.61 -35.47
C ASN A 367 -6.61 -36.99 -34.21
N TRP A 368 -6.34 -35.71 -34.03
CA TRP A 368 -6.86 -34.98 -32.89
C TRP A 368 -8.38 -34.91 -33.08
N ARG A 369 -8.79 -34.68 -34.33
CA ARG A 369 -10.21 -34.61 -34.66
C ARG A 369 -10.88 -35.98 -34.58
N LYS A 370 -10.08 -37.03 -34.73
CA LYS A 370 -10.60 -38.39 -34.70
C LYS A 370 -10.66 -38.94 -33.27
N HIS A 371 -9.90 -38.34 -32.36
CA HIS A 371 -9.90 -38.79 -30.97
C HIS A 371 -10.31 -37.68 -30.00
N PRO A 372 -11.62 -37.38 -29.93
CA PRO A 372 -12.12 -36.33 -29.04
C PRO A 372 -11.75 -36.57 -27.57
N ALA A 373 -11.47 -37.83 -27.24
CA ALA A 373 -11.10 -38.17 -25.87
C ALA A 373 -9.73 -37.59 -25.51
N TRP A 374 -9.04 -37.02 -26.50
CA TRP A 374 -7.72 -36.44 -26.26
C TRP A 374 -7.79 -35.05 -25.62
N GLU A 375 -8.93 -34.37 -25.73
CA GLU A 375 -9.07 -33.04 -25.13
C GLU A 375 -9.23 -33.17 -23.62
N GLU A 376 -9.53 -34.38 -23.16
CA GLU A 376 -9.70 -34.61 -21.73
C GLU A 376 -8.36 -34.35 -21.02
N GLU A 377 -8.41 -33.56 -19.95
CA GLU A 377 -7.22 -33.24 -19.19
C GLU A 377 -6.65 -34.45 -18.43
N ILE A 378 -5.34 -34.47 -18.27
CA ILE A 378 -4.66 -35.53 -17.54
C ILE A 378 -3.74 -34.81 -16.59
N PHE A 379 -4.15 -34.74 -15.32
CA PHE A 379 -3.41 -34.04 -14.28
C PHE A 379 -2.05 -34.65 -13.94
N GLY A 380 -1.00 -33.98 -14.39
CA GLY A 380 0.34 -34.46 -14.14
C GLY A 380 1.30 -33.84 -15.14
N PRO A 381 2.60 -34.20 -15.09
CA PRO A 381 3.64 -33.67 -15.98
C PRO A 381 3.56 -34.26 -17.39
N GLN A 382 2.43 -33.98 -18.05
CA GLN A 382 2.15 -34.49 -19.39
C GLN A 382 1.55 -33.38 -20.28
N SER A 383 1.87 -33.41 -21.56
CA SER A 383 1.30 -32.43 -22.50
C SER A 383 1.23 -33.01 -23.90
N LEU A 384 0.46 -32.34 -24.77
CA LEU A 384 0.27 -32.79 -26.14
C LEU A 384 0.53 -31.71 -27.18
N ILE A 385 1.21 -32.10 -28.26
CA ILE A 385 1.49 -31.19 -29.37
C ILE A 385 0.69 -31.67 -30.58
N VAL A 386 -0.08 -30.76 -31.17
CA VAL A 386 -0.90 -31.08 -32.33
C VAL A 386 -0.37 -30.32 -33.54
N VAL A 387 0.16 -31.04 -34.51
CA VAL A 387 0.71 -30.45 -35.72
C VAL A 387 -0.40 -30.21 -36.73
N CYS A 388 -0.59 -28.93 -37.09
CA CYS A 388 -1.65 -28.54 -38.01
C CYS A 388 -1.19 -28.33 -39.44
N GLU A 389 -2.10 -28.54 -40.37
CA GLU A 389 -1.82 -28.40 -41.79
C GLU A 389 -1.45 -26.98 -42.19
N ASN A 390 -2.17 -26.01 -41.62
CA ASN A 390 -1.95 -24.60 -41.91
C ASN A 390 -2.70 -23.75 -40.90
N VAL A 391 -2.62 -22.43 -41.04
CA VAL A 391 -3.28 -21.53 -40.12
C VAL A 391 -4.80 -21.71 -40.13
N ALA A 392 -5.37 -21.90 -41.31
CA ALA A 392 -6.82 -22.11 -41.43
C ALA A 392 -7.21 -23.33 -40.57
N ASP A 393 -6.38 -24.36 -40.59
CA ASP A 393 -6.62 -25.57 -39.84
C ASP A 393 -6.60 -25.23 -38.34
N MET A 394 -5.62 -24.42 -37.98
CA MET A 394 -5.46 -23.98 -36.61
C MET A 394 -6.69 -23.17 -36.16
N LEU A 395 -7.18 -22.28 -37.01
CA LEU A 395 -8.35 -21.48 -36.67
C LEU A 395 -9.60 -22.35 -36.55
N SER A 396 -9.73 -23.32 -37.45
CA SER A 396 -10.86 -24.23 -37.44
C SER A 396 -10.89 -24.98 -36.12
N LEU A 397 -9.72 -25.36 -35.62
CA LEU A 397 -9.63 -26.09 -34.37
C LEU A 397 -10.03 -25.25 -33.17
N SER A 398 -9.66 -23.96 -33.17
CA SER A 398 -9.98 -23.09 -32.06
C SER A 398 -11.49 -22.90 -31.91
N GLU A 399 -12.22 -22.99 -33.02
CA GLU A 399 -13.67 -22.82 -33.02
C GLU A 399 -14.39 -23.91 -32.21
N MET A 400 -13.76 -25.09 -32.11
CA MET A 400 -14.33 -26.22 -31.40
C MET A 400 -13.68 -26.57 -30.05
N LEU A 401 -13.01 -25.60 -29.44
CA LEU A 401 -12.37 -25.84 -28.14
C LEU A 401 -13.35 -25.71 -26.99
N ALA A 402 -13.17 -26.56 -25.98
CA ALA A 402 -14.01 -26.53 -24.80
C ALA A 402 -13.55 -25.37 -23.93
N GLY A 403 -14.34 -25.02 -22.91
CA GLY A 403 -13.98 -23.94 -22.02
C GLY A 403 -12.65 -24.21 -21.33
N SER A 404 -11.89 -23.15 -21.10
CA SER A 404 -10.59 -23.28 -20.47
C SER A 404 -10.28 -22.07 -19.61
N LEU A 405 -9.39 -22.26 -18.64
CA LEU A 405 -8.99 -21.17 -17.77
C LEU A 405 -8.22 -20.16 -18.60
N THR A 406 -7.32 -20.66 -19.44
CA THR A 406 -6.49 -19.80 -20.28
C THR A 406 -6.37 -20.28 -21.72
N ALA A 407 -5.79 -19.42 -22.55
CA ALA A 407 -5.52 -19.69 -23.95
C ALA A 407 -4.27 -18.85 -24.21
N THR A 408 -3.25 -19.46 -24.81
CA THR A 408 -2.00 -18.75 -25.05
C THR A 408 -1.63 -18.66 -26.51
N ILE A 409 -1.00 -17.54 -26.89
CA ILE A 409 -0.55 -17.34 -28.25
C ILE A 409 0.89 -16.86 -28.26
N HIS A 410 1.73 -17.52 -29.06
CA HIS A 410 3.12 -17.16 -29.21
C HIS A 410 3.27 -16.74 -30.67
N ALA A 411 3.55 -15.47 -30.91
CA ALA A 411 3.70 -14.97 -32.28
C ALA A 411 4.49 -13.67 -32.32
N THR A 412 4.75 -13.18 -33.53
CA THR A 412 5.47 -11.93 -33.72
C THR A 412 4.59 -11.09 -34.64
N GLU A 413 4.96 -9.82 -34.80
CA GLU A 413 4.20 -8.90 -35.64
C GLU A 413 3.82 -9.52 -36.98
N GLU A 414 4.70 -10.38 -37.52
CA GLU A 414 4.44 -11.06 -38.78
C GLU A 414 3.05 -11.70 -38.82
N ASP A 415 2.71 -12.38 -37.73
CA ASP A 415 1.45 -13.13 -37.59
C ASP A 415 0.22 -12.35 -37.15
N TYR A 416 0.39 -11.10 -36.74
CA TYR A 416 -0.74 -10.32 -36.26
C TYR A 416 -2.01 -10.43 -37.08
N PRO A 417 -1.90 -10.53 -38.42
CA PRO A 417 -3.13 -10.64 -39.20
C PRO A 417 -3.94 -11.90 -38.82
N GLN A 418 -3.24 -13.01 -38.61
CA GLN A 418 -3.93 -14.25 -38.25
C GLN A 418 -4.28 -14.27 -36.77
N VAL A 419 -3.41 -13.70 -35.94
CA VAL A 419 -3.65 -13.64 -34.51
C VAL A 419 -4.93 -12.84 -34.24
N SER A 420 -5.20 -11.81 -35.04
CA SER A 420 -6.40 -11.02 -34.83
C SER A 420 -7.68 -11.82 -35.14
N GLN A 421 -7.56 -12.88 -35.93
CA GLN A 421 -8.72 -13.71 -36.24
C GLN A 421 -8.88 -14.72 -35.11
N LEU A 422 -7.76 -15.06 -34.50
CA LEU A 422 -7.75 -16.05 -33.44
C LEU A 422 -8.23 -15.55 -32.07
N ILE A 423 -7.85 -14.33 -31.70
CA ILE A 423 -8.25 -13.78 -30.41
C ILE A 423 -9.76 -13.84 -30.16
N PRO A 424 -10.59 -13.37 -31.10
CA PRO A 424 -12.05 -13.40 -30.90
C PRO A 424 -12.56 -14.80 -30.59
N ARG A 425 -11.94 -15.79 -31.22
CA ARG A 425 -12.29 -17.18 -31.02
C ARG A 425 -11.87 -17.66 -29.62
N LEU A 426 -10.70 -17.21 -29.17
CA LEU A 426 -10.18 -17.59 -27.85
C LEU A 426 -10.87 -16.84 -26.71
N GLU A 427 -11.35 -15.63 -26.99
CA GLU A 427 -12.06 -14.82 -26.00
C GLU A 427 -13.30 -15.60 -25.54
N GLU A 428 -13.88 -16.32 -26.49
CA GLU A 428 -15.09 -17.09 -26.25
C GLU A 428 -14.91 -18.38 -25.47
N ILE A 429 -13.68 -18.87 -25.36
CA ILE A 429 -13.49 -20.12 -24.64
C ILE A 429 -12.58 -20.06 -23.43
N ALA A 430 -11.93 -18.92 -23.21
CA ALA A 430 -11.02 -18.80 -22.08
C ALA A 430 -11.24 -17.57 -21.22
N GLY A 431 -10.92 -17.69 -19.94
CA GLY A 431 -11.06 -16.57 -19.03
C GLY A 431 -9.91 -15.60 -19.12
N ARG A 432 -8.72 -16.11 -19.48
CA ARG A 432 -7.53 -15.29 -19.59
C ARG A 432 -6.67 -15.64 -20.80
N LEU A 433 -6.34 -14.63 -21.61
CA LEU A 433 -5.50 -14.82 -22.80
C LEU A 433 -4.09 -14.33 -22.49
N VAL A 434 -3.09 -15.15 -22.82
CA VAL A 434 -1.69 -14.81 -22.58
C VAL A 434 -0.96 -14.68 -23.92
N PHE A 435 -0.19 -13.60 -24.08
CA PHE A 435 0.55 -13.37 -25.32
C PHE A 435 2.06 -13.43 -25.07
N ASN A 436 2.73 -14.26 -25.86
CA ASN A 436 4.18 -14.45 -25.76
C ASN A 436 4.67 -14.68 -24.35
N GLY A 437 3.98 -15.58 -23.65
CA GLY A 437 4.35 -15.92 -22.29
C GLY A 437 3.68 -17.24 -21.98
N TRP A 438 3.75 -17.69 -20.73
CA TRP A 438 3.13 -18.95 -20.39
C TRP A 438 2.02 -18.76 -19.36
N PRO A 439 0.95 -19.56 -19.47
CA PRO A 439 -0.23 -19.51 -18.60
C PRO A 439 -0.12 -19.90 -17.12
N THR A 440 0.94 -20.62 -16.75
CA THR A 440 1.07 -21.07 -15.37
C THR A 440 0.92 -20.03 -14.24
N GLY A 441 1.62 -18.91 -14.32
CA GLY A 441 1.50 -17.91 -13.26
C GLY A 441 0.18 -17.15 -13.22
N VAL A 442 -0.37 -16.95 -12.02
CA VAL A 442 -1.63 -16.23 -11.84
C VAL A 442 -1.46 -15.05 -10.89
N GLU A 443 -1.33 -13.85 -11.48
CA GLU A 443 -1.14 -12.62 -10.71
C GLU A 443 -2.36 -12.25 -9.86
N VAL A 444 -2.15 -12.12 -8.55
CA VAL A 444 -3.23 -11.77 -7.63
C VAL A 444 -3.35 -10.25 -7.57
N GLY A 445 -4.08 -9.68 -8.51
CA GLY A 445 -4.24 -8.23 -8.53
C GLY A 445 -5.70 -7.81 -8.70
N TYR A 446 -5.92 -6.73 -9.45
CA TYR A 446 -7.27 -6.22 -9.66
C TYR A 446 -7.92 -6.66 -10.97
N ALA A 447 -7.11 -6.89 -11.99
CA ALA A 447 -7.64 -7.25 -13.30
C ALA A 447 -7.76 -8.73 -13.59
N MET A 448 -7.36 -9.59 -12.67
CA MET A 448 -7.42 -11.03 -12.93
C MET A 448 -8.79 -11.64 -13.19
N VAL A 449 -8.78 -12.64 -14.07
CA VAL A 449 -9.97 -13.42 -14.39
C VAL A 449 -9.46 -14.86 -14.36
N HIS A 450 -9.67 -15.53 -13.24
CA HIS A 450 -9.25 -16.92 -13.13
C HIS A 450 -10.53 -17.72 -13.13
N GLY A 451 -10.84 -18.29 -14.29
CA GLY A 451 -12.05 -19.06 -14.48
C GLY A 451 -12.39 -19.02 -15.97
N GLY A 452 -13.66 -19.08 -16.31
CA GLY A 452 -14.04 -19.04 -17.72
C GLY A 452 -15.19 -19.97 -18.05
N PRO A 453 -15.48 -20.16 -19.36
CA PRO A 453 -16.57 -21.04 -19.78
C PRO A 453 -16.40 -22.48 -19.24
N TYR A 454 -17.51 -23.16 -19.03
CA TYR A 454 -17.51 -24.53 -18.53
C TYR A 454 -16.62 -25.37 -19.46
N PRO A 455 -15.80 -26.28 -18.89
CA PRO A 455 -15.65 -26.61 -17.47
C PRO A 455 -14.63 -25.79 -16.67
N ALA A 456 -14.00 -24.79 -17.30
CA ALA A 456 -13.02 -23.99 -16.58
C ALA A 456 -13.66 -23.50 -15.27
N SER A 457 -14.95 -23.18 -15.36
CA SER A 457 -15.72 -22.72 -14.20
C SER A 457 -17.20 -23.07 -14.37
N THR A 458 -17.92 -23.13 -13.25
CA THR A 458 -19.35 -23.43 -13.32
C THR A 458 -20.12 -22.12 -13.41
N HIS A 459 -19.39 -21.02 -13.32
CA HIS A 459 -19.98 -19.69 -13.42
C HIS A 459 -19.00 -18.77 -14.11
N SER A 460 -19.00 -18.79 -15.44
CA SER A 460 -18.07 -18.00 -16.25
C SER A 460 -18.05 -16.50 -15.94
N ALA A 461 -19.17 -15.96 -15.45
CA ALA A 461 -19.28 -14.55 -15.13
C ALA A 461 -18.67 -14.23 -13.77
N SER A 462 -17.47 -14.72 -13.50
CA SER A 462 -16.80 -14.46 -12.23
C SER A 462 -15.35 -14.88 -12.28
N THR A 463 -14.63 -14.60 -11.20
CA THR A 463 -13.23 -14.98 -11.07
C THR A 463 -13.02 -15.48 -9.65
N SER A 464 -12.15 -16.47 -9.49
CA SER A 464 -11.89 -17.00 -8.15
C SER A 464 -10.59 -16.41 -7.58
N VAL A 465 -9.93 -15.60 -8.39
CA VAL A 465 -8.68 -14.96 -7.98
C VAL A 465 -8.72 -13.50 -8.44
N GLY A 466 -8.28 -12.60 -7.57
CA GLY A 466 -8.28 -11.18 -7.92
C GLY A 466 -9.32 -10.43 -7.12
N ALA A 467 -9.19 -9.11 -7.05
CA ALA A 467 -10.11 -8.28 -6.29
C ALA A 467 -11.59 -8.50 -6.59
N GLU A 468 -11.91 -8.80 -7.86
CA GLU A 468 -13.30 -9.01 -8.25
C GLU A 468 -13.91 -10.30 -7.72
N ALA A 469 -13.09 -11.15 -7.12
CA ALA A 469 -13.59 -12.42 -6.59
C ALA A 469 -14.59 -12.21 -5.45
N ILE A 470 -14.51 -11.05 -4.80
CA ILE A 470 -15.39 -10.72 -3.68
C ILE A 470 -16.86 -10.63 -4.08
N HIS A 471 -17.12 -10.22 -5.32
CA HIS A 471 -18.49 -10.07 -5.80
C HIS A 471 -19.31 -11.36 -5.92
N ARG A 472 -18.64 -12.50 -5.89
CA ARG A 472 -19.33 -13.79 -5.97
C ARG A 472 -20.19 -14.05 -4.74
N TRP A 473 -19.82 -13.41 -3.62
CA TRP A 473 -20.52 -13.64 -2.36
C TRP A 473 -21.44 -12.49 -1.93
N LEU A 474 -21.82 -11.65 -2.89
CA LEU A 474 -22.68 -10.49 -2.62
C LEU A 474 -23.90 -10.42 -3.52
N ARG A 475 -24.97 -9.79 -3.02
CA ARG A 475 -26.19 -9.58 -3.78
C ARG A 475 -26.69 -8.18 -3.47
N PRO A 476 -27.28 -7.51 -4.46
CA PRO A 476 -27.78 -6.15 -4.27
C PRO A 476 -29.14 -6.04 -3.61
N VAL A 477 -29.35 -4.91 -2.95
CA VAL A 477 -30.60 -4.59 -2.28
C VAL A 477 -30.86 -3.14 -2.62
N ALA A 478 -32.09 -2.82 -3.03
CA ALA A 478 -32.44 -1.44 -3.34
C ALA A 478 -33.25 -0.89 -2.16
N TYR A 479 -32.98 0.36 -1.80
CA TYR A 479 -33.69 1.01 -0.70
C TYR A 479 -34.45 2.19 -1.28
N GLN A 480 -35.77 2.16 -1.15
CA GLN A 480 -36.60 3.22 -1.71
C GLN A 480 -37.32 4.10 -0.69
N ALA A 481 -37.03 5.40 -0.74
CA ALA A 481 -37.63 6.40 0.14
C ALA A 481 -37.37 6.23 1.63
N LEU A 482 -36.27 5.57 2.00
CA LEU A 482 -35.95 5.41 3.42
C LEU A 482 -35.37 6.70 3.96
N PRO A 483 -35.65 7.02 5.23
CA PRO A 483 -35.11 8.25 5.82
C PRO A 483 -33.61 8.04 6.08
N GLU A 484 -32.86 9.14 6.08
CA GLU A 484 -31.43 9.09 6.30
C GLU A 484 -31.00 8.23 7.48
N SER A 485 -31.68 8.35 8.62
CA SER A 485 -31.32 7.59 9.80
C SER A 485 -31.48 6.07 9.70
N LEU A 486 -32.33 5.61 8.77
CA LEU A 486 -32.56 4.16 8.62
C LEU A 486 -31.73 3.52 7.50
N LEU A 487 -31.00 4.35 6.75
CA LEU A 487 -30.19 3.86 5.64
C LEU A 487 -28.78 3.46 6.09
N PRO A 488 -28.20 2.46 5.42
CA PRO A 488 -26.85 2.05 5.82
C PRO A 488 -25.89 3.20 5.51
N ASP A 489 -24.80 3.28 6.25
CA ASP A 489 -23.81 4.35 6.09
C ASP A 489 -23.34 4.54 4.64
N SER A 490 -23.17 3.43 3.93
CA SER A 490 -22.72 3.47 2.54
C SER A 490 -23.66 4.26 1.63
N LEU A 491 -24.94 4.33 1.99
CA LEU A 491 -25.92 5.03 1.17
C LEU A 491 -26.46 6.33 1.74
N LYS A 492 -25.95 6.77 2.89
CA LYS A 492 -26.41 8.01 3.49
C LYS A 492 -26.05 9.19 2.57
N ALA A 493 -26.93 10.18 2.53
CA ALA A 493 -26.73 11.35 1.67
C ALA A 493 -25.34 11.99 1.80
N GLU A 494 -24.86 12.10 3.03
CA GLU A 494 -23.56 12.71 3.31
C GLU A 494 -22.35 11.85 2.97
N ASN A 495 -22.59 10.57 2.70
CA ASN A 495 -21.52 9.63 2.38
C ASN A 495 -20.45 9.67 3.46
N PRO A 496 -20.84 9.38 4.72
CA PRO A 496 -19.92 9.39 5.86
C PRO A 496 -18.71 8.47 5.72
N LEU A 497 -18.82 7.44 4.89
CA LEU A 497 -17.70 6.51 4.69
C LEU A 497 -16.75 7.01 3.61
N GLU A 498 -17.20 7.99 2.83
CA GLU A 498 -16.39 8.57 1.77
C GLU A 498 -16.01 7.52 0.73
N ILE A 499 -16.99 6.69 0.35
CA ILE A 499 -16.75 5.64 -0.64
C ILE A 499 -17.14 6.11 -2.03
N ALA A 500 -16.70 5.36 -3.03
CA ALA A 500 -17.04 5.69 -4.41
C ALA A 500 -18.49 5.29 -4.63
N ARG A 501 -19.28 6.19 -5.21
CA ARG A 501 -20.69 5.90 -5.47
C ARG A 501 -21.08 6.42 -6.85
N ALA A 502 -21.95 5.68 -7.54
CA ALA A 502 -22.40 6.08 -8.88
C ALA A 502 -23.76 6.75 -8.78
N VAL A 503 -23.85 8.00 -9.23
CA VAL A 503 -25.11 8.74 -9.17
C VAL A 503 -25.67 8.97 -10.57
N ASP A 504 -26.93 8.61 -10.76
CA ASP A 504 -27.62 8.75 -12.04
C ASP A 504 -26.77 8.37 -13.25
N GLY A 505 -26.08 7.23 -13.16
CA GLY A 505 -25.26 6.80 -14.27
C GLY A 505 -23.87 7.37 -14.38
N LYS A 506 -23.56 8.44 -13.65
CA LYS A 506 -22.23 9.05 -13.71
C LYS A 506 -21.17 8.04 -13.33
N ALA A 507 -19.91 8.30 -13.68
CA ALA A 507 -18.86 7.36 -13.32
C ALA A 507 -18.57 7.44 -11.81
N ALA A 508 -19.09 6.46 -11.08
CA ALA A 508 -18.90 6.33 -9.63
C ALA A 508 -18.22 7.50 -8.92
N ASN B 7 11.10 42.90 -12.78
CA ASN B 7 12.48 42.48 -13.18
C ASN B 7 12.43 41.02 -13.65
N VAL B 8 13.14 40.73 -14.74
CA VAL B 8 13.15 39.37 -15.29
C VAL B 8 14.51 39.06 -15.88
N PHE B 9 14.72 37.79 -16.23
CA PHE B 9 15.99 37.39 -16.83
C PHE B 9 15.72 36.23 -17.80
N TYR B 10 16.68 35.98 -18.69
CA TYR B 10 16.52 34.92 -19.67
C TYR B 10 17.60 33.86 -19.53
N ALA B 11 17.29 32.66 -20.00
CA ALA B 11 18.24 31.56 -19.96
C ALA B 11 19.17 31.77 -21.15
N THR B 12 20.38 31.23 -21.06
CA THR B 12 21.36 31.37 -22.12
C THR B 12 21.44 30.11 -22.97
N ASN B 13 21.39 30.26 -24.29
CA ASN B 13 21.50 29.14 -25.21
C ASN B 13 22.92 28.62 -25.02
N ALA B 14 23.05 27.39 -24.54
CA ALA B 14 24.37 26.82 -24.29
C ALA B 14 25.25 26.71 -25.53
N PHE B 15 24.64 26.63 -26.71
CA PHE B 15 25.40 26.51 -27.95
C PHE B 15 25.79 27.85 -28.60
N THR B 16 25.00 28.89 -28.39
CA THR B 16 25.29 30.18 -29.01
C THR B 16 25.68 31.30 -28.05
N GLY B 17 25.29 31.19 -26.78
CA GLY B 17 25.62 32.22 -25.82
C GLY B 17 24.60 33.34 -25.88
N GLU B 18 23.59 33.13 -26.72
CA GLU B 18 22.52 34.10 -26.90
C GLU B 18 21.33 33.73 -26.02
N ALA B 19 20.49 34.71 -25.72
CA ALA B 19 19.33 34.47 -24.87
C ALA B 19 18.29 33.63 -25.57
N LEU B 20 17.67 32.73 -24.80
CA LEU B 20 16.62 31.87 -25.31
C LEU B 20 15.28 32.54 -25.01
N PRO B 21 14.21 32.16 -25.73
CA PRO B 21 12.91 32.78 -25.46
C PRO B 21 12.38 32.44 -24.08
N LEU B 22 11.36 33.18 -23.65
CA LEU B 22 10.71 33.02 -22.36
C LEU B 22 11.48 33.73 -21.24
N ALA B 23 10.84 34.71 -20.62
CA ALA B 23 11.46 35.47 -19.54
C ALA B 23 11.08 34.81 -18.22
N PHE B 24 11.98 34.89 -17.24
CA PHE B 24 11.73 34.32 -15.94
C PHE B 24 11.85 35.42 -14.91
N PRO B 25 11.04 35.34 -13.83
CA PRO B 25 11.08 36.36 -12.79
C PRO B 25 12.34 36.36 -11.94
N VAL B 26 12.68 37.53 -11.42
CA VAL B 26 13.84 37.68 -10.54
C VAL B 26 13.27 37.83 -9.15
N HIS B 27 13.11 36.70 -8.45
CA HIS B 27 12.55 36.73 -7.09
C HIS B 27 13.53 37.32 -6.08
N THR B 28 12.97 37.86 -4.99
CA THR B 28 13.76 38.47 -3.92
C THR B 28 13.30 37.98 -2.55
N GLU B 29 13.78 38.63 -1.49
CA GLU B 29 13.43 38.24 -0.13
C GLU B 29 11.91 38.27 0.08
N VAL B 30 11.21 39.09 -0.69
CA VAL B 30 9.76 39.18 -0.58
C VAL B 30 9.11 37.84 -0.92
N GLU B 31 9.48 37.26 -2.06
CA GLU B 31 8.93 35.96 -2.45
C GLU B 31 9.44 34.87 -1.52
N VAL B 32 10.65 35.02 -1.00
CA VAL B 32 11.21 34.04 -0.07
C VAL B 32 10.34 33.99 1.18
N ASN B 33 10.08 35.16 1.77
CA ASN B 33 9.26 35.23 2.98
C ASN B 33 7.89 34.60 2.74
N GLN B 34 7.26 34.96 1.63
CA GLN B 34 5.94 34.44 1.31
C GLN B 34 6.00 32.91 1.14
N ALA B 35 6.96 32.42 0.36
CA ALA B 35 7.10 30.99 0.13
C ALA B 35 7.37 30.22 1.42
N ALA B 36 8.32 30.70 2.21
CA ALA B 36 8.68 30.03 3.47
C ALA B 36 7.51 30.04 4.45
N THR B 37 6.78 31.15 4.50
CA THR B 37 5.65 31.24 5.41
C THR B 37 4.58 30.23 5.02
N ALA B 38 4.27 30.14 3.73
CA ALA B 38 3.26 29.19 3.26
C ALA B 38 3.71 27.74 3.52
N ALA B 39 5.01 27.47 3.31
CA ALA B 39 5.53 26.13 3.52
C ALA B 39 5.40 25.73 4.99
N ALA B 40 5.74 26.66 5.89
CA ALA B 40 5.65 26.38 7.32
C ALA B 40 4.20 26.07 7.70
N LYS B 41 3.27 26.77 7.06
CA LYS B 41 1.84 26.61 7.33
C LYS B 41 1.32 25.22 7.02
N VAL B 42 1.93 24.53 6.06
CA VAL B 42 1.49 23.19 5.67
C VAL B 42 2.43 22.09 6.13
N ALA B 43 3.52 22.45 6.79
CA ALA B 43 4.50 21.47 7.24
C ALA B 43 3.95 20.37 8.14
N ARG B 44 3.17 20.75 9.15
CA ARG B 44 2.62 19.77 10.08
C ARG B 44 1.68 18.77 9.40
N ASP B 45 0.74 19.25 8.59
CA ASP B 45 -0.17 18.37 7.89
C ASP B 45 0.56 17.45 6.92
N PHE B 46 1.56 17.99 6.23
CA PHE B 46 2.31 17.20 5.26
C PHE B 46 3.04 16.01 5.90
N ARG B 47 3.65 16.20 7.06
CA ARG B 47 4.36 15.10 7.68
C ARG B 47 3.40 14.11 8.34
N ARG B 48 2.18 14.57 8.62
CA ARG B 48 1.18 13.71 9.25
C ARG B 48 0.32 12.89 8.26
N LEU B 49 0.51 13.12 6.96
CA LEU B 49 -0.23 12.37 5.94
C LEU B 49 0.09 10.88 6.09
N ASN B 50 -0.81 10.02 5.65
CA ASN B 50 -0.53 8.58 5.72
C ASN B 50 0.67 8.33 4.80
N ASN B 51 1.47 7.33 5.13
CA ASN B 51 2.63 7.01 4.31
C ASN B 51 2.20 6.72 2.87
N SER B 52 1.10 6.02 2.71
CA SER B 52 0.59 5.66 1.40
C SER B 52 0.26 6.89 0.56
N LYS B 53 -0.23 7.93 1.20
CA LYS B 53 -0.58 9.16 0.49
C LYS B 53 0.65 9.92 0.00
N ARG B 54 1.64 10.08 0.86
CA ARG B 54 2.84 10.79 0.45
C ARG B 54 3.58 9.95 -0.59
N ALA B 55 3.50 8.63 -0.46
CA ALA B 55 4.13 7.73 -1.42
C ALA B 55 3.44 7.93 -2.79
N SER B 56 2.11 8.04 -2.76
CA SER B 56 1.36 8.24 -4.00
C SER B 56 1.79 9.54 -4.69
N LEU B 57 1.94 10.60 -3.91
CA LEU B 57 2.37 11.89 -4.45
C LEU B 57 3.67 11.76 -5.22
N LEU B 58 4.64 11.07 -4.62
CA LEU B 58 5.94 10.88 -5.27
C LEU B 58 5.81 10.16 -6.61
N ARG B 59 4.98 9.12 -6.65
CA ARG B 59 4.77 8.37 -7.88
C ARG B 59 4.03 9.22 -8.90
N THR B 60 3.09 10.06 -8.43
CA THR B 60 2.33 10.93 -9.32
C THR B 60 3.28 11.96 -9.95
N ILE B 61 4.22 12.48 -9.16
CA ILE B 61 5.19 13.44 -9.66
C ILE B 61 6.01 12.77 -10.77
N ALA B 62 6.42 11.52 -10.53
CA ALA B 62 7.22 10.78 -11.50
C ALA B 62 6.48 10.62 -12.83
N SER B 63 5.19 10.30 -12.74
CA SER B 63 4.37 10.13 -13.94
C SER B 63 4.19 11.44 -14.68
N GLU B 64 3.95 12.53 -13.94
CA GLU B 64 3.77 13.83 -14.56
C GLU B 64 5.03 14.26 -15.28
N LEU B 65 6.19 13.96 -14.71
CA LEU B 65 7.47 14.31 -15.33
C LEU B 65 7.59 13.57 -16.66
N GLU B 66 7.34 12.28 -16.63
CA GLU B 66 7.43 11.45 -17.82
C GLU B 66 6.51 11.95 -18.94
N ALA B 67 5.34 12.45 -18.57
CA ALA B 67 4.38 12.96 -19.54
C ALA B 67 4.87 14.23 -20.25
N ARG B 68 5.77 14.97 -19.60
CA ARG B 68 6.29 16.20 -20.21
C ARG B 68 7.74 16.00 -20.65
N SER B 69 8.18 14.74 -20.72
CA SER B 69 9.54 14.43 -21.10
C SER B 69 9.98 15.15 -22.37
N ASP B 70 9.09 15.18 -23.38
CA ASP B 70 9.40 15.85 -24.64
C ASP B 70 9.77 17.32 -24.44
N ASP B 71 8.95 18.03 -23.67
CA ASP B 71 9.22 19.44 -23.42
C ASP B 71 10.48 19.65 -22.60
N ILE B 72 10.66 18.81 -21.58
CA ILE B 72 11.83 18.91 -20.71
C ILE B 72 13.12 18.73 -21.49
N ILE B 73 13.18 17.64 -22.25
CA ILE B 73 14.36 17.33 -23.04
C ILE B 73 14.69 18.44 -24.05
N ALA B 74 13.69 18.89 -24.80
CA ALA B 74 13.91 19.94 -25.79
C ALA B 74 14.47 21.22 -25.16
N ARG B 75 13.90 21.62 -24.02
CA ARG B 75 14.36 22.84 -23.34
C ARG B 75 15.71 22.65 -22.65
N ALA B 76 15.87 21.57 -21.91
CA ALA B 76 17.12 21.29 -21.20
C ALA B 76 18.32 21.21 -22.18
N HIS B 77 18.08 20.64 -23.36
CA HIS B 77 19.13 20.50 -24.37
C HIS B 77 19.71 21.85 -24.80
N LEU B 78 18.84 22.82 -25.04
CA LEU B 78 19.26 24.15 -25.45
C LEU B 78 19.88 24.95 -24.30
N GLU B 79 19.38 24.74 -23.08
CA GLU B 79 19.89 25.44 -21.91
C GLU B 79 21.22 24.92 -21.39
N THR B 80 21.49 23.63 -21.61
CA THR B 80 22.71 22.99 -21.10
C THR B 80 23.68 22.39 -22.11
N ALA B 81 23.21 22.15 -23.34
CA ALA B 81 24.01 21.55 -24.40
C ALA B 81 24.23 20.04 -24.18
N LEU B 82 23.59 19.48 -23.16
CA LEU B 82 23.71 18.05 -22.90
C LEU B 82 22.88 17.32 -23.99
N PRO B 83 23.40 16.23 -24.57
CA PRO B 83 22.65 15.51 -25.60
C PRO B 83 21.26 15.00 -25.20
N GLU B 84 20.36 14.96 -26.17
CA GLU B 84 19.00 14.52 -25.90
C GLU B 84 18.98 13.11 -25.31
N VAL B 85 19.86 12.24 -25.79
CA VAL B 85 19.91 10.88 -25.28
C VAL B 85 20.34 10.85 -23.80
N ARG B 86 21.26 11.73 -23.42
CA ARG B 86 21.70 11.82 -22.02
C ARG B 86 20.52 12.35 -21.18
N LEU B 87 19.80 13.33 -21.72
CA LEU B 87 18.67 13.91 -21.00
C LEU B 87 17.51 12.91 -20.88
N THR B 88 17.30 12.10 -21.91
CA THR B 88 16.24 11.10 -21.87
C THR B 88 16.53 10.10 -20.75
N GLY B 89 17.80 9.73 -20.61
CA GLY B 89 18.18 8.80 -19.56
C GLY B 89 18.09 9.43 -18.18
N GLU B 90 18.35 10.73 -18.08
CA GLU B 90 18.28 11.41 -16.79
C GLU B 90 16.83 11.57 -16.32
N ILE B 91 15.89 11.73 -17.25
CA ILE B 91 14.50 11.86 -16.86
C ILE B 91 14.05 10.55 -16.24
N ALA B 92 14.48 9.43 -16.83
CA ALA B 92 14.15 8.11 -16.33
C ALA B 92 14.77 7.91 -14.94
N ARG B 93 16.02 8.35 -14.78
CA ARG B 93 16.70 8.24 -13.50
C ARG B 93 15.92 9.04 -12.46
N THR B 94 15.53 10.26 -12.82
CA THR B 94 14.79 11.15 -11.93
C THR B 94 13.46 10.53 -11.51
N ALA B 95 12.72 10.00 -12.48
CA ALA B 95 11.44 9.37 -12.21
C ALA B 95 11.58 8.14 -11.32
N ASN B 96 12.52 7.26 -11.65
CA ASN B 96 12.72 6.05 -10.87
C ASN B 96 13.27 6.36 -9.47
N GLN B 97 13.96 7.49 -9.36
CA GLN B 97 14.49 7.91 -8.06
C GLN B 97 13.31 8.27 -7.18
N LEU B 98 12.35 9.02 -7.73
CA LEU B 98 11.17 9.40 -6.99
C LEU B 98 10.39 8.16 -6.54
N ARG B 99 10.31 7.16 -7.41
CA ARG B 99 9.61 5.92 -7.10
C ARG B 99 10.32 5.13 -6.01
N LEU B 100 11.65 5.23 -5.97
CA LEU B 100 12.40 4.53 -4.93
C LEU B 100 11.97 5.09 -3.57
N PHE B 101 11.96 6.41 -3.44
CA PHE B 101 11.54 7.00 -2.17
C PHE B 101 10.07 6.74 -1.89
N ALA B 102 9.27 6.54 -2.93
CA ALA B 102 7.87 6.23 -2.73
C ALA B 102 7.81 4.88 -2.01
N ASP B 103 8.68 3.95 -2.42
CA ASP B 103 8.74 2.63 -1.77
C ASP B 103 9.18 2.78 -0.34
N VAL B 104 10.20 3.61 -0.11
CA VAL B 104 10.73 3.83 1.22
C VAL B 104 9.66 4.35 2.17
N VAL B 105 8.98 5.42 1.76
CA VAL B 105 7.94 6.00 2.58
C VAL B 105 6.84 4.99 2.85
N ASN B 106 6.41 4.30 1.79
CA ASN B 106 5.34 3.32 1.91
C ASN B 106 5.67 2.20 2.89
N SER B 107 6.92 1.77 2.93
CA SER B 107 7.34 0.70 3.84
C SER B 107 7.33 1.17 5.30
N GLY B 108 7.44 2.48 5.51
CA GLY B 108 7.45 3.01 6.86
C GLY B 108 8.76 2.76 7.60
N SER B 109 9.79 2.34 6.87
CA SER B 109 11.10 2.06 7.45
C SER B 109 11.77 3.32 8.01
N TYR B 110 11.58 4.44 7.31
CA TYR B 110 12.16 5.72 7.70
C TYR B 110 11.77 6.16 9.11
N HIS B 111 10.66 5.62 9.63
CA HIS B 111 10.21 5.97 10.98
C HIS B 111 11.28 5.59 12.01
N GLN B 112 12.00 4.51 11.72
CA GLN B 112 13.04 4.03 12.61
C GLN B 112 12.46 3.80 14.02
N ALA B 113 11.28 3.19 14.07
CA ALA B 113 10.62 2.93 15.33
C ALA B 113 11.46 2.09 16.28
N ILE B 114 11.66 2.59 17.49
CA ILE B 114 12.41 1.91 18.53
C ILE B 114 11.59 1.93 19.82
N LEU B 115 11.52 0.78 20.49
CA LEU B 115 10.74 0.66 21.73
C LEU B 115 11.52 0.09 22.91
N ASP B 116 11.36 0.70 24.08
CA ASP B 116 11.99 0.19 25.30
C ASP B 116 10.83 -0.44 26.08
N THR B 117 10.89 -1.74 26.35
CA THR B 117 9.84 -2.40 27.09
C THR B 117 9.86 -1.91 28.54
N PRO B 118 8.73 -1.41 29.03
CA PRO B 118 8.67 -0.92 30.41
C PRO B 118 8.78 -2.04 31.44
N ASN B 119 9.10 -1.66 32.67
CA ASN B 119 9.22 -2.60 33.79
C ASN B 119 8.84 -1.82 35.04
N PRO B 120 7.53 -1.76 35.34
CA PRO B 120 6.99 -1.05 36.50
C PRO B 120 7.41 -1.55 37.89
N THR B 121 7.91 -2.78 37.96
CA THR B 121 8.31 -3.33 39.25
C THR B 121 9.82 -3.30 39.44
N ARG B 122 10.51 -2.42 38.72
CA ARG B 122 11.96 -2.33 38.86
C ARG B 122 12.30 -1.45 40.07
N ALA B 123 13.27 -1.89 40.85
CA ALA B 123 13.74 -1.16 42.03
C ALA B 123 15.15 -0.69 41.74
N PRO B 124 15.53 0.49 42.26
CA PRO B 124 14.79 1.44 43.11
C PRO B 124 13.64 2.12 42.33
N LEU B 125 13.94 2.58 41.12
CA LEU B 125 12.96 3.25 40.26
C LEU B 125 12.52 2.39 39.09
N PRO B 126 11.21 2.43 38.75
CA PRO B 126 10.67 1.65 37.64
C PRO B 126 11.16 2.11 36.27
N LYS B 127 11.15 1.19 35.31
CA LYS B 127 11.57 1.51 33.96
C LYS B 127 10.35 1.96 33.16
N PRO B 128 10.35 3.21 32.69
CA PRO B 128 9.23 3.76 31.93
C PRO B 128 9.10 3.21 30.50
N ASP B 129 7.91 3.38 29.94
CA ASP B 129 7.61 2.95 28.59
C ASP B 129 8.11 4.08 27.68
N ILE B 130 9.13 3.81 26.88
CA ILE B 130 9.68 4.82 25.98
C ILE B 130 9.71 4.31 24.54
N ARG B 131 9.21 5.14 23.62
CA ARG B 131 9.15 4.79 22.21
C ARG B 131 9.57 6.00 21.39
N ARG B 132 10.35 5.77 20.34
CA ARG B 132 10.81 6.88 19.50
C ARG B 132 10.68 6.62 18.01
N GLN B 133 10.52 7.70 17.25
CA GLN B 133 10.41 7.61 15.81
C GLN B 133 11.00 8.90 15.22
N GLN B 134 11.22 8.89 13.92
CA GLN B 134 11.77 10.05 13.21
C GLN B 134 10.62 10.83 12.59
N ILE B 135 10.71 12.16 12.61
CA ILE B 135 9.70 13.02 12.02
C ILE B 135 10.41 14.12 11.24
N ALA B 136 9.72 14.71 10.27
CA ALA B 136 10.28 15.75 9.43
C ALA B 136 10.75 17.01 10.17
N LEU B 137 11.90 17.53 9.74
CA LEU B 137 12.47 18.74 10.33
C LEU B 137 11.63 19.97 10.04
N GLY B 138 11.00 19.98 8.86
CA GLY B 138 10.18 21.10 8.46
C GLY B 138 10.55 21.51 7.03
N PRO B 139 10.21 22.73 6.59
CA PRO B 139 10.54 23.16 5.22
C PRO B 139 12.03 23.05 4.90
N VAL B 140 12.35 22.55 3.71
CA VAL B 140 13.73 22.38 3.27
C VAL B 140 14.00 23.20 2.00
N ALA B 141 15.15 23.88 1.98
CA ALA B 141 15.56 24.67 0.82
C ALA B 141 16.49 23.80 -0.03
N VAL B 142 16.29 23.81 -1.34
CA VAL B 142 17.10 23.00 -2.25
C VAL B 142 17.72 23.79 -3.39
N PHE B 143 19.03 23.65 -3.56
CA PHE B 143 19.76 24.30 -4.65
C PHE B 143 20.17 23.16 -5.60
N GLY B 144 19.67 23.19 -6.82
CA GLY B 144 19.99 22.14 -7.78
C GLY B 144 21.35 22.27 -8.45
N ALA B 145 21.81 21.16 -9.03
CA ALA B 145 23.10 21.11 -9.71
C ALA B 145 22.98 21.53 -11.17
N SER B 146 23.99 22.24 -11.66
CA SER B 146 23.97 22.68 -13.06
C SER B 146 24.27 21.52 -14.02
N ASN B 147 25.15 20.60 -13.61
CA ASN B 147 25.54 19.49 -14.48
C ASN B 147 24.55 18.33 -14.56
N PHE B 148 23.55 18.33 -13.68
CA PHE B 148 22.50 17.31 -13.70
C PHE B 148 21.19 18.05 -13.48
N PRO B 149 20.76 18.81 -14.50
CA PRO B 149 19.55 19.63 -14.54
C PRO B 149 18.24 18.94 -14.20
N LEU B 150 18.25 17.61 -14.12
CA LEU B 150 17.04 16.87 -13.80
C LEU B 150 17.17 16.03 -12.53
N ALA B 151 18.10 15.07 -12.52
CA ALA B 151 18.28 14.17 -11.37
C ALA B 151 18.81 14.81 -10.09
N PHE B 152 19.47 15.96 -10.19
CA PHE B 152 20.00 16.64 -9.01
C PHE B 152 19.48 18.07 -8.93
N SER B 153 18.29 18.30 -9.47
CA SER B 153 17.76 19.66 -9.44
C SER B 153 16.35 19.79 -8.89
N ALA B 154 15.50 20.57 -9.57
CA ALA B 154 14.13 20.82 -9.12
C ALA B 154 13.40 19.61 -8.55
N ALA B 155 13.46 18.49 -9.26
CA ALA B 155 12.80 17.27 -8.79
C ALA B 155 13.86 16.20 -8.56
N GLY B 156 15.07 16.64 -8.26
CA GLY B 156 16.18 15.73 -8.01
C GLY B 156 16.16 14.98 -6.70
N GLY B 157 17.30 14.35 -6.37
CA GLY B 157 17.42 13.56 -5.15
C GLY B 157 17.13 14.28 -3.84
N ASP B 158 17.53 15.54 -3.73
CA ASP B 158 17.28 16.27 -2.50
C ASP B 158 15.78 16.55 -2.34
N THR B 159 15.14 17.03 -3.41
CA THR B 159 13.71 17.31 -3.35
C THR B 159 12.92 16.04 -3.08
N ALA B 160 13.24 14.98 -3.81
CA ALA B 160 12.54 13.70 -3.66
C ALA B 160 12.65 13.13 -2.26
N SER B 161 13.86 13.11 -1.71
CA SER B 161 14.05 12.56 -0.38
C SER B 161 13.41 13.46 0.69
N ALA B 162 13.40 14.77 0.48
CA ALA B 162 12.79 15.67 1.45
C ALA B 162 11.27 15.52 1.47
N LEU B 163 10.65 15.48 0.30
CA LEU B 163 9.20 15.31 0.23
C LEU B 163 8.85 13.96 0.86
N ALA B 164 9.68 12.96 0.61
CA ALA B 164 9.44 11.62 1.15
C ALA B 164 9.46 11.66 2.68
N ALA B 165 10.40 12.41 3.24
CA ALA B 165 10.52 12.53 4.70
C ALA B 165 9.35 13.29 5.31
N GLY B 166 8.63 14.03 4.48
CA GLY B 166 7.49 14.79 4.96
C GLY B 166 7.78 16.28 5.12
N CYS B 167 8.79 16.76 4.41
CA CYS B 167 9.18 18.16 4.47
C CYS B 167 8.75 18.95 3.23
N PRO B 168 8.17 20.14 3.43
CA PRO B 168 7.76 20.92 2.26
C PRO B 168 9.10 21.34 1.63
N VAL B 169 9.12 21.58 0.34
CA VAL B 169 10.35 21.96 -0.34
C VAL B 169 10.26 23.28 -1.10
N ILE B 170 11.31 24.10 -0.96
CA ILE B 170 11.41 25.35 -1.70
C ILE B 170 12.72 25.27 -2.48
N VAL B 171 12.61 25.27 -3.80
CA VAL B 171 13.79 25.17 -4.65
C VAL B 171 14.23 26.51 -5.18
N LYS B 172 15.51 26.82 -5.02
CA LYS B 172 16.06 28.06 -5.55
C LYS B 172 16.58 27.61 -6.92
N GLY B 173 15.76 27.82 -7.95
CA GLY B 173 16.13 27.41 -9.30
C GLY B 173 17.48 27.88 -9.79
N HIS B 174 18.26 26.94 -10.34
CA HIS B 174 19.58 27.28 -10.86
C HIS B 174 19.39 28.17 -12.09
N THR B 175 20.13 29.27 -12.15
CA THR B 175 20.03 30.18 -13.28
C THR B 175 20.54 29.58 -14.58
N ALA B 176 21.18 28.41 -14.51
CA ALA B 176 21.70 27.76 -15.72
C ALA B 176 20.61 27.04 -16.52
N HIS B 177 19.50 26.71 -15.89
CA HIS B 177 18.41 26.02 -16.59
C HIS B 177 17.02 26.35 -16.02
N PRO B 178 16.66 27.65 -16.00
CA PRO B 178 15.36 28.09 -15.49
C PRO B 178 14.14 27.52 -16.21
N GLY B 179 14.25 27.37 -17.54
CA GLY B 179 13.15 26.83 -18.30
C GLY B 179 12.89 25.37 -17.95
N THR B 180 13.96 24.63 -17.72
CA THR B 180 13.85 23.22 -17.37
C THR B 180 13.16 23.09 -16.02
N SER B 181 13.62 23.87 -15.04
CA SER B 181 13.04 23.85 -13.70
C SER B 181 11.55 24.24 -13.74
N GLN B 182 11.21 25.24 -14.56
CA GLN B 182 9.82 25.68 -14.67
C GLN B 182 8.90 24.54 -15.10
N ILE B 183 9.31 23.81 -16.14
CA ILE B 183 8.50 22.71 -16.63
C ILE B 183 8.37 21.67 -15.53
N VAL B 184 9.47 21.37 -14.84
CA VAL B 184 9.44 20.39 -13.76
C VAL B 184 8.51 20.86 -12.65
N ALA B 185 8.53 22.16 -12.34
CA ALA B 185 7.67 22.71 -11.30
C ALA B 185 6.21 22.60 -11.73
N GLU B 186 5.95 22.74 -13.02
CA GLU B 186 4.58 22.64 -13.52
C GLU B 186 4.09 21.21 -13.32
N CYS B 187 4.99 20.25 -13.48
CA CYS B 187 4.67 18.85 -13.30
C CYS B 187 4.29 18.57 -11.85
N ILE B 188 5.07 19.10 -10.92
CA ILE B 188 4.80 18.90 -9.51
C ILE B 188 3.50 19.58 -9.13
N GLU B 189 3.24 20.73 -9.72
CA GLU B 189 2.00 21.45 -9.46
C GLU B 189 0.82 20.57 -9.90
N GLN B 190 0.96 19.90 -11.05
CA GLN B 190 -0.11 19.02 -11.53
C GLN B 190 -0.32 17.86 -10.59
N ALA B 191 0.79 17.28 -10.12
CA ALA B 191 0.74 16.14 -9.21
C ALA B 191 0.02 16.49 -7.91
N LEU B 192 0.33 17.66 -7.37
CA LEU B 192 -0.31 18.11 -6.14
C LEU B 192 -1.81 18.31 -6.35
N LYS B 193 -2.19 18.83 -7.52
CA LYS B 193 -3.60 19.04 -7.81
C LYS B 193 -4.32 17.70 -7.88
N GLN B 194 -3.70 16.76 -8.58
CA GLN B 194 -4.29 15.43 -8.74
C GLN B 194 -4.47 14.76 -7.38
N GLU B 195 -3.47 14.90 -6.51
CA GLU B 195 -3.52 14.31 -5.17
C GLU B 195 -4.34 15.15 -4.21
N GLN B 196 -4.77 16.32 -4.68
CA GLN B 196 -5.56 17.25 -3.87
C GLN B 196 -4.83 17.62 -2.59
N LEU B 197 -3.59 18.07 -2.75
CA LEU B 197 -2.75 18.49 -1.63
C LEU B 197 -2.35 19.94 -1.84
N PRO B 198 -2.01 20.65 -0.75
CA PRO B 198 -1.60 22.06 -0.82
C PRO B 198 -0.44 22.33 -1.78
N GLN B 199 -0.56 23.40 -2.55
CA GLN B 199 0.49 23.79 -3.49
C GLN B 199 1.75 24.21 -2.73
N ALA B 200 1.56 24.68 -1.51
CA ALA B 200 2.68 25.14 -0.69
C ALA B 200 3.65 24.01 -0.32
N ILE B 201 3.31 22.78 -0.68
CA ILE B 201 4.17 21.64 -0.40
C ILE B 201 5.45 21.78 -1.22
N PHE B 202 5.34 22.39 -2.39
CA PHE B 202 6.50 22.58 -3.25
C PHE B 202 6.45 23.94 -3.92
N THR B 203 7.57 24.66 -3.88
CA THR B 203 7.63 25.98 -4.48
C THR B 203 8.97 26.21 -5.18
N LEU B 204 8.91 26.70 -6.40
CA LEU B 204 10.10 26.99 -7.17
C LEU B 204 10.32 28.50 -7.22
N LEU B 205 11.50 28.94 -6.80
CA LEU B 205 11.82 30.36 -6.87
C LEU B 205 12.90 30.51 -7.95
N GLN B 206 12.84 31.60 -8.71
CA GLN B 206 13.81 31.86 -9.77
C GLN B 206 14.46 33.23 -9.60
N GLY B 207 15.62 33.42 -10.22
CA GLY B 207 16.30 34.70 -10.11
C GLY B 207 17.81 34.60 -10.21
N ASN B 208 18.41 35.61 -10.84
CA ASN B 208 19.86 35.62 -11.01
C ASN B 208 20.57 36.55 -10.02
N GLN B 209 19.85 37.00 -9.00
CA GLN B 209 20.43 37.86 -7.97
C GLN B 209 20.69 36.98 -6.73
N ARG B 210 21.96 36.85 -6.36
CA ARG B 210 22.37 36.01 -5.24
C ARG B 210 21.66 36.30 -3.92
N ALA B 211 21.15 37.50 -3.75
CA ALA B 211 20.45 37.86 -2.52
C ALA B 211 19.31 36.88 -2.29
N LEU B 212 18.81 36.30 -3.37
CA LEU B 212 17.72 35.34 -3.28
C LEU B 212 18.11 34.12 -2.46
N GLY B 213 19.15 33.42 -2.89
CA GLY B 213 19.62 32.23 -2.20
C GLY B 213 20.01 32.46 -0.76
N GLN B 214 20.64 33.60 -0.49
CA GLN B 214 21.07 33.95 0.84
C GLN B 214 19.89 34.16 1.79
N ALA B 215 18.84 34.83 1.31
CA ALA B 215 17.65 35.07 2.13
C ALA B 215 16.95 33.75 2.42
N LEU B 216 16.91 32.87 1.42
CA LEU B 216 16.28 31.57 1.59
C LEU B 216 16.99 30.75 2.66
N VAL B 217 18.31 30.67 2.58
CA VAL B 217 19.10 29.92 3.56
C VAL B 217 19.00 30.52 4.97
N SER B 218 18.80 31.84 5.05
CA SER B 218 18.71 32.51 6.33
C SER B 218 17.31 32.65 6.90
N HIS B 219 16.29 32.27 6.15
CA HIS B 219 14.92 32.41 6.64
C HIS B 219 14.63 31.50 7.82
N PRO B 220 14.13 32.07 8.93
CA PRO B 220 13.81 31.35 10.17
C PRO B 220 12.88 30.13 10.00
N GLU B 221 12.03 30.13 8.98
CA GLU B 221 11.13 29.00 8.75
C GLU B 221 11.78 27.84 7.98
N ILE B 222 12.94 28.10 7.37
CA ILE B 222 13.65 27.05 6.63
C ILE B 222 14.42 26.24 7.67
N LYS B 223 14.24 24.92 7.68
CA LYS B 223 14.89 24.07 8.68
C LYS B 223 16.06 23.20 8.25
N ALA B 224 16.39 23.22 6.96
CA ALA B 224 17.53 22.45 6.43
C ALA B 224 17.79 22.85 4.98
N VAL B 225 18.99 22.58 4.49
CA VAL B 225 19.33 22.93 3.13
C VAL B 225 20.02 21.80 2.37
N GLY B 226 19.67 21.66 1.10
CA GLY B 226 20.27 20.68 0.23
C GLY B 226 20.97 21.50 -0.85
N PHE B 227 22.26 21.26 -1.06
CA PHE B 227 23.03 22.02 -2.05
C PHE B 227 24.00 21.14 -2.85
N THR B 228 24.11 21.45 -4.14
CA THR B 228 25.00 20.73 -5.03
C THR B 228 25.63 21.81 -5.92
N GLY B 229 26.93 22.04 -5.77
CA GLY B 229 27.58 23.07 -6.57
C GLY B 229 29.04 23.31 -6.20
N SER B 230 29.51 24.54 -6.41
CA SER B 230 30.91 24.90 -6.15
C SER B 230 31.26 25.00 -4.68
N VAL B 231 32.56 24.86 -4.39
CA VAL B 231 33.04 24.95 -3.02
C VAL B 231 32.93 26.39 -2.50
N GLY B 232 33.18 27.36 -3.38
CA GLY B 232 33.10 28.75 -2.99
C GLY B 232 31.72 29.18 -2.55
N GLY B 233 30.73 28.98 -3.42
CA GLY B 233 29.37 29.34 -3.10
C GLY B 233 28.79 28.43 -2.03
N GLY B 234 29.08 27.14 -2.14
CA GLY B 234 28.59 26.18 -1.17
C GLY B 234 29.06 26.47 0.25
N ARG B 235 30.34 26.76 0.42
CA ARG B 235 30.86 27.04 1.75
C ARG B 235 30.28 28.35 2.27
N ALA B 236 30.09 29.32 1.38
CA ALA B 236 29.52 30.60 1.79
C ALA B 236 28.11 30.38 2.36
N LEU B 237 27.30 29.61 1.65
CA LEU B 237 25.93 29.34 2.09
C LEU B 237 25.91 28.48 3.36
N PHE B 238 26.87 27.57 3.47
CA PHE B 238 26.98 26.69 4.64
C PHE B 238 27.23 27.57 5.87
N ASN B 239 28.15 28.51 5.73
CA ASN B 239 28.48 29.41 6.83
C ASN B 239 27.27 30.22 7.23
N LEU B 240 26.52 30.66 6.23
CA LEU B 240 25.32 31.45 6.47
C LEU B 240 24.34 30.65 7.32
N ALA B 241 24.17 29.39 6.95
CA ALA B 241 23.26 28.47 7.64
C ALA B 241 23.64 28.24 9.10
N HIS B 242 24.94 28.28 9.40
CA HIS B 242 25.36 28.05 10.78
C HIS B 242 25.58 29.31 11.60
N GLU B 243 25.31 30.45 10.99
CA GLU B 243 25.43 31.72 11.67
C GLU B 243 24.04 32.20 12.10
N ARG B 244 23.00 31.47 11.68
CA ARG B 244 21.61 31.78 12.01
C ARG B 244 21.35 31.68 13.52
N PRO B 245 20.31 32.39 14.02
CA PRO B 245 20.00 32.33 15.46
C PRO B 245 19.79 30.86 15.82
N GLU B 246 19.18 30.12 14.89
CA GLU B 246 18.95 28.68 15.06
C GLU B 246 19.68 28.00 13.89
N PRO B 247 20.88 27.48 14.14
CA PRO B 247 21.63 26.81 13.06
C PRO B 247 20.83 25.64 12.49
N ILE B 248 20.98 25.40 11.19
CA ILE B 248 20.27 24.30 10.55
C ILE B 248 21.21 23.44 9.73
N PRO B 249 20.88 22.14 9.58
CA PRO B 249 21.71 21.22 8.81
C PRO B 249 21.85 21.73 7.38
N PHE B 250 23.07 21.64 6.84
CA PHE B 250 23.33 22.06 5.48
C PHE B 250 24.06 20.90 4.79
N TYR B 251 23.40 20.27 3.82
CA TYR B 251 24.00 19.15 3.11
C TYR B 251 24.43 19.56 1.71
N GLY B 252 25.69 19.95 1.59
CA GLY B 252 26.23 20.38 0.32
C GLY B 252 27.37 19.55 -0.24
N GLU B 253 27.27 19.20 -1.51
CA GLU B 253 28.31 18.45 -2.21
C GLU B 253 29.07 19.55 -2.92
N LEU B 254 30.29 19.83 -2.48
CA LEU B 254 31.08 20.93 -3.02
C LEU B 254 32.13 20.64 -4.07
N GLY B 255 32.61 19.42 -4.14
CA GLY B 255 33.64 19.13 -5.13
C GLY B 255 34.56 18.02 -4.69
N ALA B 256 35.30 17.46 -5.64
CA ALA B 256 36.23 16.36 -5.35
C ALA B 256 37.01 16.06 -6.62
N ILE B 257 38.17 15.42 -6.47
CA ILE B 257 38.95 15.08 -7.65
C ILE B 257 38.95 13.57 -7.90
N ASN B 258 38.28 12.84 -7.01
CA ASN B 258 38.13 11.40 -7.13
C ASN B 258 39.42 10.66 -7.50
N PRO B 259 40.36 10.56 -6.55
CA PRO B 259 41.65 9.89 -6.77
C PRO B 259 41.51 8.43 -7.22
N THR B 260 42.32 8.06 -8.21
CA THR B 260 42.33 6.72 -8.77
C THR B 260 43.75 6.15 -8.72
N PHE B 261 43.89 4.97 -8.12
CA PHE B 261 45.19 4.31 -8.01
C PHE B 261 45.25 3.12 -8.96
N ILE B 262 46.18 3.14 -9.91
CA ILE B 262 46.32 2.06 -10.88
C ILE B 262 47.65 1.32 -10.73
N PHE B 263 47.59 0.03 -10.37
CA PHE B 263 48.78 -0.78 -10.21
C PHE B 263 49.22 -1.36 -11.55
N PRO B 264 50.53 -1.64 -11.72
CA PRO B 264 51.07 -2.19 -12.96
C PRO B 264 50.34 -3.42 -13.51
N SER B 265 50.03 -4.38 -12.65
CA SER B 265 49.36 -5.60 -13.10
C SER B 265 48.01 -5.29 -13.72
N ALA B 266 47.34 -4.25 -13.22
CA ALA B 266 46.05 -3.88 -13.78
C ALA B 266 46.28 -3.39 -15.20
N MET B 267 47.40 -2.70 -15.40
CA MET B 267 47.75 -2.19 -16.71
C MET B 267 48.16 -3.31 -17.66
N ARG B 268 48.70 -4.39 -17.09
CA ARG B 268 49.09 -5.55 -17.90
C ARG B 268 47.84 -6.37 -18.26
N ALA B 269 46.87 -6.42 -17.34
CA ALA B 269 45.64 -7.19 -17.52
C ALA B 269 44.61 -6.61 -18.47
N LYS B 270 44.56 -5.28 -18.58
CA LYS B 270 43.60 -4.64 -19.47
C LYS B 270 44.33 -3.70 -20.42
N ALA B 271 44.53 -4.16 -21.65
CA ALA B 271 45.23 -3.38 -22.66
C ALA B 271 44.52 -2.09 -22.99
N ASP B 272 43.20 -2.05 -22.78
CA ASP B 272 42.41 -0.86 -23.09
C ASP B 272 42.13 0.00 -21.86
N LEU B 273 42.93 -0.17 -20.81
CA LEU B 273 42.69 0.60 -19.58
C LEU B 273 42.78 2.11 -19.83
N ALA B 274 43.77 2.53 -20.62
CA ALA B 274 43.92 3.95 -20.95
C ALA B 274 42.70 4.45 -21.69
N ASP B 275 42.16 3.62 -22.57
CA ASP B 275 40.97 3.97 -23.34
C ASP B 275 39.79 4.17 -22.39
N GLN B 276 39.69 3.29 -21.39
CA GLN B 276 38.60 3.37 -20.42
C GLN B 276 38.75 4.66 -19.61
N PHE B 277 39.99 4.96 -19.24
CA PHE B 277 40.27 6.15 -18.45
C PHE B 277 39.79 7.40 -19.19
N VAL B 278 40.20 7.56 -20.43
CA VAL B 278 39.81 8.71 -21.22
C VAL B 278 38.29 8.80 -21.38
N ALA B 279 37.63 7.66 -21.54
CA ALA B 279 36.17 7.65 -21.68
C ALA B 279 35.51 8.15 -20.41
N SER B 280 36.07 7.77 -19.27
CA SER B 280 35.53 8.17 -17.97
C SER B 280 35.73 9.65 -17.72
N MET B 281 36.93 10.15 -17.98
CA MET B 281 37.23 11.56 -17.75
C MET B 281 36.59 12.50 -18.76
N THR B 282 36.16 11.98 -19.90
CA THR B 282 35.50 12.81 -20.91
C THR B 282 33.99 12.59 -20.99
N MET B 283 33.47 11.73 -20.11
CA MET B 283 32.03 11.46 -20.08
C MET B 283 31.30 12.77 -19.81
N GLY B 284 30.27 13.06 -20.60
CA GLY B 284 29.54 14.29 -20.42
C GLY B 284 30.50 15.47 -20.47
N CYS B 285 31.54 15.32 -21.29
CA CYS B 285 32.58 16.34 -21.44
C CYS B 285 33.24 16.64 -20.09
N GLY B 286 33.38 15.60 -19.27
CA GLY B 286 34.00 15.72 -17.97
C GLY B 286 33.19 16.45 -16.92
N GLN B 287 31.92 16.72 -17.20
CA GLN B 287 31.08 17.44 -16.26
C GLN B 287 30.34 16.55 -15.27
N PHE B 288 31.10 15.64 -14.66
CA PHE B 288 30.61 14.72 -13.65
C PHE B 288 31.36 15.03 -12.36
N CYS B 289 30.64 15.08 -11.24
CA CYS B 289 31.26 15.36 -9.96
C CYS B 289 32.17 14.21 -9.55
N THR B 290 31.90 13.04 -10.13
CA THR B 290 32.63 11.81 -9.86
C THR B 290 33.72 11.52 -10.90
N LYS B 291 33.99 12.50 -11.76
CA LYS B 291 35.02 12.34 -12.80
C LYS B 291 36.39 12.06 -12.18
N PRO B 292 37.11 11.03 -12.68
CA PRO B 292 38.44 10.76 -12.11
C PRO B 292 39.40 11.91 -12.46
N GLY B 293 39.64 12.78 -11.48
CA GLY B 293 40.50 13.94 -11.69
C GLY B 293 41.99 13.74 -11.48
N VAL B 294 42.39 12.66 -10.84
CA VAL B 294 43.80 12.40 -10.63
C VAL B 294 44.06 10.91 -10.56
N VAL B 295 45.05 10.47 -11.31
CA VAL B 295 45.43 9.07 -11.36
C VAL B 295 46.85 8.91 -10.84
N PHE B 296 47.02 8.05 -9.85
CA PHE B 296 48.34 7.76 -9.31
C PHE B 296 48.79 6.42 -9.88
N ALA B 297 49.98 6.38 -10.46
CA ALA B 297 50.51 5.16 -11.05
C ALA B 297 52.01 5.06 -10.79
N LEU B 298 52.57 3.86 -10.97
CA LEU B 298 53.99 3.66 -10.74
C LEU B 298 54.83 4.01 -11.96
N ASN B 299 56.10 4.30 -11.73
CA ASN B 299 57.04 4.66 -12.78
C ASN B 299 57.58 3.41 -13.49
N THR B 300 56.71 2.75 -14.26
CA THR B 300 57.08 1.55 -14.99
C THR B 300 56.73 1.70 -16.48
N PRO B 301 57.18 0.76 -17.33
CA PRO B 301 56.88 0.86 -18.76
C PRO B 301 55.38 0.85 -19.07
N GLU B 302 54.61 0.09 -18.30
CA GLU B 302 53.16 0.03 -18.48
C GLU B 302 52.56 1.42 -18.35
N THR B 303 53.03 2.17 -17.37
CA THR B 303 52.55 3.52 -17.11
C THR B 303 52.91 4.46 -18.24
N GLN B 304 54.16 4.39 -18.72
CA GLN B 304 54.58 5.25 -19.83
C GLN B 304 53.76 4.96 -21.09
N ALA B 305 53.36 3.70 -21.29
CA ALA B 305 52.56 3.31 -22.44
C ALA B 305 51.12 3.80 -22.23
N PHE B 306 50.64 3.67 -20.99
CA PHE B 306 49.30 4.12 -20.61
C PHE B 306 49.19 5.60 -20.94
N ILE B 307 50.17 6.36 -20.49
CA ILE B 307 50.22 7.80 -20.72
C ILE B 307 50.19 8.16 -22.20
N GLU B 308 51.02 7.50 -23.00
CA GLU B 308 51.07 7.78 -24.44
C GLU B 308 49.75 7.47 -25.13
N THR B 309 49.09 6.40 -24.70
CA THR B 309 47.81 6.02 -25.28
C THR B 309 46.76 7.06 -24.94
N ALA B 310 46.73 7.45 -23.67
CA ALA B 310 45.76 8.45 -23.19
C ALA B 310 46.01 9.78 -23.89
N GLN B 311 47.28 10.17 -23.98
CA GLN B 311 47.66 11.42 -24.64
C GLN B 311 47.19 11.44 -26.10
N SER B 312 47.34 10.32 -26.79
CA SER B 312 46.92 10.24 -28.19
C SER B 312 45.40 10.37 -28.32
N LEU B 313 44.66 9.75 -27.41
CA LEU B 313 43.20 9.84 -27.44
C LEU B 313 42.77 11.27 -27.16
N ILE B 314 43.41 11.90 -26.17
CA ILE B 314 43.07 13.28 -25.84
C ILE B 314 43.23 14.19 -27.06
N ARG B 315 44.36 14.06 -27.76
CA ARG B 315 44.60 14.89 -28.94
C ARG B 315 43.50 14.75 -29.98
N GLN B 316 42.97 13.54 -30.10
CA GLN B 316 41.93 13.23 -31.07
C GLN B 316 40.55 13.75 -30.64
N GLN B 317 40.33 13.82 -29.33
CA GLN B 317 39.08 14.27 -28.74
C GLN B 317 38.43 15.46 -29.43
N SER B 318 37.12 15.36 -29.66
CA SER B 318 36.36 16.42 -30.31
C SER B 318 36.15 17.61 -29.36
N PRO B 319 35.82 18.79 -29.91
CA PRO B 319 35.58 20.00 -29.12
C PRO B 319 34.38 19.83 -28.20
N SER B 320 34.46 20.36 -26.98
CA SER B 320 33.37 20.25 -26.00
C SER B 320 32.67 21.57 -25.74
N THR B 321 31.36 21.51 -25.57
CA THR B 321 30.54 22.68 -25.25
C THR B 321 30.10 22.48 -23.81
N LEU B 322 30.60 23.32 -22.91
CA LEU B 322 30.24 23.16 -21.50
C LEU B 322 28.87 23.76 -21.19
N LEU B 323 28.33 23.38 -20.04
CA LEU B 323 27.00 23.81 -19.61
C LEU B 323 26.67 25.29 -19.76
N THR B 324 27.59 26.17 -19.42
CA THR B 324 27.35 27.61 -19.51
C THR B 324 28.61 28.36 -19.89
N PRO B 325 28.48 29.63 -20.32
CA PRO B 325 29.64 30.42 -20.71
C PRO B 325 30.57 30.61 -19.52
N GLY B 326 29.99 30.72 -18.33
CA GLY B 326 30.78 30.89 -17.12
C GLY B 326 31.63 29.67 -16.83
N ILE B 327 31.02 28.50 -16.87
CA ILE B 327 31.74 27.26 -16.63
C ILE B 327 32.81 27.08 -17.71
N ARG B 328 32.49 27.52 -18.93
CA ARG B 328 33.46 27.42 -20.04
C ARG B 328 34.70 28.26 -19.73
N ASP B 329 34.49 29.51 -19.35
CA ASP B 329 35.60 30.41 -19.04
C ASP B 329 36.48 29.91 -17.90
N SER B 330 35.88 29.54 -16.77
CA SER B 330 36.67 29.04 -15.64
C SER B 330 37.56 27.88 -16.06
N TYR B 331 37.01 26.98 -16.87
CA TYR B 331 37.77 25.83 -17.34
C TYR B 331 38.99 26.25 -18.15
N GLN B 332 38.75 27.05 -19.18
CA GLN B 332 39.83 27.50 -20.05
C GLN B 332 40.92 28.23 -19.28
N SER B 333 40.50 29.15 -18.43
CA SER B 333 41.45 29.91 -17.63
C SER B 333 42.30 29.03 -16.72
N GLN B 334 41.65 28.09 -16.03
CA GLN B 334 42.36 27.20 -15.11
C GLN B 334 43.28 26.17 -15.75
N VAL B 335 42.86 25.58 -16.88
CA VAL B 335 43.73 24.59 -17.52
C VAL B 335 44.96 25.25 -18.11
N VAL B 336 44.81 26.46 -18.64
CA VAL B 336 45.97 27.15 -19.19
C VAL B 336 46.90 27.55 -18.04
N SER B 337 46.32 28.07 -16.97
CA SER B 337 47.13 28.48 -15.82
C SER B 337 47.90 27.30 -15.25
N ARG B 338 47.22 26.17 -15.05
CA ARG B 338 47.87 25.00 -14.49
C ARG B 338 48.91 24.39 -15.42
N GLY B 339 48.64 24.43 -16.72
CA GLY B 339 49.59 23.90 -17.68
C GLY B 339 50.87 24.71 -17.75
N SER B 340 50.81 25.95 -17.25
CA SER B 340 51.97 26.82 -17.25
C SER B 340 52.86 26.57 -16.05
N ASP B 341 52.34 25.84 -15.08
CA ASP B 341 53.10 25.56 -13.86
C ASP B 341 54.37 24.75 -14.07
N ASP B 342 55.27 24.87 -13.12
CA ASP B 342 56.54 24.17 -13.13
C ASP B 342 56.35 22.70 -12.77
N GLY B 343 56.98 21.82 -13.55
CA GLY B 343 56.89 20.40 -13.27
C GLY B 343 55.64 19.69 -13.71
N ILE B 344 54.88 20.30 -14.63
CA ILE B 344 53.65 19.66 -15.10
C ILE B 344 53.56 19.72 -16.63
N ASP B 345 53.29 18.57 -17.25
CA ASP B 345 53.17 18.49 -18.72
C ASP B 345 51.69 18.40 -19.10
N VAL B 346 51.31 19.02 -20.22
CA VAL B 346 49.92 19.01 -20.64
C VAL B 346 49.72 18.73 -22.13
N THR B 347 48.66 17.97 -22.43
CA THR B 347 48.31 17.61 -23.80
C THR B 347 46.89 18.11 -24.02
N PHE B 348 46.70 18.91 -25.06
CA PHE B 348 45.40 19.47 -25.39
C PHE B 348 44.85 18.89 -26.69
N SER B 349 43.53 18.87 -26.81
CA SER B 349 42.88 18.42 -28.03
C SER B 349 42.76 19.72 -28.83
N GLN B 350 42.22 19.65 -30.04
CA GLN B 350 42.08 20.87 -30.84
C GLN B 350 40.67 21.42 -30.73
N ALA B 351 40.58 22.69 -30.34
CA ALA B 351 39.28 23.33 -30.18
C ALA B 351 39.39 24.85 -30.24
N GLU B 352 38.32 25.49 -30.69
CA GLU B 352 38.27 26.94 -30.79
C GLU B 352 37.07 27.46 -30.01
N SER B 353 37.28 28.51 -29.24
CA SER B 353 36.21 29.10 -28.45
C SER B 353 34.98 29.30 -29.35
N PRO B 354 33.76 29.18 -28.81
CA PRO B 354 33.37 28.89 -27.43
C PRO B 354 33.60 27.45 -26.96
N CYS B 355 34.02 26.58 -27.86
CA CYS B 355 34.28 25.18 -27.49
C CYS B 355 35.60 25.11 -26.72
N VAL B 356 35.74 24.10 -25.86
CA VAL B 356 36.97 23.94 -25.08
C VAL B 356 37.68 22.64 -25.45
N ALA B 357 38.98 22.60 -25.22
CA ALA B 357 39.75 21.42 -25.52
C ALA B 357 39.91 20.54 -24.29
N SER B 358 39.97 19.23 -24.51
CA SER B 358 40.17 18.28 -23.43
C SER B 358 41.65 18.39 -23.09
N ALA B 359 42.00 18.05 -21.86
CA ALA B 359 43.40 18.14 -21.46
C ALA B 359 43.83 17.02 -20.55
N LEU B 360 45.08 16.59 -20.71
CA LEU B 360 45.65 15.55 -19.87
C LEU B 360 46.97 16.04 -19.32
N PHE B 361 47.04 16.23 -18.01
CA PHE B 361 48.28 16.69 -17.38
C PHE B 361 49.06 15.49 -16.85
N VAL B 362 50.38 15.62 -16.85
CA VAL B 362 51.27 14.56 -16.37
C VAL B 362 52.34 15.20 -15.49
N THR B 363 52.63 14.56 -14.36
CA THR B 363 53.63 15.08 -13.44
C THR B 363 54.14 13.96 -12.54
N SER B 364 55.12 14.29 -11.69
CA SER B 364 55.70 13.33 -10.77
C SER B 364 55.12 13.56 -9.37
N SER B 365 55.25 12.58 -8.49
CA SER B 365 54.75 12.71 -7.13
C SER B 365 55.52 13.80 -6.40
N GLU B 366 56.76 14.05 -6.81
CA GLU B 366 57.57 15.08 -6.19
C GLU B 366 56.91 16.44 -6.39
N ASN B 367 56.53 16.74 -7.62
CA ASN B 367 55.91 18.02 -7.88
C ASN B 367 54.49 18.08 -7.32
N TRP B 368 53.81 16.93 -7.28
CA TRP B 368 52.45 16.88 -6.72
C TRP B 368 52.51 17.36 -5.27
N ARG B 369 53.48 16.82 -4.51
CA ARG B 369 53.66 17.21 -3.11
C ARG B 369 54.01 18.69 -2.98
N LYS B 370 54.63 19.26 -4.02
CA LYS B 370 55.03 20.66 -4.01
C LYS B 370 53.88 21.61 -4.39
N HIS B 371 52.86 21.08 -5.05
CA HIS B 371 51.74 21.91 -5.48
C HIS B 371 50.39 21.41 -4.96
N PRO B 372 50.02 21.77 -3.73
CA PRO B 372 48.75 21.33 -3.16
C PRO B 372 47.52 21.82 -3.91
N ALA B 373 47.66 22.94 -4.62
CA ALA B 373 46.54 23.49 -5.37
C ALA B 373 46.14 22.58 -6.53
N TRP B 374 47.04 21.67 -6.90
CA TRP B 374 46.76 20.74 -8.00
C TRP B 374 45.68 19.74 -7.60
N GLU B 375 45.39 19.67 -6.31
CA GLU B 375 44.36 18.75 -5.84
C GLU B 375 42.99 19.38 -6.01
N GLU B 376 42.97 20.68 -6.30
CA GLU B 376 41.70 21.38 -6.52
C GLU B 376 41.06 20.93 -7.83
N GLU B 377 39.75 20.77 -7.82
CA GLU B 377 39.00 20.34 -9.00
C GLU B 377 38.91 21.42 -10.07
N ILE B 378 39.10 21.02 -11.33
CA ILE B 378 38.95 21.92 -12.48
C ILE B 378 37.84 21.25 -13.28
N PHE B 379 36.63 21.79 -13.14
CA PHE B 379 35.44 21.26 -13.79
C PHE B 379 35.46 21.32 -15.31
N GLY B 380 35.66 20.16 -15.93
CA GLY B 380 35.71 20.09 -17.38
C GLY B 380 36.40 18.81 -17.81
N PRO B 381 36.57 18.59 -19.13
CA PRO B 381 37.22 17.39 -19.67
C PRO B 381 38.73 17.42 -19.51
N GLN B 382 39.17 17.44 -18.25
CA GLN B 382 40.57 17.52 -17.90
C GLN B 382 40.90 16.54 -16.77
N SER B 383 42.13 16.00 -16.78
CA SER B 383 42.55 15.09 -15.72
C SER B 383 44.08 15.11 -15.57
N LEU B 384 44.54 14.58 -14.44
CA LEU B 384 45.97 14.56 -14.14
C LEU B 384 46.50 13.18 -13.77
N ILE B 385 47.69 12.86 -14.29
CA ILE B 385 48.33 11.60 -13.97
C ILE B 385 49.59 11.91 -13.16
N VAL B 386 49.71 11.28 -11.99
CA VAL B 386 50.86 11.47 -11.11
C VAL B 386 51.70 10.19 -11.08
N VAL B 387 52.91 10.25 -11.61
CA VAL B 387 53.79 9.10 -11.65
C VAL B 387 54.55 8.99 -10.34
N CYS B 388 54.35 7.89 -9.63
CA CYS B 388 55.00 7.69 -8.34
C CYS B 388 56.25 6.81 -8.43
N GLU B 389 57.19 7.03 -7.51
CA GLU B 389 58.43 6.26 -7.48
C GLU B 389 58.19 4.79 -7.17
N ASN B 390 57.29 4.51 -6.24
CA ASN B 390 56.97 3.14 -5.84
C ASN B 390 55.66 3.10 -5.07
N VAL B 391 55.27 1.91 -4.62
CA VAL B 391 54.02 1.76 -3.88
C VAL B 391 54.04 2.54 -2.58
N ALA B 392 55.16 2.52 -1.88
CA ALA B 392 55.27 3.27 -0.61
C ALA B 392 54.97 4.73 -0.88
N ASP B 393 55.46 5.24 -2.00
CA ASP B 393 55.26 6.63 -2.38
C ASP B 393 53.76 6.86 -2.59
N MET B 394 53.13 5.90 -3.26
CA MET B 394 51.71 5.94 -3.54
C MET B 394 50.90 5.92 -2.25
N LEU B 395 51.23 4.97 -1.37
CA LEU B 395 50.53 4.83 -0.10
C LEU B 395 50.73 6.07 0.77
N SER B 396 51.90 6.67 0.66
CA SER B 396 52.20 7.87 1.42
C SER B 396 51.28 9.01 0.97
N LEU B 397 51.16 9.19 -0.35
CA LEU B 397 50.31 10.24 -0.95
C LEU B 397 48.85 10.11 -0.52
N SER B 398 48.36 8.87 -0.42
CA SER B 398 46.97 8.66 -0.04
C SER B 398 46.68 9.17 1.37
N GLU B 399 47.69 9.19 2.23
CA GLU B 399 47.53 9.65 3.60
C GLU B 399 47.15 11.12 3.72
N MET B 400 47.48 11.94 2.74
CA MET B 400 47.14 13.35 2.86
C MET B 400 46.07 13.86 1.91
N LEU B 401 45.43 12.94 1.20
CA LEU B 401 44.38 13.33 0.26
C LEU B 401 43.22 14.05 0.96
N ALA B 402 42.65 15.03 0.29
CA ALA B 402 41.52 15.77 0.82
C ALA B 402 40.28 14.90 0.62
N GLY B 403 39.18 15.32 1.23
CA GLY B 403 37.93 14.58 1.11
C GLY B 403 37.49 14.47 -0.34
N SER B 404 36.88 13.34 -0.68
CA SER B 404 36.43 13.11 -2.04
C SER B 404 35.16 12.28 -2.07
N LEU B 405 34.39 12.42 -3.15
CA LEU B 405 33.17 11.63 -3.29
C LEU B 405 33.58 10.16 -3.44
N THR B 406 34.59 9.91 -4.28
CA THR B 406 35.04 8.55 -4.51
C THR B 406 36.54 8.40 -4.51
N ALA B 407 36.98 7.14 -4.51
CA ALA B 407 38.38 6.76 -4.56
C ALA B 407 38.33 5.45 -5.34
N THR B 408 39.18 5.32 -6.36
CA THR B 408 39.18 4.12 -7.19
C THR B 408 40.50 3.38 -7.19
N ILE B 409 40.43 2.05 -7.29
CA ILE B 409 41.60 1.20 -7.32
C ILE B 409 41.50 0.19 -8.47
N HIS B 410 42.53 0.13 -9.28
CA HIS B 410 42.61 -0.83 -10.38
C HIS B 410 43.78 -1.74 -10.04
N ALA B 411 43.50 -3.01 -9.80
CA ALA B 411 44.54 -3.96 -9.44
C ALA B 411 44.10 -5.39 -9.68
N THR B 412 45.05 -6.32 -9.51
CA THR B 412 44.77 -7.75 -9.64
C THR B 412 45.24 -8.38 -8.34
N GLU B 413 44.99 -9.67 -8.18
CA GLU B 413 45.35 -10.38 -6.97
C GLU B 413 46.81 -10.19 -6.55
N GLU B 414 47.68 -9.94 -7.52
CA GLU B 414 49.10 -9.75 -7.24
C GLU B 414 49.35 -8.55 -6.34
N ASP B 415 48.43 -7.58 -6.40
CA ASP B 415 48.55 -6.36 -5.61
C ASP B 415 47.76 -6.34 -4.30
N TYR B 416 46.89 -7.32 -4.09
CA TYR B 416 46.07 -7.33 -2.88
C TYR B 416 46.82 -6.99 -1.59
N PRO B 417 48.09 -7.43 -1.46
CA PRO B 417 48.81 -7.10 -0.22
C PRO B 417 48.91 -5.58 -0.01
N GLN B 418 49.25 -4.86 -1.08
CA GLN B 418 49.37 -3.40 -0.97
C GLN B 418 48.00 -2.72 -0.97
N VAL B 419 47.06 -3.28 -1.74
CA VAL B 419 45.71 -2.73 -1.79
C VAL B 419 45.06 -2.84 -0.41
N SER B 420 45.31 -3.95 0.28
CA SER B 420 44.74 -4.17 1.61
C SER B 420 45.17 -3.08 2.59
N GLN B 421 46.33 -2.46 2.35
CA GLN B 421 46.80 -1.39 3.22
C GLN B 421 46.30 -0.01 2.74
N LEU B 422 46.02 0.11 1.44
CA LEU B 422 45.52 1.36 0.85
C LEU B 422 44.04 1.61 1.18
N ILE B 423 43.21 0.57 1.17
CA ILE B 423 41.79 0.71 1.45
C ILE B 423 41.46 1.48 2.75
N PRO B 424 42.10 1.10 3.88
CA PRO B 424 41.83 1.80 5.14
C PRO B 424 42.12 3.31 5.05
N ARG B 425 43.07 3.67 4.21
CA ARG B 425 43.40 5.08 4.03
C ARG B 425 42.32 5.75 3.17
N LEU B 426 41.88 5.06 2.13
CA LEU B 426 40.86 5.59 1.24
C LEU B 426 39.48 5.67 1.92
N GLU B 427 39.22 4.75 2.85
CA GLU B 427 37.96 4.73 3.59
C GLU B 427 37.80 6.05 4.34
N GLU B 428 38.93 6.59 4.79
CA GLU B 428 38.95 7.83 5.55
C GLU B 428 38.76 9.10 4.75
N ILE B 429 38.95 9.03 3.44
CA ILE B 429 38.80 10.25 2.65
C ILE B 429 37.72 10.24 1.59
N ALA B 430 37.10 9.10 1.34
CA ALA B 430 36.07 9.01 0.32
C ALA B 430 34.77 8.38 0.81
N GLY B 431 33.66 8.78 0.18
CA GLY B 431 32.36 8.23 0.53
C GLY B 431 32.11 6.90 -0.13
N ARG B 432 32.72 6.68 -1.29
CA ARG B 432 32.53 5.44 -2.04
C ARG B 432 33.84 4.95 -2.70
N LEU B 433 34.16 3.68 -2.47
CA LEU B 433 35.36 3.08 -3.04
C LEU B 433 34.96 2.18 -4.21
N VAL B 434 35.65 2.34 -5.34
CA VAL B 434 35.36 1.56 -6.53
C VAL B 434 36.56 0.67 -6.89
N PHE B 435 36.31 -0.61 -7.13
CA PHE B 435 37.39 -1.54 -7.45
C PHE B 435 37.26 -2.03 -8.89
N ASN B 436 38.37 -1.92 -9.64
CA ASN B 436 38.42 -2.33 -11.05
C ASN B 436 37.23 -1.87 -11.87
N GLY B 437 36.94 -0.57 -11.75
CA GLY B 437 35.83 0.03 -12.47
C GLY B 437 36.05 1.53 -12.42
N TRP B 438 35.10 2.31 -12.93
CA TRP B 438 35.26 3.75 -12.90
C TRP B 438 34.18 4.42 -12.05
N PRO B 439 34.55 5.48 -11.32
CA PRO B 439 33.69 6.24 -10.42
C PRO B 439 32.50 7.02 -10.98
N THR B 440 32.50 7.27 -12.29
CA THR B 440 31.43 8.06 -12.89
C THR B 440 29.98 7.69 -12.58
N GLY B 441 29.60 6.43 -12.78
CA GLY B 441 28.23 6.03 -12.52
C GLY B 441 27.83 5.96 -11.06
N VAL B 442 26.64 6.47 -10.73
CA VAL B 442 26.13 6.46 -9.36
C VAL B 442 24.80 5.73 -9.28
N GLU B 443 24.84 4.48 -8.82
CA GLU B 443 23.65 3.64 -8.69
C GLU B 443 22.67 4.16 -7.64
N VAL B 444 21.43 4.39 -8.06
CA VAL B 444 20.39 4.87 -7.16
C VAL B 444 19.70 3.68 -6.50
N GLY B 445 20.28 3.18 -5.42
CA GLY B 445 19.72 2.03 -4.74
C GLY B 445 19.65 2.23 -3.24
N TYR B 446 19.87 1.16 -2.49
CA TYR B 446 19.80 1.22 -1.03
C TYR B 446 21.14 1.40 -0.32
N ALA B 447 22.22 0.92 -0.93
CA ALA B 447 23.53 0.98 -0.31
C ALA B 447 24.41 2.17 -0.68
N MET B 448 23.92 3.05 -1.56
CA MET B 448 24.74 4.18 -1.97
C MET B 448 25.15 5.18 -0.89
N VAL B 449 26.36 5.71 -1.09
CA VAL B 449 26.93 6.74 -0.24
C VAL B 449 27.50 7.72 -1.25
N HIS B 450 26.76 8.78 -1.53
CA HIS B 450 27.23 9.80 -2.46
C HIS B 450 27.49 11.00 -1.56
N GLY B 451 28.76 11.23 -1.28
CA GLY B 451 29.17 12.31 -0.40
C GLY B 451 30.50 11.90 0.21
N GLY B 452 30.77 12.34 1.44
CA GLY B 452 32.02 11.99 2.09
C GLY B 452 32.65 13.14 2.85
N PRO B 453 33.89 12.97 3.33
CA PRO B 453 34.60 14.01 4.09
C PRO B 453 34.69 15.32 3.28
N TYR B 454 34.74 16.44 3.99
CA TYR B 454 34.86 17.76 3.37
C TYR B 454 36.07 17.76 2.45
N PRO B 455 35.95 18.37 1.25
CA PRO B 455 34.80 19.08 0.69
C PRO B 455 33.77 18.25 -0.08
N ALA B 456 33.97 16.94 -0.18
CA ALA B 456 33.03 16.08 -0.90
C ALA B 456 31.61 16.44 -0.45
N SER B 457 31.44 16.71 0.83
CA SER B 457 30.16 17.12 1.37
C SER B 457 30.41 17.88 2.67
N THR B 458 29.43 18.67 3.08
CA THR B 458 29.53 19.45 4.32
C THR B 458 29.03 18.64 5.53
N HIS B 459 28.56 17.43 5.26
CA HIS B 459 28.08 16.55 6.31
C HIS B 459 28.39 15.10 5.92
N SER B 460 29.62 14.69 6.19
CA SER B 460 30.08 13.35 5.82
C SER B 460 29.20 12.19 6.28
N ALA B 461 28.49 12.37 7.39
CA ALA B 461 27.62 11.33 7.92
C ALA B 461 26.26 11.28 7.22
N SER B 462 26.28 11.28 5.89
CA SER B 462 25.03 11.23 5.13
C SER B 462 25.33 10.94 3.66
N THR B 463 24.26 10.80 2.88
CA THR B 463 24.36 10.55 1.44
C THR B 463 23.27 11.38 0.77
N SER B 464 23.58 11.91 -0.41
CA SER B 464 22.60 12.73 -1.13
C SER B 464 21.89 11.89 -2.19
N VAL B 465 22.32 10.64 -2.34
CA VAL B 465 21.74 9.72 -3.32
C VAL B 465 21.56 8.35 -2.66
N GLY B 466 20.42 7.71 -2.91
CA GLY B 466 20.18 6.41 -2.31
C GLY B 466 19.10 6.49 -1.26
N ALA B 467 18.50 5.35 -0.90
CA ALA B 467 17.43 5.31 0.08
C ALA B 467 17.75 6.00 1.43
N GLU B 468 19.01 5.96 1.86
CA GLU B 468 19.38 6.57 3.13
C GLU B 468 19.38 8.10 3.09
N ALA B 469 19.20 8.68 1.91
CA ALA B 469 19.20 10.13 1.79
C ALA B 469 18.03 10.78 2.52
N ILE B 470 16.99 9.99 2.75
CA ILE B 470 15.79 10.48 3.42
C ILE B 470 16.05 10.89 4.88
N HIS B 471 17.01 10.24 5.52
CA HIS B 471 17.32 10.52 6.92
C HIS B 471 17.90 11.89 7.20
N ARG B 472 18.37 12.58 6.17
CA ARG B 472 18.94 13.91 6.35
C ARG B 472 17.88 14.94 6.76
N TRP B 473 16.63 14.64 6.43
CA TRP B 473 15.54 15.58 6.71
C TRP B 473 14.65 15.16 7.89
N LEU B 474 15.15 14.26 8.73
CA LEU B 474 14.40 13.75 9.88
C LEU B 474 15.13 13.90 11.21
N ARG B 475 14.36 13.98 12.29
CA ARG B 475 14.91 14.07 13.64
C ARG B 475 14.05 13.20 14.54
N PRO B 476 14.65 12.57 15.56
CA PRO B 476 13.89 11.71 16.46
C PRO B 476 13.19 12.40 17.60
N VAL B 477 12.11 11.78 18.05
CA VAL B 477 11.32 12.27 19.16
C VAL B 477 11.00 11.04 20.00
N ALA B 478 11.19 11.14 21.31
CA ALA B 478 10.91 10.03 22.21
C ALA B 478 9.57 10.33 22.91
N TYR B 479 8.74 9.31 23.04
CA TYR B 479 7.44 9.47 23.68
C TYR B 479 7.47 8.58 24.92
N GLN B 480 7.29 9.20 26.09
CA GLN B 480 7.35 8.47 27.34
C GLN B 480 6.01 8.39 28.09
N ALA B 481 5.56 7.17 28.33
CA ALA B 481 4.33 6.90 29.07
C ALA B 481 3.05 7.43 28.45
N LEU B 482 3.03 7.62 27.13
CA LEU B 482 1.81 8.11 26.48
C LEU B 482 0.80 6.98 26.32
N PRO B 483 -0.50 7.30 26.43
CA PRO B 483 -1.51 6.24 26.26
C PRO B 483 -1.60 5.87 24.78
N GLU B 484 -2.00 4.63 24.51
CA GLU B 484 -2.11 4.15 23.14
C GLU B 484 -2.82 5.11 22.18
N SER B 485 -3.94 5.68 22.60
CA SER B 485 -4.69 6.57 21.74
C SER B 485 -3.99 7.87 21.35
N LEU B 486 -3.00 8.27 22.13
CA LEU B 486 -2.26 9.50 21.84
C LEU B 486 -0.93 9.26 21.10
N LEU B 487 -0.53 8.00 20.96
CA LEU B 487 0.71 7.67 20.27
C LEU B 487 0.51 7.63 18.77
N PRO B 488 1.54 8.00 17.99
CA PRO B 488 1.39 7.95 16.53
C PRO B 488 1.25 6.48 16.15
N ASP B 489 0.59 6.21 15.02
CA ASP B 489 0.38 4.85 14.55
C ASP B 489 1.64 3.98 14.51
N SER B 490 2.75 4.58 14.09
CA SER B 490 4.01 3.88 13.98
C SER B 490 4.49 3.30 15.32
N LEU B 491 4.07 3.92 16.42
CA LEU B 491 4.49 3.47 17.74
C LEU B 491 3.41 2.80 18.59
N LYS B 492 2.21 2.63 18.03
CA LYS B 492 1.14 1.97 18.79
C LYS B 492 1.53 0.51 19.10
N ALA B 493 1.13 0.03 20.27
CA ALA B 493 1.45 -1.32 20.70
C ALA B 493 1.15 -2.40 19.67
N GLU B 494 0.00 -2.28 19.02
CA GLU B 494 -0.40 -3.29 18.03
C GLU B 494 0.33 -3.18 16.69
N ASN B 495 0.99 -2.04 16.46
CA ASN B 495 1.72 -1.83 15.20
C ASN B 495 0.77 -1.95 14.02
N PRO B 496 -0.27 -1.10 13.99
CA PRO B 496 -1.26 -1.09 12.92
C PRO B 496 -0.72 -0.89 11.52
N LEU B 497 0.45 -0.27 11.41
CA LEU B 497 1.06 -0.03 10.11
C LEU B 497 1.89 -1.23 9.66
N GLU B 498 2.17 -2.13 10.60
CA GLU B 498 2.95 -3.33 10.31
C GLU B 498 4.34 -2.96 9.79
N ILE B 499 4.98 -1.98 10.42
CA ILE B 499 6.31 -1.56 10.02
C ILE B 499 7.37 -2.27 10.85
N ALA B 500 8.62 -2.17 10.42
CA ALA B 500 9.73 -2.79 11.13
C ALA B 500 10.03 -1.91 12.34
N ARG B 501 10.18 -2.53 13.51
CA ARG B 501 10.46 -1.80 14.74
C ARG B 501 11.49 -2.55 15.57
N ALA B 502 12.38 -1.81 16.23
CA ALA B 502 13.40 -2.41 17.07
C ALA B 502 12.97 -2.38 18.53
N VAL B 503 12.87 -3.54 19.16
CA VAL B 503 12.47 -3.60 20.55
C VAL B 503 13.63 -4.05 21.44
N ASP B 504 13.89 -3.27 22.49
CA ASP B 504 14.96 -3.56 23.42
C ASP B 504 16.27 -4.01 22.78
N GLY B 505 16.68 -3.32 21.72
CA GLY B 505 17.92 -3.68 21.05
C GLY B 505 17.86 -4.80 20.02
N LYS B 506 16.78 -5.58 20.01
CA LYS B 506 16.65 -6.66 19.03
C LYS B 506 16.78 -6.14 17.62
N ALA B 507 17.18 -6.98 16.68
CA ALA B 507 17.30 -6.52 15.31
C ALA B 507 15.88 -6.01 15.03
N ALA B 508 15.75 -4.94 14.28
CA ALA B 508 14.44 -4.38 14.01
C ALA B 508 13.41 -5.43 13.61
N ASN C 7 52.66 26.51 36.13
CA ASN C 7 51.26 27.05 36.07
C ASN C 7 50.28 25.90 36.34
N VAL C 8 49.64 25.94 37.51
CA VAL C 8 48.70 24.94 37.95
C VAL C 8 47.48 25.63 38.54
N PHE C 9 46.46 24.85 38.87
CA PHE C 9 45.26 25.43 39.47
C PHE C 9 44.66 24.40 40.44
N TYR C 10 43.78 24.87 41.31
CA TYR C 10 43.16 23.98 42.29
C TYR C 10 41.65 23.97 42.15
N ALA C 11 41.04 22.88 42.59
CA ALA C 11 39.60 22.76 42.56
C ALA C 11 39.06 23.55 43.74
N THR C 12 37.82 24.00 43.66
CA THR C 12 37.21 24.77 44.73
C THR C 12 36.27 23.90 45.56
N ASN C 13 36.43 23.97 46.89
CA ASN C 13 35.56 23.23 47.80
C ASN C 13 34.19 23.85 47.60
N ALA C 14 33.23 23.07 47.13
CA ALA C 14 31.88 23.56 46.87
C ALA C 14 31.16 24.11 48.11
N PHE C 15 31.55 23.63 49.29
CA PHE C 15 30.91 24.06 50.53
C PHE C 15 31.54 25.28 51.19
N THR C 16 32.83 25.51 50.96
CA THR C 16 33.51 26.63 51.60
C THR C 16 34.01 27.70 50.65
N GLY C 17 34.24 27.35 49.39
CA GLY C 17 34.73 28.33 48.44
C GLY C 17 36.25 28.43 48.50
N GLU C 18 36.86 27.62 49.37
CA GLU C 18 38.31 27.59 49.51
C GLU C 18 38.86 26.56 48.55
N ALA C 19 40.17 26.56 48.36
CA ALA C 19 40.82 25.59 47.48
C ALA C 19 40.97 24.25 48.18
N LEU C 20 40.79 23.18 47.42
CA LEU C 20 40.95 21.83 47.92
C LEU C 20 42.38 21.39 47.61
N PRO C 21 42.89 20.38 48.32
CA PRO C 21 44.26 19.91 48.09
C PRO C 21 44.41 19.31 46.69
N LEU C 22 45.66 19.15 46.26
CA LEU C 22 46.02 18.59 44.96
C LEU C 22 45.96 19.65 43.87
N ALA C 23 47.11 19.92 43.26
CA ALA C 23 47.19 20.90 42.18
C ALA C 23 47.02 20.17 40.85
N PHE C 24 46.44 20.85 39.89
CA PHE C 24 46.24 20.26 38.57
C PHE C 24 46.93 21.15 37.55
N PRO C 25 47.45 20.54 36.47
CA PRO C 25 48.14 21.32 35.44
C PRO C 25 47.22 22.18 34.58
N VAL C 26 47.78 23.27 34.06
CA VAL C 26 47.05 24.18 33.18
C VAL C 26 47.58 23.90 31.79
N HIS C 27 46.91 22.99 31.08
CA HIS C 27 47.33 22.62 29.73
C HIS C 27 47.06 23.72 28.72
N THR C 28 47.83 23.71 27.64
CA THR C 28 47.72 24.72 26.59
C THR C 28 47.71 24.07 25.21
N GLU C 29 47.87 24.89 24.19
CA GLU C 29 47.86 24.42 22.81
C GLU C 29 48.91 23.34 22.61
N VAL C 30 50.01 23.44 23.36
CA VAL C 30 51.09 22.46 23.25
C VAL C 30 50.61 21.04 23.59
N GLU C 31 49.92 20.88 24.71
CA GLU C 31 49.43 19.56 25.10
C GLU C 31 48.31 19.12 24.16
N VAL C 32 47.56 20.09 23.63
CA VAL C 32 46.48 19.77 22.69
C VAL C 32 47.09 19.12 21.45
N ASN C 33 48.14 19.74 20.92
CA ASN C 33 48.83 19.21 19.75
C ASN C 33 49.36 17.81 20.00
N GLN C 34 50.05 17.62 21.12
CA GLN C 34 50.59 16.30 21.45
C GLN C 34 49.48 15.25 21.56
N ALA C 35 48.43 15.62 22.30
CA ALA C 35 47.30 14.72 22.49
C ALA C 35 46.59 14.38 21.18
N ALA C 36 46.24 15.39 20.39
CA ALA C 36 45.54 15.17 19.13
C ALA C 36 46.39 14.35 18.14
N THR C 37 47.68 14.65 18.08
CA THR C 37 48.59 13.93 17.19
C THR C 37 48.66 12.46 17.56
N ALA C 38 48.80 12.19 18.86
CA ALA C 38 48.87 10.80 19.33
C ALA C 38 47.54 10.07 19.08
N ALA C 39 46.42 10.77 19.27
CA ALA C 39 45.11 10.17 19.04
C ALA C 39 44.94 9.80 17.58
N ALA C 40 45.34 10.70 16.68
CA ALA C 40 45.23 10.44 15.24
C ALA C 40 46.06 9.22 14.86
N LYS C 41 47.22 9.08 15.48
CA LYS C 41 48.13 7.97 15.21
C LYS C 41 47.54 6.59 15.52
N VAL C 42 46.63 6.52 16.50
CA VAL C 42 46.02 5.24 16.87
C VAL C 42 44.57 5.10 16.41
N ALA C 43 44.05 6.13 15.75
CA ALA C 43 42.65 6.10 15.30
C ALA C 43 42.29 4.94 14.40
N ARG C 44 43.10 4.68 13.37
CA ARG C 44 42.84 3.60 12.43
C ARG C 44 42.82 2.23 13.09
N ASP C 45 43.82 1.95 13.92
CA ASP C 45 43.89 0.65 14.61
C ASP C 45 42.70 0.49 15.57
N PHE C 46 42.35 1.54 16.28
CA PHE C 46 41.26 1.49 17.24
C PHE C 46 39.91 1.13 16.59
N ARG C 47 39.60 1.73 15.45
CA ARG C 47 38.32 1.43 14.81
C ARG C 47 38.33 0.04 14.14
N ARG C 48 39.52 -0.49 13.86
CA ARG C 48 39.63 -1.79 13.24
C ARG C 48 39.72 -2.97 14.21
N LEU C 49 39.70 -2.67 15.51
CA LEU C 49 39.73 -3.72 16.52
C LEU C 49 38.47 -4.56 16.38
N ASN C 50 38.52 -5.82 16.81
CA ASN C 50 37.34 -6.67 16.74
C ASN C 50 36.29 -6.02 17.66
N ASN C 51 35.02 -6.17 17.30
CA ASN C 51 33.95 -5.61 18.12
C ASN C 51 34.05 -6.12 19.56
N SER C 52 34.35 -7.40 19.71
CA SER C 52 34.47 -8.02 21.03
C SER C 52 35.54 -7.35 21.87
N LYS C 53 36.64 -6.94 21.24
CA LYS C 53 37.74 -6.31 21.95
C LYS C 53 37.37 -4.92 22.46
N ARG C 54 36.78 -4.11 21.61
CA ARG C 54 36.40 -2.77 22.02
C ARG C 54 35.29 -2.87 23.05
N ALA C 55 34.44 -3.89 22.90
CA ALA C 55 33.36 -4.11 23.86
C ALA C 55 33.98 -4.45 25.22
N SER C 56 35.02 -5.28 25.20
CA SER C 56 35.68 -5.67 26.43
C SER C 56 36.27 -4.45 27.14
N LEU C 57 36.90 -3.57 26.36
CA LEU C 57 37.49 -2.36 26.92
C LEU C 57 36.45 -1.54 27.69
N LEU C 58 35.27 -1.35 27.11
CA LEU C 58 34.21 -0.58 27.74
C LEU C 58 33.81 -1.21 29.08
N ARG C 59 33.69 -2.54 29.11
CA ARG C 59 33.33 -3.22 30.34
C ARG C 59 34.44 -3.13 31.37
N THR C 60 35.68 -3.15 30.91
CA THR C 60 36.82 -3.05 31.81
C THR C 60 36.86 -1.66 32.42
N ILE C 61 36.53 -0.64 31.63
CA ILE C 61 36.51 0.71 32.15
C ILE C 61 35.43 0.79 33.24
N ALA C 62 34.29 0.16 32.99
CA ALA C 62 33.19 0.17 33.96
C ALA C 62 33.60 -0.46 35.27
N SER C 63 34.32 -1.58 35.21
CA SER C 63 34.79 -2.27 36.40
C SER C 63 35.82 -1.44 37.15
N GLU C 64 36.75 -0.85 36.40
CA GLU C 64 37.77 -0.03 37.04
C GLU C 64 37.15 1.16 37.77
N LEU C 65 36.09 1.74 37.20
CA LEU C 65 35.40 2.88 37.82
C LEU C 65 34.79 2.45 39.14
N GLU C 66 34.12 1.30 39.10
CA GLU C 66 33.47 0.77 40.29
C GLU C 66 34.46 0.49 41.42
N ALA C 67 35.67 0.06 41.04
CA ALA C 67 36.71 -0.24 42.01
C ALA C 67 37.22 1.01 42.72
N ARG C 68 37.11 2.16 42.09
CA ARG C 68 37.56 3.41 42.70
C ARG C 68 36.39 4.27 43.16
N SER C 69 35.20 3.66 43.22
CA SER C 69 34.00 4.38 43.61
C SER C 69 34.16 5.18 44.89
N ASP C 70 34.78 4.60 45.91
CA ASP C 70 35.00 5.31 47.17
C ASP C 70 35.71 6.64 46.94
N ASP C 71 36.85 6.59 46.25
CA ASP C 71 37.64 7.78 45.97
C ASP C 71 36.88 8.81 45.15
N ILE C 72 36.19 8.34 44.11
CA ILE C 72 35.43 9.22 43.23
C ILE C 72 34.35 9.96 44.01
N ILE C 73 33.56 9.22 44.77
CA ILE C 73 32.49 9.80 45.54
C ILE C 73 33.01 10.82 46.56
N ALA C 74 34.06 10.46 47.30
CA ALA C 74 34.61 11.36 48.31
C ALA C 74 35.11 12.67 47.68
N ARG C 75 35.80 12.58 46.55
CA ARG C 75 36.31 13.78 45.90
C ARG C 75 35.21 14.59 45.20
N ALA C 76 34.34 13.90 44.47
CA ALA C 76 33.25 14.58 43.76
C ALA C 76 32.34 15.34 44.71
N HIS C 77 32.11 14.77 45.89
CA HIS C 77 31.25 15.39 46.89
C HIS C 77 31.77 16.75 47.33
N LEU C 78 33.08 16.85 47.56
CA LEU C 78 33.67 18.11 47.98
C LEU C 78 33.81 19.11 46.83
N GLU C 79 34.01 18.62 45.62
CA GLU C 79 34.16 19.50 44.47
C GLU C 79 32.84 20.03 43.93
N THR C 80 31.75 19.31 44.17
CA THR C 80 30.44 19.69 43.64
C THR C 80 29.30 19.92 44.63
N ALA C 81 29.47 19.43 45.86
CA ALA C 81 28.46 19.55 46.90
C ALA C 81 27.25 18.64 46.65
N LEU C 82 27.36 17.77 45.66
CA LEU C 82 26.28 16.83 45.39
C LEU C 82 26.33 15.77 46.47
N PRO C 83 25.17 15.44 47.05
CA PRO C 83 25.11 14.43 48.11
C PRO C 83 25.69 13.08 47.68
N GLU C 84 26.33 12.43 48.64
CA GLU C 84 26.96 11.13 48.43
C GLU C 84 25.99 10.11 47.81
N VAL C 85 24.74 10.14 48.27
CA VAL C 85 23.71 9.23 47.77
C VAL C 85 23.53 9.39 46.28
N ARG C 86 23.57 10.64 45.84
CA ARG C 86 23.40 10.96 44.44
C ARG C 86 24.61 10.51 43.63
N LEU C 87 25.80 10.72 44.16
CA LEU C 87 27.02 10.35 43.49
C LEU C 87 27.20 8.84 43.36
N THR C 88 26.73 8.09 44.37
CA THR C 88 26.83 6.64 44.33
C THR C 88 25.95 6.12 43.20
N GLY C 89 24.77 6.74 43.05
CA GLY C 89 23.86 6.32 42.00
C GLY C 89 24.37 6.72 40.63
N GLU C 90 25.09 7.83 40.55
CA GLU C 90 25.62 8.28 39.26
C GLU C 90 26.77 7.41 38.78
N ILE C 91 27.56 6.87 39.71
CA ILE C 91 28.67 6.00 39.32
C ILE C 91 28.09 4.72 38.69
N ALA C 92 27.00 4.23 39.27
CA ALA C 92 26.33 3.03 38.77
C ALA C 92 25.75 3.32 37.39
N ARG C 93 25.16 4.51 37.23
CA ARG C 93 24.59 4.92 35.95
C ARG C 93 25.70 4.96 34.92
N THR C 94 26.82 5.57 35.30
CA THR C 94 27.97 5.69 34.42
C THR C 94 28.50 4.33 33.98
N ALA C 95 28.64 3.41 34.94
CA ALA C 95 29.15 2.08 34.67
C ALA C 95 28.20 1.29 33.78
N ASN C 96 26.91 1.32 34.10
CA ASN C 96 25.95 0.58 33.30
C ASN C 96 25.77 1.19 31.92
N GLN C 97 26.07 2.49 31.80
CA GLN C 97 25.98 3.17 30.51
C GLN C 97 27.09 2.62 29.61
N LEU C 98 28.30 2.49 30.16
CA LEU C 98 29.43 1.94 29.43
C LEU C 98 29.11 0.51 28.99
N ARG C 99 28.46 -0.25 29.86
CA ARG C 99 28.09 -1.64 29.55
C ARG C 99 27.03 -1.71 28.46
N LEU C 100 26.17 -0.71 28.39
CA LEU C 100 25.16 -0.69 27.35
C LEU C 100 25.88 -0.60 26.00
N PHE C 101 26.80 0.35 25.87
CA PHE C 101 27.51 0.50 24.61
C PHE C 101 28.39 -0.71 24.32
N ALA C 102 28.83 -1.40 25.37
CA ALA C 102 29.63 -2.60 25.17
C ALA C 102 28.73 -3.60 24.44
N ASP C 103 27.46 -3.68 24.84
CA ASP C 103 26.50 -4.59 24.20
C ASP C 103 26.27 -4.16 22.74
N VAL C 104 26.11 -2.86 22.53
CA VAL C 104 25.89 -2.32 21.20
C VAL C 104 27.03 -2.68 20.25
N VAL C 105 28.26 -2.38 20.67
CA VAL C 105 29.43 -2.68 19.85
C VAL C 105 29.52 -4.17 19.58
N ASN C 106 29.37 -4.98 20.62
CA ASN C 106 29.45 -6.42 20.48
C ASN C 106 28.45 -6.99 19.49
N SER C 107 27.25 -6.40 19.45
CA SER C 107 26.20 -6.87 18.55
C SER C 107 26.50 -6.51 17.09
N GLY C 108 27.37 -5.54 16.88
CA GLY C 108 27.71 -5.14 15.52
C GLY C 108 26.60 -4.42 14.79
N SER C 109 25.56 -4.01 15.53
CA SER C 109 24.43 -3.31 14.95
C SER C 109 24.84 -1.94 14.40
N TYR C 110 25.76 -1.28 15.10
CA TYR C 110 26.22 0.06 14.73
C TYR C 110 26.82 0.12 13.32
N HIS C 111 27.23 -1.03 12.79
CA HIS C 111 27.80 -1.06 11.44
C HIS C 111 26.74 -0.61 10.42
N GLN C 112 25.47 -0.88 10.70
CA GLN C 112 24.38 -0.55 9.78
C GLN C 112 24.68 -1.10 8.38
N ALA C 113 25.12 -2.36 8.33
CA ALA C 113 25.43 -2.98 7.06
C ALA C 113 24.22 -3.00 6.12
N ILE C 114 24.44 -2.50 4.90
CA ILE C 114 23.42 -2.46 3.87
C ILE C 114 24.02 -3.00 2.58
N LEU C 115 23.30 -3.90 1.90
CA LEU C 115 23.81 -4.50 0.66
C LEU C 115 22.85 -4.37 -0.52
N ASP C 116 23.37 -4.02 -1.70
CA ASP C 116 22.56 -3.95 -2.92
C ASP C 116 22.96 -5.19 -3.69
N THR C 117 22.01 -6.08 -3.98
CA THR C 117 22.35 -7.30 -4.73
C THR C 117 22.67 -6.92 -6.17
N PRO C 118 23.84 -7.35 -6.67
CA PRO C 118 24.23 -7.02 -8.04
C PRO C 118 23.38 -7.74 -9.08
N ASN C 119 23.41 -7.23 -10.30
CA ASN C 119 22.68 -7.81 -11.42
C ASN C 119 23.50 -7.52 -12.68
N PRO C 120 24.48 -8.39 -12.97
CA PRO C 120 25.37 -8.24 -14.14
C PRO C 120 24.72 -8.30 -15.51
N THR C 121 23.52 -8.86 -15.60
CA THR C 121 22.85 -8.96 -16.89
C THR C 121 21.78 -7.89 -17.09
N ARG C 122 21.88 -6.79 -16.36
CA ARG C 122 20.90 -5.71 -16.50
C ARG C 122 21.27 -4.85 -17.69
N ALA C 123 20.26 -4.48 -18.49
CA ALA C 123 20.46 -3.63 -19.65
C ALA C 123 19.78 -2.30 -19.35
N PRO C 124 20.31 -1.18 -19.87
CA PRO C 124 21.50 -1.01 -20.69
C PRO C 124 22.78 -1.32 -19.94
N LEU C 125 22.88 -0.79 -18.72
CA LEU C 125 24.05 -0.99 -17.87
C LEU C 125 23.77 -1.94 -16.70
N PRO C 126 24.73 -2.80 -16.36
CA PRO C 126 24.59 -3.76 -15.26
C PRO C 126 24.55 -3.08 -13.88
N LYS C 127 23.91 -3.75 -12.93
CA LYS C 127 23.82 -3.24 -11.57
C LYS C 127 25.01 -3.76 -10.77
N PRO C 128 25.87 -2.86 -10.29
CA PRO C 128 27.05 -3.25 -9.52
C PRO C 128 26.76 -3.74 -8.11
N ASP C 129 27.73 -4.43 -7.55
CA ASP C 129 27.65 -4.97 -6.20
C ASP C 129 28.06 -3.82 -5.27
N ILE C 130 27.13 -3.31 -4.48
CA ILE C 130 27.44 -2.21 -3.57
C ILE C 130 27.06 -2.56 -2.13
N ARG C 131 27.99 -2.33 -1.21
CA ARG C 131 27.79 -2.63 0.19
C ARG C 131 28.31 -1.47 1.02
N ARG C 132 27.58 -1.08 2.07
CA ARG C 132 28.03 0.02 2.92
C ARG C 132 27.93 -0.27 4.41
N GLN C 133 28.78 0.42 5.17
CA GLN C 133 28.79 0.26 6.63
C GLN C 133 29.24 1.60 7.21
N GLN C 134 29.11 1.74 8.52
CA GLN C 134 29.52 2.95 9.24
C GLN C 134 30.90 2.71 9.87
N ILE C 135 31.75 3.73 9.83
CA ILE C 135 33.07 3.63 10.46
C ILE C 135 33.31 4.92 11.23
N ALA C 136 34.21 4.86 12.22
CA ALA C 136 34.54 5.99 13.07
C ALA C 136 35.04 7.24 12.33
N LEU C 137 34.60 8.41 12.78
CA LEU C 137 35.01 9.68 12.18
C LEU C 137 36.48 9.98 12.48
N GLY C 138 36.93 9.55 13.66
CA GLY C 138 38.30 9.78 14.08
C GLY C 138 38.31 10.31 15.51
N PRO C 139 39.39 10.98 15.95
CA PRO C 139 39.44 11.50 17.32
C PRO C 139 38.29 12.46 17.65
N VAL C 140 37.73 12.30 18.85
CA VAL C 140 36.62 13.13 19.29
C VAL C 140 36.98 13.91 20.56
N ALA C 141 36.63 15.19 20.59
CA ALA C 141 36.87 16.03 21.75
C ALA C 141 35.59 16.05 22.58
N VAL C 142 35.72 15.90 23.90
CA VAL C 142 34.57 15.88 24.79
C VAL C 142 34.68 16.88 25.92
N PHE C 143 33.62 17.67 26.13
CA PHE C 143 33.55 18.65 27.22
C PHE C 143 32.46 18.11 28.15
N GLY C 144 32.84 17.77 29.38
CA GLY C 144 31.88 17.24 30.33
C GLY C 144 30.97 18.27 30.99
N ALA C 145 29.87 17.79 31.56
CA ALA C 145 28.90 18.65 32.23
C ALA C 145 29.28 18.87 33.69
N SER C 146 29.04 20.07 34.19
CA SER C 146 29.35 20.36 35.59
C SER C 146 28.33 19.73 36.54
N ASN C 147 27.06 19.69 36.13
CA ASN C 147 25.99 19.15 36.99
C ASN C 147 25.90 17.62 37.07
N PHE C 148 26.62 16.93 36.19
CA PHE C 148 26.67 15.46 36.19
C PHE C 148 28.14 15.09 35.99
N PRO C 149 28.97 15.34 37.02
CA PRO C 149 30.41 15.08 37.06
C PRO C 149 30.87 13.68 36.73
N LEU C 150 29.94 12.74 36.62
CA LEU C 150 30.32 11.37 36.30
C LEU C 150 29.64 10.85 35.01
N ALA C 151 28.31 10.80 35.01
CA ALA C 151 27.56 10.28 33.85
C ALA C 151 27.59 11.12 32.57
N PHE C 152 27.94 12.40 32.68
CA PHE C 152 28.03 13.27 31.52
C PHE C 152 29.40 13.94 31.45
N SER C 153 30.41 13.28 32.00
CA SER C 153 31.74 13.88 31.99
C SER C 153 32.86 13.02 31.42
N ALA C 154 33.99 12.96 32.12
CA ALA C 154 35.16 12.21 31.65
C ALA C 154 34.87 10.83 31.08
N ALA C 155 34.03 10.06 31.78
CA ALA C 155 33.68 8.74 31.29
C ALA C 155 32.17 8.69 31.03
N GLY C 156 31.61 9.85 30.76
CA GLY C 156 30.17 9.97 30.51
C GLY C 156 29.67 9.42 29.19
N GLY C 157 28.42 9.75 28.86
CA GLY C 157 27.81 9.28 27.63
C GLY C 157 28.52 9.60 26.33
N ASP C 158 29.10 10.79 26.22
CA ASP C 158 29.79 11.14 24.99
C ASP C 158 31.06 10.31 24.83
N THR C 159 31.85 10.20 25.90
CA THR C 159 33.07 9.42 25.86
C THR C 159 32.76 7.96 25.58
N ALA C 160 31.80 7.40 26.32
CA ALA C 160 31.42 6.00 26.17
C ALA C 160 30.96 5.67 24.75
N SER C 161 30.06 6.48 24.21
CA SER C 161 29.56 6.24 22.86
C SER C 161 30.63 6.45 21.80
N ALA C 162 31.54 7.39 22.01
CA ALA C 162 32.62 7.65 21.06
C ALA C 162 33.61 6.48 21.03
N LEU C 163 34.02 5.99 22.20
CA LEU C 163 34.95 4.87 22.26
C LEU C 163 34.27 3.66 21.62
N ALA C 164 32.98 3.50 21.87
CA ALA C 164 32.22 2.38 21.30
C ALA C 164 32.24 2.44 19.78
N ALA C 165 32.09 3.64 19.22
CA ALA C 165 32.09 3.83 17.77
C ALA C 165 33.47 3.57 17.17
N GLY C 166 34.49 3.59 18.02
CA GLY C 166 35.85 3.34 17.54
C GLY C 166 36.65 4.62 17.38
N CYS C 167 36.26 5.67 18.10
CA CYS C 167 36.97 6.96 18.04
C CYS C 167 37.80 7.21 19.27
N PRO C 168 39.05 7.66 19.08
CA PRO C 168 39.88 7.94 20.26
C PRO C 168 39.19 9.14 20.89
N VAL C 169 39.38 9.35 22.20
CA VAL C 169 38.74 10.47 22.86
C VAL C 169 39.70 11.38 23.64
N ILE C 170 39.51 12.68 23.50
CA ILE C 170 40.30 13.65 24.24
C ILE C 170 39.29 14.49 25.03
N VAL C 171 39.37 14.40 26.35
CA VAL C 171 38.45 15.14 27.20
C VAL C 171 39.05 16.43 27.75
N LYS C 172 38.35 17.54 27.58
CA LYS C 172 38.82 18.81 28.14
C LYS C 172 38.13 18.83 29.50
N GLY C 173 38.86 18.41 30.52
CA GLY C 173 38.31 18.35 31.86
C GLY C 173 37.64 19.62 32.36
N HIS C 174 36.45 19.49 32.91
CA HIS C 174 35.72 20.65 33.43
C HIS C 174 36.47 21.17 34.67
N THR C 175 36.69 22.48 34.72
CA THR C 175 37.39 23.05 35.87
C THR C 175 36.60 22.95 37.17
N ALA C 176 35.33 22.58 37.09
CA ALA C 176 34.50 22.45 38.29
C ALA C 176 34.78 21.17 39.09
N HIS C 177 35.37 20.16 38.47
CA HIS C 177 35.66 18.91 39.17
C HIS C 177 36.89 18.19 38.61
N PRO C 178 38.05 18.86 38.59
CA PRO C 178 39.31 18.28 38.07
C PRO C 178 39.78 17.03 38.80
N GLY C 179 39.58 16.99 40.12
CA GLY C 179 39.99 15.83 40.87
C GLY C 179 39.17 14.61 40.51
N THR C 180 37.87 14.80 40.30
CA THR C 180 36.98 13.71 39.93
C THR C 180 37.40 13.14 38.58
N SER C 181 37.62 14.02 37.61
CA SER C 181 38.03 13.61 36.27
C SER C 181 39.36 12.87 36.31
N GLN C 182 40.30 13.35 37.13
CA GLN C 182 41.61 12.71 37.23
C GLN C 182 41.48 11.25 37.66
N ILE C 183 40.68 11.01 38.69
CA ILE C 183 40.49 9.65 39.17
C ILE C 183 39.88 8.81 38.06
N VAL C 184 38.89 9.35 37.37
CA VAL C 184 38.23 8.64 36.28
C VAL C 184 39.25 8.34 35.17
N ALA C 185 40.13 9.30 34.88
CA ALA C 185 41.15 9.11 33.85
C ALA C 185 42.10 7.99 34.26
N GLU C 186 42.39 7.92 35.56
CA GLU C 186 43.28 6.88 36.07
C GLU C 186 42.65 5.50 35.88
N CYS C 187 41.33 5.44 36.01
CA CYS C 187 40.59 4.20 35.83
C CYS C 187 40.68 3.75 34.37
N ILE C 188 40.49 4.69 33.45
CA ILE C 188 40.55 4.38 32.02
C ILE C 188 41.97 3.96 31.66
N GLU C 189 42.95 4.62 32.26
CA GLU C 189 44.35 4.29 32.00
C GLU C 189 44.60 2.83 32.42
N GLN C 190 44.02 2.43 33.57
CA GLN C 190 44.19 1.07 34.05
C GLN C 190 43.53 0.08 33.12
N ALA C 191 42.34 0.43 32.63
CA ALA C 191 41.60 -0.43 31.72
C ALA C 191 42.37 -0.67 30.42
N LEU C 192 42.96 0.39 29.88
CA LEU C 192 43.72 0.28 28.65
C LEU C 192 44.95 -0.60 28.85
N LYS C 193 45.57 -0.51 30.03
CA LYS C 193 46.75 -1.35 30.32
C LYS C 193 46.32 -2.81 30.37
N GLN C 194 45.22 -3.09 31.06
CA GLN C 194 44.73 -4.45 31.18
C GLN C 194 44.36 -5.03 29.82
N GLU C 195 43.79 -4.20 28.96
CA GLU C 195 43.39 -4.65 27.63
C GLU C 195 44.58 -4.64 26.68
N GLN C 196 45.69 -4.08 27.16
CA GLN C 196 46.92 -3.96 26.38
C GLN C 196 46.65 -3.17 25.09
N LEU C 197 46.06 -1.98 25.25
CA LEU C 197 45.76 -1.11 24.13
C LEU C 197 46.48 0.21 24.36
N PRO C 198 46.75 0.97 23.27
CA PRO C 198 47.44 2.26 23.34
C PRO C 198 46.78 3.26 24.30
N GLN C 199 47.60 3.94 25.09
CA GLN C 199 47.09 4.94 26.03
C GLN C 199 46.48 6.13 25.28
N ALA C 200 46.94 6.35 24.05
CA ALA C 200 46.45 7.46 23.24
C ALA C 200 44.97 7.32 22.87
N ILE C 201 44.37 6.19 23.22
CA ILE C 201 42.96 5.97 22.95
C ILE C 201 42.12 6.95 23.75
N PHE C 202 42.61 7.32 24.93
CA PHE C 202 41.91 8.26 25.79
C PHE C 202 42.89 9.20 26.47
N THR C 203 42.59 10.49 26.42
CA THR C 203 43.44 11.48 27.06
C THR C 203 42.63 12.56 27.75
N LEU C 204 43.01 12.87 28.98
CA LEU C 204 42.32 13.90 29.74
C LEU C 204 43.22 15.13 29.81
N LEU C 205 42.70 16.28 29.40
CA LEU C 205 43.46 17.52 29.48
C LEU C 205 42.79 18.36 30.57
N GLN C 206 43.58 19.12 31.31
CA GLN C 206 43.05 19.97 32.39
C GLN C 206 43.52 21.40 32.23
N GLY C 207 42.80 22.33 32.84
CA GLY C 207 43.21 23.73 32.75
C GLY C 207 42.06 24.70 32.85
N ASN C 208 42.30 25.84 33.48
CA ASN C 208 41.26 26.85 33.65
C ASN C 208 41.40 28.02 32.67
N GLN C 209 42.26 27.86 31.67
CA GLN C 209 42.43 28.88 30.64
C GLN C 209 41.65 28.42 29.41
N ARG C 210 40.63 29.20 29.04
CA ARG C 210 39.77 28.88 27.90
C ARG C 210 40.48 28.62 26.57
N ALA C 211 41.69 29.14 26.41
CA ALA C 211 42.44 28.93 25.18
C ALA C 211 42.59 27.43 24.94
N LEU C 212 42.55 26.65 26.01
CA LEU C 212 42.67 25.20 25.92
C LEU C 212 41.54 24.59 25.09
N GLY C 213 40.30 24.83 25.52
CA GLY C 213 39.15 24.29 24.81
C GLY C 213 39.04 24.74 23.36
N GLN C 214 39.38 26.00 23.11
CA GLN C 214 39.31 26.55 21.77
C GLN C 214 40.33 25.88 20.84
N ALA C 215 41.54 25.65 21.34
CA ALA C 215 42.56 25.01 20.53
C ALA C 215 42.16 23.56 20.22
N LEU C 216 41.55 22.90 21.20
CA LEU C 216 41.11 21.51 21.03
C LEU C 216 40.02 21.41 19.94
N VAL C 217 39.05 22.30 20.01
CA VAL C 217 37.96 22.29 19.04
C VAL C 217 38.45 22.65 17.64
N SER C 218 39.49 23.47 17.56
CA SER C 218 40.04 23.91 16.28
C SER C 218 41.16 23.04 15.72
N HIS C 219 41.61 22.05 16.48
CA HIS C 219 42.70 21.21 15.98
C HIS C 219 42.28 20.35 14.80
N PRO C 220 43.01 20.47 13.68
CA PRO C 220 42.70 19.70 12.47
C PRO C 220 42.58 18.18 12.63
N GLU C 221 43.20 17.60 13.65
CA GLU C 221 43.10 16.15 13.84
C GLU C 221 41.83 15.75 14.61
N ILE C 222 41.16 16.73 15.23
CA ILE C 222 39.91 16.47 15.96
C ILE C 222 38.79 16.42 14.89
N LYS C 223 37.99 15.35 14.90
CA LYS C 223 36.94 15.17 13.89
C LYS C 223 35.48 15.34 14.31
N ALA C 224 35.26 15.59 15.59
CA ALA C 224 33.91 15.82 16.11
C ALA C 224 34.02 16.28 17.56
N VAL C 225 32.96 16.92 18.06
CA VAL C 225 32.94 17.40 19.43
C VAL C 225 31.66 17.05 20.17
N GLY C 226 31.82 16.72 21.45
CA GLY C 226 30.69 16.41 22.32
C GLY C 226 30.74 17.48 23.40
N PHE C 227 29.64 18.20 23.62
CA PHE C 227 29.61 19.27 24.61
C PHE C 227 28.31 19.32 25.41
N THR C 228 28.45 19.60 26.70
CA THR C 228 27.31 19.71 27.58
C THR C 228 27.59 20.92 28.48
N GLY C 229 26.83 21.98 28.32
CA GLY C 229 27.05 23.18 29.11
C GLY C 229 26.16 24.36 28.76
N SER C 230 26.67 25.57 28.98
CA SER C 230 25.92 26.80 28.72
C SER C 230 25.77 27.14 27.25
N VAL C 231 24.73 27.92 26.95
CA VAL C 231 24.45 28.36 25.59
C VAL C 231 25.55 29.27 25.10
N GLY C 232 26.01 30.16 25.99
CA GLY C 232 27.04 31.11 25.62
C GLY C 232 28.33 30.45 25.17
N GLY C 233 28.88 29.62 26.04
CA GLY C 233 30.12 28.93 25.70
C GLY C 233 29.90 27.89 24.62
N GLY C 234 28.79 27.17 24.73
CA GLY C 234 28.47 26.13 23.76
C GLY C 234 28.36 26.66 22.34
N ARG C 235 27.64 27.77 22.17
CA ARG C 235 27.48 28.34 20.84
C ARG C 235 28.82 28.88 20.32
N ALA C 236 29.62 29.44 21.22
CA ALA C 236 30.92 29.97 20.83
C ALA C 236 31.78 28.86 20.26
N LEU C 237 31.84 27.73 20.96
CA LEU C 237 32.64 26.59 20.51
C LEU C 237 32.05 25.97 19.25
N PHE C 238 30.72 25.99 19.15
CA PHE C 238 30.05 25.45 17.97
C PHE C 238 30.48 26.26 16.75
N ASN C 239 30.47 27.58 16.88
CA ASN C 239 30.85 28.47 15.78
C ASN C 239 32.30 28.21 15.38
N LEU C 240 33.14 27.99 16.37
CA LEU C 240 34.55 27.73 16.13
C LEU C 240 34.67 26.44 15.30
N ALA C 241 33.91 25.43 15.67
CA ALA C 241 33.94 24.14 14.97
C ALA C 241 33.52 24.27 13.51
N HIS C 242 32.64 25.23 13.19
CA HIS C 242 32.21 25.36 11.82
C HIS C 242 32.91 26.40 10.98
N GLU C 243 33.90 27.06 11.56
CA GLU C 243 34.67 28.04 10.81
C GLU C 243 36.01 27.40 10.43
N ARG C 244 36.24 26.17 10.89
CA ARG C 244 37.47 25.42 10.59
C ARG C 244 37.60 25.18 9.08
N PRO C 245 38.83 24.98 8.58
CA PRO C 245 39.01 24.73 7.16
C PRO C 245 38.15 23.52 6.78
N GLU C 246 38.07 22.56 7.70
CA GLU C 246 37.25 21.37 7.55
C GLU C 246 36.25 21.37 8.71
N PRO C 247 35.01 21.81 8.46
CA PRO C 247 33.99 21.84 9.53
C PRO C 247 33.76 20.45 10.08
N ILE C 248 33.50 20.37 11.38
CA ILE C 248 33.25 19.07 12.01
C ILE C 248 31.96 19.11 12.82
N PRO C 249 31.32 17.94 12.97
CA PRO C 249 30.06 17.84 13.73
C PRO C 249 30.29 18.29 15.17
N PHE C 250 29.37 19.08 15.69
CA PHE C 250 29.46 19.55 17.05
C PHE C 250 28.13 19.22 17.74
N TYR C 251 28.18 18.31 18.72
CA TYR C 251 26.97 17.92 19.44
C TYR C 251 26.91 18.52 20.84
N GLY C 252 26.29 19.68 20.94
CA GLY C 252 26.20 20.34 22.22
C GLY C 252 24.79 20.52 22.75
N GLU C 253 24.63 20.21 24.05
CA GLU C 253 23.36 20.37 24.72
C GLU C 253 23.55 21.70 25.45
N LEU C 254 22.88 22.74 24.99
CA LEU C 254 23.05 24.08 25.55
C LEU C 254 22.10 24.59 26.61
N GLY C 255 20.88 24.07 26.64
CA GLY C 255 19.95 24.53 27.65
C GLY C 255 18.51 24.38 27.20
N ALA C 256 17.58 24.51 28.15
CA ALA C 256 16.16 24.36 27.87
C ALA C 256 15.37 24.67 29.14
N ILE C 257 14.09 25.00 29.01
CA ILE C 257 13.28 25.27 30.19
C ILE C 257 12.20 24.21 30.37
N ASN C 258 12.24 23.19 29.51
CA ASN C 258 11.33 22.05 29.60
C ASN C 258 9.88 22.39 29.96
N PRO C 259 9.15 23.00 29.01
CA PRO C 259 7.75 23.40 29.24
C PRO C 259 6.83 22.26 29.67
N THR C 260 6.01 22.54 30.67
CA THR C 260 5.06 21.58 31.22
C THR C 260 3.64 22.16 31.14
N PHE C 261 2.70 21.40 30.58
CA PHE C 261 1.32 21.84 30.46
C PHE C 261 0.44 21.00 31.38
N ILE C 262 -0.24 21.66 32.32
CA ILE C 262 -1.09 20.97 33.28
C ILE C 262 -2.56 21.35 33.14
N PHE C 263 -3.39 20.37 32.79
CA PHE C 263 -4.81 20.59 32.61
C PHE C 263 -5.54 20.47 33.96
N PRO C 264 -6.67 21.16 34.11
CA PRO C 264 -7.44 21.14 35.36
C PRO C 264 -7.76 19.74 35.90
N SER C 265 -8.19 18.84 35.03
CA SER C 265 -8.54 17.50 35.48
C SER C 265 -7.36 16.77 36.09
N ALA C 266 -6.15 17.09 35.62
CA ALA C 266 -4.96 16.45 36.18
C ALA C 266 -4.75 16.92 37.61
N MET C 267 -5.01 18.19 37.88
CA MET C 267 -4.87 18.72 39.23
C MET C 267 -5.93 18.10 40.14
N ARG C 268 -7.13 17.87 39.61
CA ARG C 268 -8.19 17.28 40.41
C ARG C 268 -7.85 15.83 40.72
N ALA C 269 -7.34 15.12 39.71
CA ALA C 269 -6.98 13.72 39.87
C ALA C 269 -5.84 13.46 40.84
N LYS C 270 -4.88 14.38 40.94
CA LYS C 270 -3.76 14.18 41.86
C LYS C 270 -3.64 15.35 42.82
N ALA C 271 -4.09 15.14 44.06
CA ALA C 271 -4.06 16.16 45.09
C ALA C 271 -2.64 16.61 45.43
N ASP C 272 -1.67 15.75 45.20
CA ASP C 272 -0.29 16.08 45.51
C ASP C 272 0.52 16.49 44.27
N LEU C 273 -0.17 16.92 43.21
CA LEU C 273 0.54 17.32 42.00
C LEU C 273 1.51 18.47 42.27
N ALA C 274 1.09 19.44 43.07
CA ALA C 274 1.96 20.57 43.39
C ALA C 274 3.20 20.06 44.12
N ASP C 275 3.00 19.09 45.01
CA ASP C 275 4.10 18.51 45.78
C ASP C 275 5.10 17.86 44.81
N GLN C 276 4.57 17.14 43.83
CA GLN C 276 5.40 16.47 42.84
C GLN C 276 6.17 17.50 42.02
N PHE C 277 5.51 18.59 41.67
CA PHE C 277 6.13 19.64 40.88
C PHE C 277 7.34 20.20 41.61
N VAL C 278 7.15 20.57 42.87
CA VAL C 278 8.22 21.15 43.68
C VAL C 278 9.37 20.17 43.82
N ALA C 279 9.07 18.89 43.97
CA ALA C 279 10.11 17.87 44.11
C ALA C 279 10.94 17.79 42.83
N SER C 280 10.26 17.90 41.69
CA SER C 280 10.93 17.83 40.41
C SER C 280 11.83 19.04 40.16
N MET C 281 11.30 20.24 40.42
CA MET C 281 12.07 21.47 40.20
C MET C 281 13.18 21.69 41.22
N THR C 282 13.14 21.00 42.36
CA THR C 282 14.17 21.16 43.37
C THR C 282 15.10 19.95 43.44
N MET C 283 14.91 18.99 42.54
CA MET C 283 15.74 17.80 42.53
C MET C 283 17.19 18.23 42.25
N GLY C 284 18.11 17.74 43.07
CA GLY C 284 19.50 18.12 42.89
C GLY C 284 19.62 19.64 42.96
N CYS C 285 18.75 20.25 43.76
CA CYS C 285 18.69 21.69 43.93
C CYS C 285 18.44 22.37 42.58
N GLY C 286 17.61 21.71 41.78
CA GLY C 286 17.26 22.24 40.47
C GLY C 286 18.37 22.22 39.43
N GLN C 287 19.46 21.51 39.70
CA GLN C 287 20.57 21.48 38.75
C GLN C 287 20.48 20.33 37.74
N PHE C 288 19.31 20.19 37.14
CA PHE C 288 19.03 19.19 36.13
C PHE C 288 18.72 19.96 34.84
N CYS C 289 19.27 19.49 33.73
CA CYS C 289 19.02 20.14 32.46
C CYS C 289 17.56 19.94 32.03
N THR C 290 16.95 18.91 32.61
CA THR C 290 15.57 18.53 32.33
C THR C 290 14.58 19.09 33.36
N LYS C 291 15.06 19.97 34.24
CA LYS C 291 14.20 20.55 35.27
C LYS C 291 13.02 21.31 34.65
N PRO C 292 11.79 21.05 35.16
CA PRO C 292 10.64 21.77 34.60
C PRO C 292 10.76 23.26 34.95
N GLY C 293 11.16 24.07 33.97
CA GLY C 293 11.36 25.49 34.18
C GLY C 293 10.16 26.39 33.99
N VAL C 294 9.12 25.89 33.34
CA VAL C 294 7.92 26.69 33.15
C VAL C 294 6.71 25.78 33.06
N VAL C 295 5.67 26.14 33.82
CA VAL C 295 4.44 25.37 33.84
C VAL C 295 3.31 26.25 33.33
N PHE C 296 2.58 25.76 32.34
CA PHE C 296 1.44 26.49 31.81
C PHE C 296 0.17 25.81 32.35
N ALA C 297 -0.72 26.61 32.90
CA ALA C 297 -1.96 26.10 33.49
C ALA C 297 -3.10 27.06 33.21
N LEU C 298 -4.33 26.59 33.40
CA LEU C 298 -5.49 27.43 33.17
C LEU C 298 -5.85 28.26 34.40
N ASN C 299 -6.58 29.34 34.17
CA ASN C 299 -7.00 30.25 35.24
C ASN C 299 -8.25 29.72 35.95
N THR C 300 -8.10 28.61 36.67
CA THR C 300 -9.20 27.98 37.40
C THR C 300 -8.83 27.85 38.89
N PRO C 301 -9.81 27.50 39.75
CA PRO C 301 -9.51 27.34 41.18
C PRO C 301 -8.43 26.28 41.46
N GLU C 302 -8.43 25.20 40.69
CA GLU C 302 -7.43 24.15 40.88
C GLU C 302 -6.02 24.75 40.77
N THR C 303 -5.84 25.62 39.78
CA THR C 303 -4.54 26.26 39.55
C THR C 303 -4.14 27.18 40.70
N GLN C 304 -5.09 27.94 41.24
CA GLN C 304 -4.78 28.85 42.34
C GLN C 304 -4.35 28.03 43.56
N ALA C 305 -5.05 26.91 43.78
CA ALA C 305 -4.72 26.05 44.91
C ALA C 305 -3.34 25.42 44.68
N PHE C 306 -3.09 25.03 43.44
CA PHE C 306 -1.81 24.42 43.04
C PHE C 306 -0.69 25.41 43.38
N ILE C 307 -0.89 26.65 42.94
CA ILE C 307 0.08 27.71 43.18
C ILE C 307 0.34 27.94 44.67
N GLU C 308 -0.74 28.03 45.47
CA GLU C 308 -0.58 28.25 46.90
C GLU C 308 0.16 27.11 47.60
N THR C 309 -0.12 25.88 47.17
CA THR C 309 0.55 24.73 47.76
C THR C 309 2.03 24.75 47.41
N ALA C 310 2.32 25.00 46.13
CA ALA C 310 3.71 25.07 45.68
C ALA C 310 4.45 26.20 46.39
N GLN C 311 3.82 27.36 46.47
CA GLN C 311 4.42 28.51 47.15
C GLN C 311 4.77 28.20 48.60
N SER C 312 3.87 27.49 49.28
CA SER C 312 4.10 27.13 50.67
C SER C 312 5.28 26.18 50.82
N LEU C 313 5.41 25.22 49.89
CA LEU C 313 6.52 24.28 49.92
C LEU C 313 7.83 25.00 49.64
N ILE C 314 7.82 25.90 48.67
CA ILE C 314 9.01 26.67 48.34
C ILE C 314 9.52 27.43 49.56
N ARG C 315 8.61 28.10 50.28
CA ARG C 315 9.01 28.86 51.45
C ARG C 315 9.75 28.00 52.48
N GLN C 316 9.48 26.71 52.53
CA GLN C 316 10.10 25.81 53.50
C GLN C 316 11.32 25.04 53.01
N GLN C 317 11.76 25.28 51.77
CA GLN C 317 12.91 24.57 51.25
C GLN C 317 14.21 24.83 52.00
N SER C 318 15.01 23.78 52.15
CA SER C 318 16.29 23.88 52.82
C SER C 318 17.22 24.69 51.90
N PRO C 319 18.11 25.52 52.46
CA PRO C 319 19.05 26.31 51.65
C PRO C 319 19.82 25.39 50.71
N SER C 320 20.11 25.87 49.49
CA SER C 320 20.82 25.05 48.52
C SER C 320 22.25 25.51 48.26
N THR C 321 23.15 24.55 48.09
CA THR C 321 24.55 24.86 47.78
C THR C 321 24.75 24.42 46.33
N LEU C 322 24.97 25.38 45.44
CA LEU C 322 25.13 25.04 44.03
C LEU C 322 26.54 24.54 43.67
N LEU C 323 26.70 24.05 42.45
CA LEU C 323 27.94 23.45 41.95
C LEU C 323 29.23 24.29 41.96
N THR C 324 29.12 25.57 41.57
CA THR C 324 30.28 26.45 41.52
C THR C 324 29.89 27.86 41.94
N PRO C 325 30.87 28.68 42.35
CA PRO C 325 30.53 30.05 42.76
C PRO C 325 30.02 30.86 41.57
N GLY C 326 30.38 30.43 40.37
CA GLY C 326 29.93 31.13 39.16
C GLY C 326 28.46 30.86 38.94
N ILE C 327 28.06 29.60 39.12
CA ILE C 327 26.67 29.19 38.96
C ILE C 327 25.84 29.85 40.05
N ARG C 328 26.37 29.87 41.28
CA ARG C 328 25.67 30.50 42.40
C ARG C 328 25.43 31.98 42.07
N ASP C 329 26.51 32.68 41.74
CA ASP C 329 26.45 34.09 41.41
C ASP C 329 25.43 34.35 40.31
N SER C 330 25.46 33.51 39.30
CA SER C 330 24.54 33.70 38.19
C SER C 330 23.10 33.48 38.62
N TYR C 331 22.87 32.45 39.43
CA TYR C 331 21.52 32.17 39.90
C TYR C 331 20.96 33.32 40.72
N GLN C 332 21.67 33.71 41.76
CA GLN C 332 21.21 34.78 42.63
C GLN C 332 20.93 36.06 41.84
N SER C 333 21.87 36.41 40.98
CA SER C 333 21.75 37.61 40.17
C SER C 333 20.55 37.60 39.24
N GLN C 334 20.30 36.46 38.62
CA GLN C 334 19.19 36.33 37.70
C GLN C 334 17.80 36.24 38.35
N VAL C 335 17.69 35.54 39.48
CA VAL C 335 16.38 35.41 40.12
C VAL C 335 15.94 36.76 40.70
N VAL C 336 16.90 37.54 41.19
CA VAL C 336 16.59 38.85 41.74
C VAL C 336 16.16 39.77 40.60
N SER C 337 16.94 39.74 39.52
CA SER C 337 16.66 40.55 38.35
C SER C 337 15.27 40.29 37.79
N ARG C 338 14.92 39.02 37.63
CA ARG C 338 13.61 38.66 37.10
C ARG C 338 12.46 39.04 38.03
N GLY C 339 12.66 38.85 39.33
CA GLY C 339 11.61 39.16 40.28
C GLY C 339 11.29 40.65 40.40
N SER C 340 12.25 41.49 39.99
CA SER C 340 12.05 42.94 40.06
C SER C 340 11.37 43.45 38.79
N ASP C 341 11.07 42.56 37.85
CA ASP C 341 10.39 42.93 36.62
C ASP C 341 8.91 43.10 36.96
N ASP C 342 8.19 43.87 36.16
CA ASP C 342 6.77 44.08 36.41
C ASP C 342 5.91 42.96 35.87
N GLY C 343 4.80 42.71 36.55
CA GLY C 343 3.89 41.66 36.12
C GLY C 343 4.27 40.26 36.54
N ILE C 344 5.19 40.13 37.48
CA ILE C 344 5.61 38.82 37.94
C ILE C 344 5.78 38.78 39.44
N ASP C 345 5.19 37.77 40.07
CA ASP C 345 5.31 37.59 41.51
C ASP C 345 6.34 36.51 41.75
N VAL C 346 7.00 36.57 42.88
CA VAL C 346 8.02 35.59 43.21
C VAL C 346 7.97 35.24 44.69
N THR C 347 8.19 33.96 44.98
CA THR C 347 8.21 33.45 46.35
C THR C 347 9.58 32.83 46.58
N PHE C 348 10.27 33.28 47.63
CA PHE C 348 11.60 32.77 47.95
C PHE C 348 11.60 31.98 49.25
N SER C 349 12.54 31.04 49.35
CA SER C 349 12.69 30.26 50.56
C SER C 349 13.69 31.07 51.39
N GLN C 350 13.99 30.61 52.60
CA GLN C 350 14.95 31.30 53.48
C GLN C 350 16.39 30.81 53.28
N ALA C 351 17.29 31.72 52.92
CA ALA C 351 18.67 31.33 52.72
C ALA C 351 19.63 32.50 52.79
N GLU C 352 20.86 32.21 53.23
CA GLU C 352 21.89 33.23 53.34
C GLU C 352 23.12 32.80 52.53
N SER C 353 23.55 33.71 51.65
CA SER C 353 24.71 33.49 50.78
C SER C 353 25.86 32.96 51.63
N PRO C 354 26.69 32.07 51.08
CA PRO C 354 26.64 31.51 49.72
C PRO C 354 25.47 30.58 49.36
N CYS C 355 24.72 30.09 50.35
CA CYS C 355 23.58 29.24 50.05
C CYS C 355 22.58 30.08 49.27
N VAL C 356 21.77 29.45 48.42
CA VAL C 356 20.77 30.19 47.65
C VAL C 356 19.37 29.72 48.01
N ALA C 357 18.40 30.59 47.76
CA ALA C 357 17.02 30.27 48.07
C ALA C 357 16.31 29.73 46.83
N SER C 358 15.36 28.83 47.05
CA SER C 358 14.58 28.28 45.95
C SER C 358 13.59 29.39 45.63
N ALA C 359 13.08 29.43 44.41
CA ALA C 359 12.14 30.47 44.02
C ALA C 359 11.06 29.96 43.08
N LEU C 360 9.86 30.50 43.24
CA LEU C 360 8.75 30.13 42.38
C LEU C 360 8.13 31.43 41.86
N PHE C 361 8.20 31.62 40.54
CA PHE C 361 7.62 32.81 39.94
C PHE C 361 6.23 32.49 39.40
N VAL C 362 5.36 33.51 39.40
CA VAL C 362 4.00 33.36 38.91
C VAL C 362 3.68 34.58 38.05
N THR C 363 3.03 34.34 36.91
CA THR C 363 2.66 35.42 36.00
C THR C 363 1.52 34.96 35.08
N SER C 364 1.05 35.87 34.23
CA SER C 364 -0.02 35.56 33.28
C SER C 364 0.57 35.34 31.90
N SER C 365 -0.21 34.74 31.01
CA SER C 365 0.26 34.50 29.65
C SER C 365 0.48 35.85 28.94
N GLU C 366 -0.26 36.87 29.35
CA GLU C 366 -0.13 38.19 28.75
C GLU C 366 1.28 38.74 29.00
N ASN C 367 1.68 38.74 30.27
CA ASN C 367 3.00 39.23 30.65
C ASN C 367 4.10 38.34 30.12
N TRP C 368 3.84 37.04 30.08
CA TRP C 368 4.81 36.10 29.56
C TRP C 368 5.09 36.49 28.11
N ARG C 369 4.03 36.82 27.38
CA ARG C 369 4.18 37.23 25.98
C ARG C 369 4.94 38.54 25.87
N LYS C 370 4.83 39.38 26.87
CA LYS C 370 5.50 40.67 26.86
C LYS C 370 6.99 40.61 27.26
N HIS C 371 7.39 39.54 27.95
CA HIS C 371 8.77 39.39 28.39
C HIS C 371 9.44 38.16 27.78
N PRO C 372 9.93 38.27 26.54
CA PRO C 372 10.60 37.16 25.86
C PRO C 372 11.78 36.59 26.64
N ALA C 373 12.43 37.45 27.42
CA ALA C 373 13.58 37.05 28.22
C ALA C 373 13.22 36.05 29.32
N TRP C 374 11.94 35.98 29.68
CA TRP C 374 11.52 35.06 30.74
C TRP C 374 11.66 33.60 30.32
N GLU C 375 11.74 33.34 29.01
CA GLU C 375 11.88 31.97 28.53
C GLU C 375 13.32 31.47 28.67
N GLU C 376 14.24 32.37 28.99
CA GLU C 376 15.63 31.98 29.14
C GLU C 376 15.83 31.24 30.46
N GLU C 377 16.59 30.16 30.39
CA GLU C 377 16.88 29.31 31.53
C GLU C 377 17.66 30.00 32.65
N ILE C 378 17.28 29.70 33.89
CA ILE C 378 18.00 30.20 35.07
C ILE C 378 18.33 28.93 35.84
N PHE C 379 19.57 28.49 35.71
CA PHE C 379 20.05 27.26 36.33
C PHE C 379 20.10 27.31 37.85
N GLY C 380 19.17 26.59 38.48
CA GLY C 380 19.08 26.56 39.92
C GLY C 380 17.67 26.13 40.34
N PRO C 381 17.39 26.07 41.65
CA PRO C 381 16.09 25.67 42.19
C PRO C 381 15.01 26.73 42.04
N GLN C 382 14.72 27.05 40.78
CA GLN C 382 13.75 28.09 40.44
C GLN C 382 12.85 27.62 39.30
N SER C 383 11.59 28.06 39.32
CA SER C 383 10.65 27.71 38.25
C SER C 383 9.56 28.77 38.10
N LEU C 384 8.86 28.72 36.98
CA LEU C 384 7.82 29.69 36.67
C LEU C 384 6.48 29.08 36.29
N ILE C 385 5.41 29.66 36.82
CA ILE C 385 4.06 29.21 36.50
C ILE C 385 3.38 30.31 35.70
N VAL C 386 2.86 29.95 34.53
CA VAL C 386 2.17 30.90 33.66
C VAL C 386 0.69 30.54 33.60
N VAL C 387 -0.14 31.43 34.14
CA VAL C 387 -1.59 31.22 34.16
C VAL C 387 -2.20 31.67 32.84
N CYS C 388 -2.83 30.74 32.13
CA CYS C 388 -3.42 31.05 30.83
C CYS C 388 -4.92 31.29 30.86
N GLU C 389 -5.39 32.08 29.90
CA GLU C 389 -6.78 32.44 29.79
C GLU C 389 -7.70 31.25 29.48
N ASN C 390 -7.21 30.34 28.65
CA ASN C 390 -7.96 29.16 28.25
C ASN C 390 -7.05 28.21 27.46
N VAL C 391 -7.60 27.08 27.02
CA VAL C 391 -6.80 26.11 26.29
C VAL C 391 -6.25 26.69 24.98
N ALA C 392 -7.06 27.47 24.28
CA ALA C 392 -6.62 28.10 23.04
C ALA C 392 -5.38 28.94 23.31
N ASP C 393 -5.39 29.64 24.44
CA ASP C 393 -4.27 30.50 24.84
C ASP C 393 -3.04 29.62 25.04
N MET C 394 -3.26 28.47 25.68
CA MET C 394 -2.22 27.51 25.96
C MET C 394 -1.60 26.98 24.65
N LEU C 395 -2.43 26.67 23.66
CA LEU C 395 -1.91 26.18 22.37
C LEU C 395 -1.12 27.25 21.64
N SER C 396 -1.65 28.47 21.59
CA SER C 396 -0.95 29.57 20.92
C SER C 396 0.44 29.69 21.50
N LEU C 397 0.52 29.56 22.82
CA LEU C 397 1.81 29.68 23.48
C LEU C 397 2.77 28.57 23.06
N SER C 398 2.26 27.35 22.93
CA SER C 398 3.11 26.24 22.54
C SER C 398 3.68 26.43 21.14
N GLU C 399 2.96 27.13 20.28
CA GLU C 399 3.40 27.38 18.90
C GLU C 399 4.67 28.21 18.81
N MET C 400 4.92 29.03 19.84
CA MET C 400 6.09 29.91 19.85
C MET C 400 7.26 29.49 20.75
N LEU C 401 7.17 28.30 21.33
CA LEU C 401 8.22 27.81 22.23
C LEU C 401 9.54 27.54 21.55
N ALA C 402 10.63 27.87 22.23
CA ALA C 402 11.96 27.62 21.72
C ALA C 402 12.24 26.13 21.89
N GLY C 403 13.32 25.66 21.26
CA GLY C 403 13.69 24.26 21.38
C GLY C 403 13.96 23.87 22.82
N SER C 404 13.61 22.63 23.17
CA SER C 404 13.79 22.16 24.53
C SER C 404 14.12 20.67 24.54
N LEU C 405 14.74 20.23 25.63
CA LEU C 405 15.08 18.82 25.74
C LEU C 405 13.79 18.02 25.89
N THR C 406 12.88 18.52 26.72
CA THR C 406 11.61 17.85 26.96
C THR C 406 10.42 18.81 26.94
N ALA C 407 9.23 18.21 26.96
CA ALA C 407 7.94 18.91 27.01
C ALA C 407 7.07 17.92 27.77
N THR C 408 6.37 18.41 28.79
CA THR C 408 5.55 17.53 29.60
C THR C 408 4.07 17.90 29.59
N ILE C 409 3.21 16.89 29.68
CA ILE C 409 1.77 17.11 29.70
C ILE C 409 1.16 16.30 30.84
N HIS C 410 0.34 16.96 31.66
CA HIS C 410 -0.36 16.31 32.75
C HIS C 410 -1.84 16.47 32.41
N ALA C 411 -2.52 15.35 32.16
CA ALA C 411 -3.94 15.40 31.81
C ALA C 411 -4.61 14.06 32.03
N THR C 412 -5.92 14.02 31.81
CA THR C 412 -6.69 12.79 31.93
C THR C 412 -7.48 12.65 30.64
N GLU C 413 -8.17 11.51 30.48
CA GLU C 413 -8.96 11.26 29.27
C GLU C 413 -9.88 12.42 28.87
N GLU C 414 -10.35 13.17 29.87
CA GLU C 414 -11.22 14.33 29.62
C GLU C 414 -10.58 15.28 28.60
N ASP C 415 -9.27 15.49 28.76
CA ASP C 415 -8.49 16.42 27.94
C ASP C 415 -7.91 15.91 26.63
N TYR C 416 -7.98 14.60 26.40
CA TYR C 416 -7.39 14.03 25.19
C TYR C 416 -7.68 14.81 23.91
N PRO C 417 -8.89 15.38 23.76
CA PRO C 417 -9.16 16.12 22.53
C PRO C 417 -8.19 17.30 22.36
N GLN C 418 -7.90 18.01 23.44
CA GLN C 418 -6.99 19.16 23.38
C GLN C 418 -5.53 18.70 23.38
N VAL C 419 -5.23 17.64 24.12
CA VAL C 419 -3.89 17.11 24.18
C VAL C 419 -3.45 16.63 22.80
N SER C 420 -4.38 16.04 22.06
CA SER C 420 -4.07 15.57 20.71
C SER C 420 -3.62 16.70 19.81
N GLN C 421 -4.09 17.92 20.07
CA GLN C 421 -3.72 19.08 19.28
C GLN C 421 -2.37 19.62 19.75
N LEU C 422 -2.12 19.46 21.04
CA LEU C 422 -0.88 19.95 21.63
C LEU C 422 0.36 19.11 21.30
N ILE C 423 0.20 17.80 21.26
CA ILE C 423 1.34 16.92 20.96
C ILE C 423 2.10 17.29 19.68
N PRO C 424 1.39 17.46 18.55
CA PRO C 424 2.07 17.81 17.30
C PRO C 424 2.91 19.08 17.43
N ARG C 425 2.45 19.99 18.29
CA ARG C 425 3.15 21.25 18.54
C ARG C 425 4.39 21.01 19.36
N LEU C 426 4.27 20.12 20.34
CA LEU C 426 5.38 19.82 21.22
C LEU C 426 6.43 18.92 20.54
N GLU C 427 5.99 18.08 19.60
CA GLU C 427 6.90 17.20 18.86
C GLU C 427 7.92 18.05 18.12
N GLU C 428 7.47 19.22 17.68
CA GLU C 428 8.31 20.14 16.93
C GLU C 428 9.33 20.93 17.74
N ILE C 429 9.15 20.99 19.05
CA ILE C 429 10.09 21.76 19.84
C ILE C 429 10.85 20.99 20.91
N ALA C 430 10.51 19.72 21.11
CA ALA C 430 11.19 18.93 22.15
C ALA C 430 11.69 17.59 21.64
N GLY C 431 12.76 17.10 22.26
CA GLY C 431 13.31 15.82 21.89
C GLY C 431 12.58 14.68 22.56
N ARG C 432 12.01 14.94 23.73
CA ARG C 432 11.27 13.92 24.48
C ARG C 432 9.98 14.47 25.13
N LEU C 433 8.88 13.77 24.89
CA LEU C 433 7.59 14.16 25.46
C LEU C 433 7.24 13.22 26.62
N VAL C 434 6.87 13.81 27.75
CA VAL C 434 6.52 13.02 28.93
C VAL C 434 5.04 13.22 29.26
N PHE C 435 4.32 12.12 29.50
CA PHE C 435 2.90 12.19 29.83
C PHE C 435 2.64 11.74 31.26
N ASN C 436 1.94 12.59 32.01
CA ASN C 436 1.60 12.33 33.40
C ASN C 436 2.78 11.84 34.24
N GLY C 437 3.90 12.54 34.10
CA GLY C 437 5.10 12.23 34.84
C GLY C 437 5.97 13.45 34.81
N TRP C 438 7.19 13.36 35.31
CA TRP C 438 8.08 14.52 35.31
C TRP C 438 9.31 14.25 34.44
N PRO C 439 9.81 15.30 33.76
CA PRO C 439 10.97 15.25 32.87
C PRO C 439 12.37 15.01 33.43
N THR C 440 12.58 15.20 34.72
CA THR C 440 13.92 15.03 35.28
C THR C 440 14.66 13.72 35.01
N GLY C 441 14.03 12.57 35.21
CA GLY C 441 14.73 11.31 34.96
C GLY C 441 15.00 10.99 33.49
N VAL C 442 16.20 10.51 33.18
CA VAL C 442 16.57 10.15 31.80
C VAL C 442 17.02 8.70 31.71
N GLU C 443 16.11 7.83 31.25
CA GLU C 443 16.40 6.41 31.12
C GLU C 443 17.46 6.12 30.06
N VAL C 444 18.52 5.42 30.47
CA VAL C 444 19.61 5.05 29.58
C VAL C 444 19.27 3.73 28.92
N GLY C 445 18.50 3.78 27.84
CA GLY C 445 18.13 2.57 27.14
C GLY C 445 18.34 2.64 25.64
N TYR C 446 17.42 2.05 24.88
CA TYR C 446 17.53 2.05 23.43
C TYR C 446 16.71 3.11 22.72
N ALA C 447 15.59 3.50 23.31
CA ALA C 447 14.68 4.47 22.70
C ALA C 447 14.87 5.92 23.07
N MET C 448 15.81 6.22 23.96
CA MET C 448 16.02 7.60 24.39
C MET C 448 16.41 8.62 23.33
N VAL C 449 15.90 9.83 23.52
CA VAL C 449 16.23 10.96 22.68
C VAL C 449 16.49 12.06 23.70
N HIS C 450 17.76 12.31 23.99
CA HIS C 450 18.13 13.36 24.92
C HIS C 450 18.78 14.41 24.05
N GLY C 451 18.01 15.45 23.74
CA GLY C 451 18.45 16.53 22.89
C GLY C 451 17.21 17.16 22.27
N GLY C 452 17.33 17.70 21.06
CA GLY C 452 16.19 18.31 20.41
C GLY C 452 16.53 19.56 19.64
N PRO C 453 15.52 20.33 19.18
CA PRO C 453 15.73 21.56 18.43
C PRO C 453 16.57 22.57 19.23
N TYR C 454 17.32 23.41 18.54
CA TYR C 454 18.16 24.42 19.16
C TYR C 454 17.28 25.27 20.08
N PRO C 455 17.79 25.64 21.27
CA PRO C 455 19.11 25.34 21.85
C PRO C 455 19.27 24.03 22.61
N ALA C 456 18.22 23.22 22.69
CA ALA C 456 18.31 21.94 23.41
C ALA C 456 19.54 21.18 22.94
N SER C 457 19.83 21.26 21.64
CA SER C 457 21.01 20.62 21.05
C SER C 457 21.40 21.40 19.80
N THR C 458 22.67 21.29 19.41
CA THR C 458 23.17 21.97 18.22
C THR C 458 22.96 21.06 17.00
N HIS C 459 22.46 19.85 17.25
CA HIS C 459 22.20 18.89 16.20
C HIS C 459 20.98 18.06 16.57
N SER C 460 19.80 18.62 16.33
CA SER C 460 18.53 17.95 16.68
C SER C 460 18.38 16.51 16.20
N ALA C 461 19.04 16.17 15.09
CA ALA C 461 18.96 14.82 14.54
C ALA C 461 19.89 13.84 15.24
N SER C 462 19.88 13.85 16.58
CA SER C 462 20.73 12.95 17.34
C SER C 462 20.31 12.93 18.79
N THR C 463 20.97 12.07 19.58
CA THR C 463 20.72 11.96 21.00
C THR C 463 22.07 11.80 21.69
N SER C 464 22.24 12.40 22.86
CA SER C 464 23.49 12.29 23.61
C SER C 464 23.42 11.18 24.65
N VAL C 465 22.24 10.59 24.80
CA VAL C 465 22.01 9.51 25.77
C VAL C 465 21.18 8.41 25.10
N GLY C 466 21.55 7.16 25.36
CA GLY C 466 20.84 6.05 24.76
C GLY C 466 21.71 5.37 23.71
N ALA C 467 21.33 4.14 23.33
CA ALA C 467 22.08 3.37 22.34
C ALA C 467 22.36 4.09 21.02
N GLU C 468 21.42 4.93 20.58
CA GLU C 468 21.58 5.64 19.32
C GLU C 468 22.64 6.76 19.36
N ALA C 469 23.14 7.06 20.55
CA ALA C 469 24.15 8.10 20.68
C ALA C 469 25.45 7.75 19.95
N ILE C 470 25.66 6.45 19.72
CA ILE C 470 26.87 5.99 19.04
C ILE C 470 26.96 6.47 17.58
N HIS C 471 25.82 6.65 16.95
CA HIS C 471 25.79 7.09 15.55
C HIS C 471 26.33 8.48 15.27
N ARG C 472 26.48 9.29 16.31
CA ARG C 472 26.99 10.65 16.15
C ARG C 472 28.47 10.66 15.73
N TRP C 473 29.17 9.58 16.04
CA TRP C 473 30.60 9.48 15.76
C TRP C 473 30.95 8.55 14.60
N LEU C 474 29.97 8.28 13.75
CA LEU C 474 30.17 7.39 12.63
C LEU C 474 29.74 8.01 11.29
N ARG C 475 30.35 7.55 10.20
CA ARG C 475 30.01 8.02 8.86
C ARG C 475 30.05 6.80 7.95
N PRO C 476 29.17 6.76 6.95
CA PRO C 476 29.12 5.62 6.03
C PRO C 476 30.13 5.66 4.88
N VAL C 477 30.48 4.46 4.41
CA VAL C 477 31.39 4.27 3.30
C VAL C 477 30.78 3.17 2.45
N ALA C 478 30.70 3.40 1.14
CA ALA C 478 30.16 2.38 0.24
C ALA C 478 31.33 1.69 -0.46
N TYR C 479 31.22 0.38 -0.59
CA TYR C 479 32.25 -0.42 -1.25
C TYR C 479 31.62 -1.04 -2.49
N GLN C 480 32.18 -0.71 -3.65
CA GLN C 480 31.64 -1.18 -4.93
C GLN C 480 32.56 -2.15 -5.68
N ALA C 481 32.05 -3.36 -5.92
CA ALA C 481 32.76 -4.40 -6.66
C ALA C 481 34.07 -4.90 -6.02
N LEU C 482 34.22 -4.76 -4.71
CA LEU C 482 35.43 -5.25 -4.07
C LEU C 482 35.36 -6.76 -3.90
N PRO C 483 36.51 -7.44 -4.02
CA PRO C 483 36.49 -8.91 -3.85
C PRO C 483 36.29 -9.24 -2.37
N GLU C 484 35.74 -10.42 -2.11
CA GLU C 484 35.49 -10.86 -0.74
C GLU C 484 36.65 -10.67 0.22
N SER C 485 37.86 -11.00 -0.20
CA SER C 485 39.02 -10.89 0.66
C SER C 485 39.42 -9.47 1.06
N LEU C 486 38.99 -8.47 0.28
CA LEU C 486 39.32 -7.07 0.59
C LEU C 486 38.18 -6.30 1.28
N LEU C 487 37.06 -6.97 1.50
CA LEU C 487 35.92 -6.32 2.16
C LEU C 487 35.98 -6.53 3.67
N PRO C 488 35.51 -5.56 4.46
CA PRO C 488 35.54 -5.73 5.91
C PRO C 488 34.63 -6.90 6.29
N ASP C 489 34.93 -7.55 7.41
CA ASP C 489 34.14 -8.70 7.87
C ASP C 489 32.63 -8.45 7.90
N SER C 490 32.25 -7.24 8.30
CA SER C 490 30.85 -6.86 8.39
C SER C 490 30.10 -6.95 7.07
N LEU C 491 30.83 -6.80 5.97
CA LEU C 491 30.21 -6.83 4.65
C LEU C 491 30.54 -8.06 3.79
N LYS C 492 31.27 -9.02 4.34
CA LYS C 492 31.59 -10.22 3.59
C LYS C 492 30.32 -11.01 3.28
N ALA C 493 30.28 -11.62 2.09
CA ALA C 493 29.12 -12.39 1.65
C ALA C 493 28.60 -13.38 2.69
N GLU C 494 29.53 -14.09 3.34
CA GLU C 494 29.21 -15.09 4.34
C GLU C 494 28.71 -14.53 5.68
N ASN C 495 28.92 -13.23 5.91
CA ASN C 495 28.53 -12.56 7.16
C ASN C 495 29.14 -13.32 8.33
N PRO C 496 30.48 -13.44 8.37
CA PRO C 496 31.20 -14.14 9.43
C PRO C 496 30.93 -13.61 10.84
N LEU C 497 30.53 -12.35 10.95
CA LEU C 497 30.24 -11.76 12.26
C LEU C 497 28.82 -12.05 12.71
N GLU C 498 27.98 -12.49 11.76
CA GLU C 498 26.59 -12.81 12.06
C GLU C 498 25.84 -11.59 12.58
N ILE C 499 26.06 -10.45 11.95
CA ILE C 499 25.39 -9.21 12.35
C ILE C 499 24.14 -8.98 11.51
N ALA C 500 23.31 -8.05 11.95
CA ALA C 500 22.09 -7.73 11.24
C ALA C 500 22.48 -6.88 10.03
N ARG C 501 21.96 -7.23 8.86
CA ARG C 501 22.26 -6.50 7.65
C ARG C 501 21.00 -6.34 6.80
N ALA C 502 20.87 -5.20 6.15
CA ALA C 502 19.71 -4.91 5.31
C ALA C 502 20.06 -5.16 3.85
N VAL C 503 19.34 -6.07 3.20
CA VAL C 503 19.59 -6.39 1.80
C VAL C 503 18.45 -5.89 0.91
N ASP C 504 18.80 -5.15 -0.13
CA ASP C 504 17.82 -4.61 -1.07
C ASP C 504 16.57 -4.03 -0.43
N GLY C 505 16.75 -3.26 0.64
CA GLY C 505 15.62 -2.65 1.31
C GLY C 505 14.90 -3.52 2.33
N LYS C 506 15.18 -4.82 2.33
CA LYS C 506 14.50 -5.72 3.24
C LYS C 506 14.49 -5.24 4.65
N ALA C 507 13.25 -5.43 5.13
CA ALA C 507 12.69 -5.10 6.42
C ALA C 507 13.67 -5.09 7.56
N ALA C 508 14.01 -3.88 7.98
CA ALA C 508 14.93 -3.69 9.08
C ALA C 508 16.34 -4.11 8.69
N ASN D 7 -49.11 -27.09 -38.06
CA ASN D 7 -50.03 -26.75 -36.94
C ASN D 7 -50.00 -25.27 -36.57
N VAL D 8 -51.17 -24.73 -36.23
CA VAL D 8 -51.28 -23.32 -35.87
C VAL D 8 -52.17 -23.19 -34.64
N PHE D 9 -52.19 -22.01 -34.04
CA PHE D 9 -53.04 -21.78 -32.89
C PHE D 9 -53.50 -20.33 -32.89
N TYR D 10 -54.55 -20.03 -32.13
CA TYR D 10 -55.08 -18.68 -32.07
C TYR D 10 -55.02 -18.11 -30.67
N ALA D 11 -54.98 -16.78 -30.59
CA ALA D 11 -54.96 -16.10 -29.31
C ALA D 11 -56.40 -16.08 -28.80
N THR D 12 -56.56 -15.98 -27.49
CA THR D 12 -57.89 -15.96 -26.89
C THR D 12 -58.31 -14.54 -26.52
N ASN D 13 -59.53 -14.18 -26.90
CA ASN D 13 -60.07 -12.87 -26.57
C ASN D 13 -60.23 -12.90 -25.05
N ALA D 14 -59.50 -12.04 -24.35
CA ALA D 14 -59.55 -12.01 -22.89
C ALA D 14 -60.92 -11.69 -22.32
N PHE D 15 -61.76 -11.01 -23.09
CA PHE D 15 -63.10 -10.65 -22.63
C PHE D 15 -64.19 -11.67 -22.91
N THR D 16 -64.02 -12.47 -23.96
CA THR D 16 -65.04 -13.45 -24.32
C THR D 16 -64.63 -14.91 -24.19
N GLY D 17 -63.33 -15.18 -24.25
CA GLY D 17 -62.87 -16.54 -24.14
C GLY D 17 -62.90 -17.21 -25.51
N GLU D 18 -63.28 -16.44 -26.52
CA GLU D 18 -63.34 -16.95 -27.90
C GLU D 18 -62.07 -16.59 -28.66
N ALA D 19 -61.76 -17.37 -29.68
CA ALA D 19 -60.56 -17.13 -30.46
C ALA D 19 -60.61 -15.81 -31.23
N LEU D 20 -59.47 -15.13 -31.28
CA LEU D 20 -59.34 -13.88 -32.01
C LEU D 20 -58.81 -14.22 -33.40
N PRO D 21 -59.00 -13.32 -34.37
CA PRO D 21 -58.51 -13.58 -35.73
C PRO D 21 -56.99 -13.67 -35.78
N LEU D 22 -56.49 -14.20 -36.90
CA LEU D 22 -55.06 -14.38 -37.15
C LEU D 22 -54.52 -15.63 -36.48
N ALA D 23 -54.02 -16.54 -37.30
CA ALA D 23 -53.47 -17.80 -36.80
C ALA D 23 -51.97 -17.61 -36.62
N PHE D 24 -51.40 -18.29 -35.65
CA PHE D 24 -49.97 -18.22 -35.38
C PHE D 24 -49.40 -19.62 -35.49
N PRO D 25 -48.14 -19.73 -35.94
CA PRO D 25 -47.50 -21.04 -36.09
C PRO D 25 -47.15 -21.71 -34.76
N VAL D 26 -47.12 -23.04 -34.78
CA VAL D 26 -46.75 -23.82 -33.61
C VAL D 26 -45.35 -24.34 -33.89
N HIS D 27 -44.35 -23.58 -33.46
CA HIS D 27 -42.96 -23.94 -33.69
C HIS D 27 -42.52 -25.13 -32.83
N THR D 28 -41.49 -25.83 -33.30
CA THR D 28 -40.97 -27.01 -32.62
C THR D 28 -39.46 -26.97 -32.53
N GLU D 29 -38.85 -28.09 -32.13
CA GLU D 29 -37.40 -28.19 -32.03
C GLU D 29 -36.72 -27.85 -33.35
N VAL D 30 -37.42 -28.07 -34.45
CA VAL D 30 -36.87 -27.77 -35.77
C VAL D 30 -36.57 -26.28 -35.91
N GLU D 31 -37.55 -25.44 -35.60
CA GLU D 31 -37.36 -23.98 -35.68
C GLU D 31 -36.38 -23.52 -34.61
N VAL D 32 -36.36 -24.19 -33.47
CA VAL D 32 -35.43 -23.84 -32.39
C VAL D 32 -34.01 -24.02 -32.90
N ASN D 33 -33.73 -25.20 -33.44
CA ASN D 33 -32.41 -25.51 -33.98
C ASN D 33 -32.03 -24.48 -35.03
N GLN D 34 -32.95 -24.18 -35.93
CA GLN D 34 -32.67 -23.21 -36.99
C GLN D 34 -32.37 -21.84 -36.41
N ALA D 35 -33.24 -21.36 -35.52
CA ALA D 35 -33.05 -20.05 -34.89
C ALA D 35 -31.75 -19.94 -34.09
N ALA D 36 -31.49 -20.93 -33.25
CA ALA D 36 -30.27 -20.93 -32.43
C ALA D 36 -29.00 -20.98 -33.27
N THR D 37 -29.04 -21.77 -34.35
CA THR D 37 -27.87 -21.89 -35.22
C THR D 37 -27.57 -20.55 -35.89
N ALA D 38 -28.61 -19.89 -36.40
CA ALA D 38 -28.43 -18.58 -37.04
C ALA D 38 -27.95 -17.53 -36.04
N ALA D 39 -28.50 -17.58 -34.82
CA ALA D 39 -28.10 -16.63 -33.78
C ALA D 39 -26.61 -16.80 -33.44
N ALA D 40 -26.18 -18.05 -33.29
CA ALA D 40 -24.79 -18.33 -32.98
C ALA D 40 -23.88 -17.79 -34.08
N LYS D 41 -24.33 -17.91 -35.33
CA LYS D 41 -23.57 -17.46 -36.49
C LYS D 41 -23.29 -15.95 -36.50
N VAL D 42 -24.17 -15.16 -35.89
CA VAL D 42 -24.00 -13.72 -35.85
C VAL D 42 -23.56 -13.17 -34.50
N ALA D 43 -23.45 -14.06 -33.51
CA ALA D 43 -23.08 -13.65 -32.16
C ALA D 43 -21.78 -12.85 -32.06
N ARG D 44 -20.72 -13.36 -32.68
CA ARG D 44 -19.43 -12.69 -32.62
C ARG D 44 -19.46 -11.29 -33.23
N ASP D 45 -20.03 -11.16 -34.43
CA ASP D 45 -20.10 -9.85 -35.07
C ASP D 45 -20.95 -8.87 -34.26
N PHE D 46 -22.05 -9.36 -33.69
CA PHE D 46 -22.93 -8.50 -32.92
C PHE D 46 -22.27 -7.90 -31.69
N ARG D 47 -21.49 -8.70 -30.95
CA ARG D 47 -20.84 -8.15 -29.76
C ARG D 47 -19.65 -7.28 -30.13
N ARG D 48 -19.16 -7.44 -31.36
CA ARG D 48 -18.01 -6.65 -31.81
C ARG D 48 -18.37 -5.32 -32.46
N LEU D 49 -19.66 -5.06 -32.64
CA LEU D 49 -20.13 -3.80 -33.24
C LEU D 49 -19.69 -2.64 -32.36
N ASN D 50 -19.55 -1.46 -32.93
CA ASN D 50 -19.18 -0.28 -32.14
C ASN D 50 -20.32 -0.05 -31.15
N ASN D 51 -20.01 0.46 -29.96
CA ASN D 51 -21.03 0.73 -28.98
C ASN D 51 -22.11 1.65 -29.56
N SER D 52 -21.66 2.66 -30.32
CA SER D 52 -22.59 3.61 -30.92
C SER D 52 -23.60 2.94 -31.86
N LYS D 53 -23.14 1.91 -32.56
CA LYS D 53 -24.02 1.20 -33.49
C LYS D 53 -25.08 0.37 -32.77
N ARG D 54 -24.67 -0.38 -31.76
CA ARG D 54 -25.64 -1.19 -31.03
C ARG D 54 -26.58 -0.27 -30.27
N ALA D 55 -26.06 0.87 -29.81
CA ALA D 55 -26.89 1.85 -29.10
C ALA D 55 -27.93 2.39 -30.08
N SER D 56 -27.51 2.66 -31.31
CA SER D 56 -28.42 3.16 -32.32
C SER D 56 -29.56 2.16 -32.57
N LEU D 57 -29.20 0.88 -32.67
CA LEU D 57 -30.18 -0.17 -32.89
C LEU D 57 -31.28 -0.14 -31.84
N LEU D 58 -30.87 -0.03 -30.58
CA LEU D 58 -31.82 0.01 -29.47
C LEU D 58 -32.78 1.20 -29.62
N ARG D 59 -32.25 2.37 -29.96
CA ARG D 59 -33.08 3.55 -30.13
C ARG D 59 -34.02 3.40 -31.34
N THR D 60 -33.52 2.75 -32.39
CA THR D 60 -34.32 2.53 -33.59
C THR D 60 -35.48 1.58 -33.27
N ILE D 61 -35.22 0.58 -32.42
CA ILE D 61 -36.27 -0.35 -32.03
C ILE D 61 -37.34 0.42 -31.27
N ALA D 62 -36.91 1.32 -30.40
CA ALA D 62 -37.82 2.12 -29.60
C ALA D 62 -38.74 2.96 -30.48
N SER D 63 -38.17 3.57 -31.51
CA SER D 63 -38.93 4.40 -32.43
C SER D 63 -39.91 3.58 -33.24
N GLU D 64 -39.47 2.42 -33.71
CA GLU D 64 -40.33 1.56 -34.51
C GLU D 64 -41.53 1.09 -33.70
N LEU D 65 -41.29 0.78 -32.42
CA LEU D 65 -42.35 0.36 -31.53
C LEU D 65 -43.39 1.48 -31.37
N GLU D 66 -42.91 2.70 -31.13
CA GLU D 66 -43.80 3.86 -30.97
C GLU D 66 -44.65 4.09 -32.22
N ALA D 67 -44.06 3.84 -33.38
CA ALA D 67 -44.76 4.04 -34.64
C ALA D 67 -45.92 3.05 -34.86
N ARG D 68 -45.85 1.89 -34.20
CA ARG D 68 -46.91 0.90 -34.32
C ARG D 68 -47.75 0.84 -33.04
N SER D 69 -47.57 1.84 -32.18
CA SER D 69 -48.28 1.88 -30.90
C SER D 69 -49.77 1.62 -31.06
N ASP D 70 -50.35 2.19 -32.11
CA ASP D 70 -51.77 2.01 -32.36
C ASP D 70 -52.11 0.53 -32.44
N ASP D 71 -51.45 -0.15 -33.35
CA ASP D 71 -51.68 -1.57 -33.57
C ASP D 71 -51.42 -2.42 -32.34
N ILE D 72 -50.32 -2.14 -31.65
CA ILE D 72 -49.95 -2.87 -30.45
C ILE D 72 -51.02 -2.78 -29.37
N ILE D 73 -51.44 -1.56 -29.08
CA ILE D 73 -52.45 -1.31 -28.06
C ILE D 73 -53.78 -2.00 -28.39
N ALA D 74 -54.25 -1.82 -29.61
CA ALA D 74 -55.51 -2.43 -30.03
C ALA D 74 -55.48 -3.95 -29.87
N ARG D 75 -54.39 -4.58 -30.30
CA ARG D 75 -54.28 -6.04 -30.20
C ARG D 75 -54.05 -6.50 -28.76
N ALA D 76 -53.13 -5.87 -28.05
CA ALA D 76 -52.82 -6.24 -26.68
C ALA D 76 -54.05 -6.14 -25.77
N HIS D 77 -54.89 -5.14 -26.01
CA HIS D 77 -56.11 -4.92 -25.23
C HIS D 77 -57.07 -6.10 -25.32
N LEU D 78 -57.25 -6.64 -26.53
CA LEU D 78 -58.15 -7.78 -26.71
C LEU D 78 -57.55 -9.09 -26.23
N GLU D 79 -56.23 -9.22 -26.34
CA GLU D 79 -55.54 -10.45 -25.91
C GLU D 79 -55.36 -10.57 -24.40
N THR D 80 -55.30 -9.42 -23.71
CA THR D 80 -55.04 -9.39 -22.27
C THR D 80 -56.10 -8.73 -21.38
N ALA D 81 -56.98 -7.92 -21.99
CA ALA D 81 -58.03 -7.21 -21.26
C ALA D 81 -57.47 -6.05 -20.43
N LEU D 82 -56.18 -5.74 -20.61
CA LEU D 82 -55.58 -4.61 -19.90
C LEU D 82 -56.07 -3.35 -20.58
N PRO D 83 -56.40 -2.28 -19.82
CA PRO D 83 -56.88 -1.03 -20.43
C PRO D 83 -55.93 -0.35 -21.41
N GLU D 84 -56.50 0.28 -22.44
CA GLU D 84 -55.70 0.97 -23.44
C GLU D 84 -54.78 2.03 -22.82
N VAL D 85 -55.23 2.65 -21.73
CA VAL D 85 -54.40 3.67 -21.09
C VAL D 85 -53.21 3.01 -20.37
N ARG D 86 -53.44 1.83 -19.79
CA ARG D 86 -52.36 1.10 -19.12
C ARG D 86 -51.38 0.64 -20.20
N LEU D 87 -51.90 0.17 -21.34
CA LEU D 87 -51.05 -0.28 -22.42
C LEU D 87 -50.29 0.88 -23.08
N THR D 88 -50.91 2.04 -23.16
CA THR D 88 -50.24 3.20 -23.74
C THR D 88 -49.05 3.58 -22.86
N GLY D 89 -49.22 3.49 -21.56
CA GLY D 89 -48.15 3.81 -20.64
C GLY D 89 -47.05 2.75 -20.69
N GLU D 90 -47.42 1.50 -20.93
CA GLU D 90 -46.43 0.43 -20.98
C GLU D 90 -45.57 0.52 -22.25
N ILE D 91 -46.14 1.00 -23.34
CA ILE D 91 -45.35 1.13 -24.57
C ILE D 91 -44.28 2.19 -24.35
N ALA D 92 -44.65 3.27 -23.66
CA ALA D 92 -43.72 4.35 -23.36
C ALA D 92 -42.62 3.81 -22.44
N ARG D 93 -43.00 3.01 -21.44
CA ARG D 93 -42.04 2.42 -20.51
C ARG D 93 -41.07 1.55 -21.31
N THR D 94 -41.62 0.73 -22.18
CA THR D 94 -40.83 -0.17 -23.01
C THR D 94 -39.83 0.59 -23.88
N ALA D 95 -40.30 1.64 -24.54
CA ALA D 95 -39.45 2.45 -25.41
C ALA D 95 -38.36 3.17 -24.61
N ASN D 96 -38.72 3.80 -23.50
CA ASN D 96 -37.73 4.51 -22.71
C ASN D 96 -36.75 3.54 -22.05
N GLN D 97 -37.19 2.31 -21.84
CA GLN D 97 -36.33 1.29 -21.25
C GLN D 97 -35.23 0.97 -22.25
N LEU D 98 -35.62 0.80 -23.51
CA LEU D 98 -34.67 0.51 -24.57
C LEU D 98 -33.67 1.66 -24.70
N ARG D 99 -34.15 2.89 -24.56
CA ARG D 99 -33.29 4.06 -24.67
C ARG D 99 -32.32 4.14 -23.50
N LEU D 100 -32.73 3.65 -22.33
CA LEU D 100 -31.85 3.66 -21.17
C LEU D 100 -30.64 2.79 -21.51
N PHE D 101 -30.89 1.57 -21.98
CA PHE D 101 -29.79 0.69 -22.31
C PHE D 101 -28.97 1.21 -23.48
N ALA D 102 -29.59 2.04 -24.33
CA ALA D 102 -28.86 2.63 -25.44
C ALA D 102 -27.82 3.56 -24.82
N ASP D 103 -28.21 4.29 -23.77
CA ASP D 103 -27.28 5.19 -23.09
C ASP D 103 -26.16 4.38 -22.43
N VAL D 104 -26.54 3.29 -21.78
CA VAL D 104 -25.57 2.44 -21.10
C VAL D 104 -24.51 1.92 -22.08
N VAL D 105 -24.96 1.33 -23.18
CA VAL D 105 -24.05 0.79 -24.18
C VAL D 105 -23.16 1.90 -24.73
N ASN D 106 -23.78 3.02 -25.08
CA ASN D 106 -23.03 4.14 -25.65
C ASN D 106 -21.94 4.65 -24.70
N SER D 107 -22.22 4.66 -23.40
CA SER D 107 -21.23 5.13 -22.42
C SER D 107 -20.05 4.18 -22.30
N GLY D 108 -20.24 2.92 -22.67
CA GLY D 108 -19.17 1.94 -22.56
C GLY D 108 -18.87 1.52 -21.13
N SER D 109 -19.76 1.87 -20.20
CA SER D 109 -19.58 1.52 -18.80
C SER D 109 -19.67 0.01 -18.58
N TYR D 110 -20.55 -0.65 -19.33
CA TYR D 110 -20.76 -2.08 -19.21
C TYR D 110 -19.49 -2.90 -19.43
N HIS D 111 -18.50 -2.31 -20.10
CA HIS D 111 -17.24 -2.99 -20.35
C HIS D 111 -16.56 -3.35 -19.03
N GLN D 112 -16.75 -2.49 -18.03
CA GLN D 112 -16.15 -2.66 -16.70
C GLN D 112 -14.63 -2.83 -16.83
N ALA D 113 -14.01 -2.01 -17.68
CA ALA D 113 -12.57 -2.08 -17.92
C ALA D 113 -11.75 -1.94 -16.64
N ILE D 114 -10.87 -2.91 -16.40
CA ILE D 114 -10.00 -2.90 -15.23
C ILE D 114 -8.56 -3.17 -15.70
N LEU D 115 -7.60 -2.39 -15.20
CA LEU D 115 -6.20 -2.54 -15.60
C LEU D 115 -5.24 -2.71 -14.43
N ASP D 116 -4.31 -3.65 -14.56
CA ASP D 116 -3.26 -3.84 -13.55
C ASP D 116 -2.01 -3.26 -14.20
N THR D 117 -1.42 -2.24 -13.59
CA THR D 117 -0.21 -1.64 -14.14
C THR D 117 0.95 -2.62 -14.00
N PRO D 118 1.64 -2.92 -15.11
CA PRO D 118 2.76 -3.85 -15.06
C PRO D 118 3.96 -3.30 -14.32
N ASN D 119 4.86 -4.19 -13.92
CA ASN D 119 6.08 -3.82 -13.21
C ASN D 119 7.12 -4.88 -13.58
N PRO D 120 7.80 -4.68 -14.73
CA PRO D 120 8.83 -5.60 -15.23
C PRO D 120 10.08 -5.80 -14.37
N THR D 121 10.35 -4.87 -13.46
CA THR D 121 11.52 -4.99 -12.61
C THR D 121 11.20 -5.52 -11.21
N ARG D 122 10.06 -6.20 -11.08
CA ARG D 122 9.69 -6.75 -9.77
C ARG D 122 10.40 -8.08 -9.54
N ALA D 123 10.94 -8.26 -8.34
CA ALA D 123 11.62 -9.50 -7.97
C ALA D 123 10.76 -10.21 -6.93
N PRO D 124 10.78 -11.55 -6.92
CA PRO D 124 11.50 -12.49 -7.78
C PRO D 124 11.02 -12.45 -9.22
N LEU D 125 9.69 -12.50 -9.38
CA LEU D 125 9.05 -12.48 -10.70
C LEU D 125 8.38 -11.15 -11.01
N PRO D 126 8.49 -10.69 -12.27
CA PRO D 126 7.89 -9.42 -12.69
C PRO D 126 6.36 -9.46 -12.73
N LYS D 127 5.76 -8.29 -12.58
CA LYS D 127 4.32 -8.16 -12.61
C LYS D 127 3.87 -7.91 -14.05
N PRO D 128 3.08 -8.83 -14.62
CA PRO D 128 2.60 -8.71 -15.99
C PRO D 128 1.52 -7.65 -16.19
N ASP D 129 1.35 -7.26 -17.45
CA ASP D 129 0.35 -6.27 -17.85
C ASP D 129 -0.95 -7.05 -18.01
N ILE D 130 -1.93 -6.81 -17.14
CA ILE D 130 -3.20 -7.51 -17.25
C ILE D 130 -4.37 -6.52 -17.34
N ARG D 131 -5.24 -6.76 -18.31
CA ARG D 131 -6.41 -5.90 -18.52
C ARG D 131 -7.63 -6.77 -18.76
N ARG D 132 -8.77 -6.40 -18.17
CA ARG D 132 -9.98 -7.19 -18.37
C ARG D 132 -11.22 -6.36 -18.70
N GLN D 133 -12.15 -6.99 -19.41
CA GLN D 133 -13.40 -6.35 -19.79
C GLN D 133 -14.48 -7.41 -19.85
N GLN D 134 -15.72 -6.96 -19.94
CA GLN D 134 -16.87 -7.86 -20.03
C GLN D 134 -17.28 -8.01 -21.50
N ILE D 135 -17.64 -9.22 -21.91
CA ILE D 135 -18.10 -9.47 -23.28
C ILE D 135 -19.35 -10.35 -23.20
N ALA D 136 -20.16 -10.30 -24.26
CA ALA D 136 -21.40 -11.06 -24.32
C ALA D 136 -21.23 -12.58 -24.23
N LEU D 137 -22.13 -13.21 -23.48
CA LEU D 137 -22.14 -14.65 -23.29
C LEU D 137 -22.48 -15.39 -24.59
N GLY D 138 -23.33 -14.77 -25.40
CA GLY D 138 -23.76 -15.39 -26.65
C GLY D 138 -25.28 -15.32 -26.76
N PRO D 139 -25.91 -16.12 -27.62
CA PRO D 139 -27.37 -16.08 -27.78
C PRO D 139 -28.12 -16.28 -26.46
N VAL D 140 -29.16 -15.48 -26.25
CA VAL D 140 -29.96 -15.55 -25.03
C VAL D 140 -31.43 -15.87 -25.35
N ALA D 141 -32.01 -16.79 -24.58
CA ALA D 141 -33.41 -17.15 -24.77
C ALA D 141 -34.22 -16.33 -23.77
N VAL D 142 -35.34 -15.77 -24.23
CA VAL D 142 -36.19 -14.95 -23.37
C VAL D 142 -37.65 -15.40 -23.36
N PHE D 143 -38.21 -15.56 -22.16
CA PHE D 143 -39.61 -15.93 -21.98
C PHE D 143 -40.28 -14.69 -21.37
N GLY D 144 -41.23 -14.10 -22.09
CA GLY D 144 -41.91 -12.90 -21.61
C GLY D 144 -42.99 -13.14 -20.57
N ALA D 145 -43.34 -12.09 -19.84
CA ALA D 145 -44.36 -12.15 -18.81
C ALA D 145 -45.76 -11.94 -19.39
N SER D 146 -46.74 -12.64 -18.85
CA SER D 146 -48.11 -12.51 -19.33
C SER D 146 -48.76 -11.22 -18.81
N ASN D 147 -48.41 -10.81 -17.59
CA ASN D 147 -49.01 -9.61 -17.00
C ASN D 147 -48.44 -8.28 -17.48
N PHE D 148 -47.31 -8.32 -18.18
CA PHE D 148 -46.69 -7.12 -18.75
C PHE D 148 -46.28 -7.48 -20.18
N PRO D 149 -47.27 -7.65 -21.06
CA PRO D 149 -47.13 -8.01 -22.48
C PRO D 149 -46.20 -7.16 -23.32
N LEU D 150 -45.77 -6.02 -22.78
CA LEU D 150 -44.87 -5.15 -23.52
C LEU D 150 -43.53 -4.92 -22.82
N ALA D 151 -43.56 -4.35 -21.62
CA ALA D 151 -42.34 -4.05 -20.88
C ALA D 151 -41.52 -5.25 -20.37
N PHE D 152 -42.17 -6.41 -20.23
CA PHE D 152 -41.48 -7.60 -19.76
C PHE D 152 -41.64 -8.75 -20.77
N SER D 153 -41.79 -8.42 -22.03
CA SER D 153 -41.97 -9.48 -23.01
C SER D 153 -41.03 -9.41 -24.23
N ALA D 154 -41.60 -9.57 -25.43
CA ALA D 154 -40.79 -9.59 -26.66
C ALA D 154 -39.70 -8.52 -26.73
N ALA D 155 -40.03 -7.29 -26.41
CA ALA D 155 -39.04 -6.20 -26.45
C ALA D 155 -38.87 -5.65 -25.04
N GLY D 156 -39.14 -6.50 -24.06
CA GLY D 156 -39.04 -6.12 -22.66
C GLY D 156 -37.63 -5.95 -22.11
N GLY D 157 -37.55 -5.83 -20.78
CA GLY D 157 -36.27 -5.65 -20.11
C GLY D 157 -35.19 -6.69 -20.36
N ASP D 158 -35.59 -7.95 -20.46
CA ASP D 158 -34.61 -9.00 -20.71
C ASP D 158 -34.06 -8.87 -22.13
N THR D 159 -34.94 -8.70 -23.12
CA THR D 159 -34.50 -8.57 -24.51
C THR D 159 -33.63 -7.32 -24.68
N ALA D 160 -34.10 -6.19 -24.15
CA ALA D 160 -33.39 -4.93 -24.26
C ALA D 160 -31.99 -4.99 -23.65
N SER D 161 -31.87 -5.51 -22.44
CA SER D 161 -30.56 -5.60 -21.80
C SER D 161 -29.64 -6.61 -22.48
N ALA D 162 -30.20 -7.68 -23.02
CA ALA D 162 -29.39 -8.70 -23.72
C ALA D 162 -28.82 -8.14 -25.03
N LEU D 163 -29.67 -7.45 -25.80
CA LEU D 163 -29.21 -6.88 -27.06
C LEU D 163 -28.14 -5.84 -26.73
N ALA D 164 -28.36 -5.09 -25.66
CA ALA D 164 -27.42 -4.06 -25.24
C ALA D 164 -26.05 -4.68 -24.91
N ALA D 165 -26.06 -5.83 -24.25
CA ALA D 165 -24.84 -6.52 -23.86
C ALA D 165 -24.12 -7.10 -25.09
N GLY D 166 -24.84 -7.20 -26.19
CA GLY D 166 -24.25 -7.73 -27.41
C GLY D 166 -24.62 -9.17 -27.68
N CYS D 167 -25.72 -9.63 -27.09
CA CYS D 167 -26.18 -11.00 -27.27
C CYS D 167 -27.37 -11.09 -28.21
N PRO D 168 -27.33 -12.05 -29.15
CA PRO D 168 -28.48 -12.20 -30.06
C PRO D 168 -29.60 -12.69 -29.15
N VAL D 169 -30.85 -12.43 -29.51
CA VAL D 169 -31.96 -12.86 -28.68
C VAL D 169 -33.00 -13.72 -29.40
N ILE D 170 -33.45 -14.77 -28.73
CA ILE D 170 -34.49 -15.64 -29.26
C ILE D 170 -35.60 -15.63 -28.22
N VAL D 171 -36.76 -15.10 -28.59
CA VAL D 171 -37.89 -15.03 -27.67
C VAL D 171 -38.89 -16.14 -27.88
N LYS D 172 -39.26 -16.83 -26.81
CA LYS D 172 -40.27 -17.87 -26.91
C LYS D 172 -41.53 -17.09 -26.56
N GLY D 173 -42.27 -16.68 -27.60
CA GLY D 173 -43.49 -15.90 -27.40
C GLY D 173 -44.50 -16.50 -26.45
N HIS D 174 -44.99 -15.68 -25.52
CA HIS D 174 -45.99 -16.15 -24.57
C HIS D 174 -47.31 -16.42 -25.31
N THR D 175 -47.90 -17.58 -25.11
CA THR D 175 -49.14 -17.92 -25.78
C THR D 175 -50.31 -17.04 -25.37
N ALA D 176 -50.13 -16.24 -24.32
CA ALA D 176 -51.20 -15.36 -23.86
C ALA D 176 -51.36 -14.09 -24.72
N HIS D 177 -50.32 -13.72 -25.47
CA HIS D 177 -50.41 -12.54 -26.34
C HIS D 177 -49.54 -12.66 -27.59
N PRO D 178 -49.77 -13.70 -28.41
CA PRO D 178 -49.01 -13.94 -29.64
C PRO D 178 -49.09 -12.81 -30.68
N GLY D 179 -50.27 -12.19 -30.80
CA GLY D 179 -50.44 -11.12 -31.76
C GLY D 179 -49.63 -9.90 -31.36
N THR D 180 -49.58 -9.62 -30.07
CA THR D 180 -48.83 -8.48 -29.56
C THR D 180 -47.35 -8.68 -29.86
N SER D 181 -46.84 -9.88 -29.53
CA SER D 181 -45.44 -10.20 -29.76
C SER D 181 -45.09 -10.12 -31.25
N GLN D 182 -46.00 -10.59 -32.10
CA GLN D 182 -45.75 -10.56 -33.55
C GLN D 182 -45.53 -9.13 -34.05
N ILE D 183 -46.39 -8.20 -33.62
CA ILE D 183 -46.26 -6.82 -34.03
C ILE D 183 -44.92 -6.28 -33.53
N VAL D 184 -44.58 -6.58 -32.28
CA VAL D 184 -43.32 -6.12 -31.71
C VAL D 184 -42.14 -6.71 -32.50
N ALA D 185 -42.26 -7.97 -32.89
CA ALA D 185 -41.18 -8.60 -33.67
C ALA D 185 -41.05 -7.93 -35.03
N GLU D 186 -42.17 -7.49 -35.60
CA GLU D 186 -42.14 -6.82 -36.89
C GLU D 186 -41.40 -5.49 -36.74
N CYS D 187 -41.58 -4.85 -35.59
CA CYS D 187 -40.90 -3.60 -35.31
C CYS D 187 -39.39 -3.80 -35.25
N ILE D 188 -38.97 -4.85 -34.54
CA ILE D 188 -37.54 -5.12 -34.42
C ILE D 188 -36.97 -5.50 -35.77
N GLU D 189 -37.77 -6.22 -36.57
CA GLU D 189 -37.32 -6.59 -37.91
C GLU D 189 -37.06 -5.32 -38.72
N GLN D 190 -37.95 -4.33 -38.59
CA GLN D 190 -37.79 -3.08 -39.32
C GLN D 190 -36.54 -2.34 -38.86
N ALA D 191 -36.31 -2.34 -37.55
CA ALA D 191 -35.16 -1.65 -36.99
C ALA D 191 -33.85 -2.24 -37.49
N LEU D 192 -33.79 -3.57 -37.55
CA LEU D 192 -32.60 -4.24 -38.02
C LEU D 192 -32.36 -3.93 -39.50
N LYS D 193 -33.43 -3.84 -40.28
CA LYS D 193 -33.30 -3.50 -41.69
C LYS D 193 -32.74 -2.09 -41.85
N GLN D 194 -33.29 -1.14 -41.10
CA GLN D 194 -32.81 0.23 -41.19
C GLN D 194 -31.36 0.36 -40.75
N GLU D 195 -30.98 -0.40 -39.74
CA GLU D 195 -29.60 -0.37 -39.24
C GLU D 195 -28.71 -1.24 -40.12
N GLN D 196 -29.33 -1.97 -41.05
CA GLN D 196 -28.61 -2.85 -41.95
C GLN D 196 -27.80 -3.89 -41.18
N LEU D 197 -28.47 -4.57 -40.25
CA LEU D 197 -27.84 -5.59 -39.43
C LEU D 197 -28.58 -6.91 -39.66
N PRO D 198 -27.91 -8.05 -39.40
CA PRO D 198 -28.50 -9.38 -39.58
C PRO D 198 -29.82 -9.59 -38.84
N GLN D 199 -30.78 -10.22 -39.52
CA GLN D 199 -32.08 -10.50 -38.92
C GLN D 199 -31.95 -11.51 -37.77
N ALA D 200 -30.92 -12.35 -37.85
CA ALA D 200 -30.69 -13.37 -36.83
C ALA D 200 -30.35 -12.78 -35.46
N ILE D 201 -30.21 -11.46 -35.39
CA ILE D 201 -29.91 -10.80 -34.13
C ILE D 201 -31.10 -10.97 -33.18
N PHE D 202 -32.30 -11.04 -33.77
CA PHE D 202 -33.52 -11.21 -32.98
C PHE D 202 -34.49 -12.15 -33.69
N THR D 203 -35.02 -13.11 -32.94
CA THR D 203 -35.96 -14.06 -33.50
C THR D 203 -37.08 -14.37 -32.53
N LEU D 204 -38.30 -14.33 -33.02
CA LEU D 204 -39.46 -14.62 -32.22
C LEU D 204 -40.02 -15.99 -32.60
N LEU D 205 -40.14 -16.88 -31.63
CA LEU D 205 -40.72 -18.20 -31.88
C LEU D 205 -42.09 -18.22 -31.20
N GLN D 206 -43.05 -18.91 -31.80
CA GLN D 206 -44.40 -18.98 -31.26
C GLN D 206 -44.85 -20.43 -31.16
N GLY D 207 -45.85 -20.69 -30.32
CA GLY D 207 -46.33 -22.05 -30.16
C GLY D 207 -46.91 -22.35 -28.79
N ASN D 208 -47.95 -23.16 -28.76
CA ASN D 208 -48.59 -23.52 -27.49
C ASN D 208 -48.19 -24.90 -26.99
N GLN D 209 -47.18 -25.50 -27.61
CA GLN D 209 -46.69 -26.80 -27.19
C GLN D 209 -45.41 -26.57 -26.36
N ARG D 210 -45.45 -26.94 -25.09
CA ARG D 210 -44.33 -26.74 -24.17
C ARG D 210 -42.99 -27.31 -24.63
N ALA D 211 -43.02 -28.29 -25.52
CA ALA D 211 -41.79 -28.89 -26.02
C ALA D 211 -40.91 -27.79 -26.62
N LEU D 212 -41.55 -26.73 -27.11
CA LEU D 212 -40.85 -25.60 -27.70
C LEU D 212 -39.87 -24.95 -26.71
N GLY D 213 -40.42 -24.48 -25.59
CA GLY D 213 -39.60 -23.82 -24.58
C GLY D 213 -38.51 -24.68 -24.00
N GLN D 214 -38.81 -25.96 -23.81
CA GLN D 214 -37.84 -26.90 -23.28
C GLN D 214 -36.66 -27.11 -24.22
N ALA D 215 -36.94 -27.22 -25.52
CA ALA D 215 -35.89 -27.40 -26.52
C ALA D 215 -35.01 -26.15 -26.60
N LEU D 216 -35.64 -24.99 -26.48
CA LEU D 216 -34.91 -23.73 -26.54
C LEU D 216 -33.95 -23.62 -25.35
N VAL D 217 -34.45 -23.91 -24.16
CA VAL D 217 -33.61 -23.83 -22.97
C VAL D 217 -32.47 -24.85 -22.98
N SER D 218 -32.70 -25.98 -23.65
CA SER D 218 -31.70 -27.04 -23.73
C SER D 218 -30.77 -26.98 -24.93
N HIS D 219 -31.03 -26.08 -25.87
CA HIS D 219 -30.17 -26.00 -27.05
C HIS D 219 -28.75 -25.57 -26.69
N PRO D 220 -27.75 -26.35 -27.12
CA PRO D 220 -26.34 -26.02 -26.82
C PRO D 220 -25.83 -24.66 -27.27
N GLU D 221 -26.45 -24.05 -28.26
CA GLU D 221 -26.02 -22.73 -28.73
C GLU D 221 -26.62 -21.61 -27.86
N ILE D 222 -27.61 -21.94 -27.03
CA ILE D 222 -28.22 -20.94 -26.14
C ILE D 222 -27.31 -20.83 -24.92
N LYS D 223 -26.88 -19.61 -24.59
CA LYS D 223 -25.95 -19.41 -23.48
C LYS D 223 -26.47 -18.82 -22.18
N ALA D 224 -27.74 -18.43 -22.16
CA ALA D 224 -28.37 -17.88 -20.95
C ALA D 224 -29.87 -17.74 -21.18
N VAL D 225 -30.62 -17.66 -20.09
CA VAL D 225 -32.07 -17.55 -20.20
C VAL D 225 -32.67 -16.45 -19.32
N GLY D 226 -33.66 -15.76 -19.86
CA GLY D 226 -34.36 -14.73 -19.12
C GLY D 226 -35.80 -15.22 -19.03
N PHE D 227 -36.34 -15.29 -17.81
CA PHE D 227 -37.70 -15.81 -17.62
C PHE D 227 -38.51 -15.03 -16.59
N THR D 228 -39.78 -14.82 -16.88
CA THR D 228 -40.69 -14.13 -15.98
C THR D 228 -41.99 -14.92 -16.01
N GLY D 229 -42.34 -15.55 -14.89
CA GLY D 229 -43.56 -16.35 -14.85
C GLY D 229 -43.78 -17.10 -13.55
N SER D 230 -44.46 -18.23 -13.63
CA SER D 230 -44.79 -19.05 -12.46
C SER D 230 -43.60 -19.81 -11.87
N VAL D 231 -43.70 -20.12 -10.57
CA VAL D 231 -42.65 -20.86 -9.88
C VAL D 231 -42.56 -22.28 -10.43
N GLY D 232 -43.71 -22.86 -10.76
CA GLY D 232 -43.76 -24.22 -11.29
C GLY D 232 -43.03 -24.40 -12.60
N GLY D 233 -43.43 -23.62 -13.60
CA GLY D 233 -42.79 -23.69 -14.91
C GLY D 233 -41.38 -23.14 -14.85
N GLY D 234 -41.22 -22.03 -14.13
CA GLY D 234 -39.91 -21.41 -14.00
C GLY D 234 -38.87 -22.33 -13.40
N ARG D 235 -39.23 -23.03 -12.33
CA ARG D 235 -38.27 -23.93 -11.68
C ARG D 235 -37.98 -25.12 -12.59
N ALA D 236 -38.99 -25.57 -13.32
CA ALA D 236 -38.79 -26.70 -14.23
C ALA D 236 -37.76 -26.32 -15.30
N LEU D 237 -37.92 -25.14 -15.89
CA LEU D 237 -37.00 -24.68 -16.92
C LEU D 237 -35.61 -24.40 -16.34
N PHE D 238 -35.57 -23.91 -15.11
CA PHE D 238 -34.30 -23.62 -14.43
C PHE D 238 -33.52 -24.92 -14.29
N ASN D 239 -34.21 -25.98 -13.85
CA ASN D 239 -33.58 -27.28 -13.67
C ASN D 239 -33.04 -27.80 -14.99
N LEU D 240 -33.80 -27.57 -16.06
CA LEU D 240 -33.38 -28.01 -17.39
C LEU D 240 -32.08 -27.33 -17.77
N ALA D 241 -32.03 -26.02 -17.50
CA ALA D 241 -30.84 -25.24 -17.82
C ALA D 241 -29.60 -25.72 -17.08
N HIS D 242 -29.77 -26.24 -15.87
CA HIS D 242 -28.61 -26.70 -15.12
C HIS D 242 -28.28 -28.17 -15.21
N GLU D 243 -29.07 -28.87 -16.01
CA GLU D 243 -28.86 -30.29 -16.24
C GLU D 243 -28.13 -30.47 -17.59
N ARG D 244 -27.99 -29.38 -18.34
CA ARG D 244 -27.32 -29.38 -19.65
C ARG D 244 -25.85 -29.79 -19.53
N PRO D 245 -25.26 -30.31 -20.63
CA PRO D 245 -23.85 -30.71 -20.59
C PRO D 245 -23.04 -29.50 -20.15
N GLU D 246 -23.47 -28.31 -20.61
CA GLU D 246 -22.84 -27.04 -20.24
C GLU D 246 -23.94 -26.20 -19.57
N PRO D 247 -23.94 -26.17 -18.22
CA PRO D 247 -24.96 -25.38 -17.52
C PRO D 247 -24.88 -23.91 -17.92
N ILE D 248 -26.04 -23.25 -17.96
CA ILE D 248 -26.08 -21.84 -18.34
C ILE D 248 -26.88 -21.04 -17.31
N PRO D 249 -26.54 -19.75 -17.16
CA PRO D 249 -27.24 -18.87 -16.21
C PRO D 249 -28.73 -18.81 -16.57
N PHE D 250 -29.58 -18.88 -15.56
CA PHE D 250 -31.02 -18.82 -15.76
C PHE D 250 -31.56 -17.74 -14.81
N TYR D 251 -32.04 -16.62 -15.38
CA TYR D 251 -32.56 -15.53 -14.57
C TYR D 251 -34.08 -15.47 -14.61
N GLY D 252 -34.71 -16.15 -13.66
CA GLY D 252 -36.16 -16.18 -13.62
C GLY D 252 -36.79 -15.57 -12.38
N GLU D 253 -37.81 -14.76 -12.61
CA GLU D 253 -38.56 -14.12 -11.54
C GLU D 253 -39.77 -15.04 -11.43
N LEU D 254 -39.84 -15.80 -10.33
CA LEU D 254 -40.90 -16.79 -10.16
C LEU D 254 -42.12 -16.43 -9.31
N GLY D 255 -41.99 -15.46 -8.43
CA GLY D 255 -43.14 -15.11 -7.62
C GLY D 255 -42.74 -14.57 -6.26
N ALA D 256 -43.68 -13.91 -5.60
CA ALA D 256 -43.41 -13.32 -4.31
C ALA D 256 -44.71 -12.84 -3.71
N ILE D 257 -44.71 -12.67 -2.40
CA ILE D 257 -45.90 -12.23 -1.69
C ILE D 257 -45.75 -10.76 -1.24
N ASN D 258 -44.54 -10.22 -1.39
CA ASN D 258 -44.25 -8.83 -1.04
C ASN D 258 -44.79 -8.40 0.32
N PRO D 259 -44.21 -8.95 1.41
CA PRO D 259 -44.64 -8.64 2.78
C PRO D 259 -44.59 -7.16 3.13
N THR D 260 -45.65 -6.68 3.77
CA THR D 260 -45.77 -5.29 4.17
C THR D 260 -46.01 -5.21 5.68
N PHE D 261 -45.21 -4.40 6.37
CA PHE D 261 -45.36 -4.24 7.81
C PHE D 261 -45.90 -2.85 8.13
N ILE D 262 -47.06 -2.78 8.78
CA ILE D 262 -47.67 -1.51 9.11
C ILE D 262 -47.77 -1.28 10.62
N PHE D 263 -47.06 -0.27 11.11
CA PHE D 263 -47.07 0.06 12.54
C PHE D 263 -48.26 0.97 12.87
N PRO D 264 -48.76 0.89 14.11
CA PRO D 264 -49.90 1.70 14.55
C PRO D 264 -49.82 3.19 14.26
N SER D 265 -48.66 3.79 14.52
CA SER D 265 -48.50 5.22 14.28
C SER D 265 -48.70 5.59 12.82
N ALA D 266 -48.34 4.67 11.92
CA ALA D 266 -48.51 4.92 10.49
C ALA D 266 -50.00 4.98 10.21
N MET D 267 -50.73 4.14 10.94
CA MET D 267 -52.19 4.07 10.79
C MET D 267 -52.79 5.36 11.34
N ARG D 268 -52.27 5.84 12.46
CA ARG D 268 -52.77 7.08 13.04
C ARG D 268 -52.45 8.28 12.13
N ALA D 269 -51.28 8.26 11.48
CA ALA D 269 -50.82 9.35 10.60
C ALA D 269 -51.50 9.50 9.25
N LYS D 270 -51.96 8.38 8.68
CA LYS D 270 -52.62 8.43 7.39
C LYS D 270 -54.00 7.76 7.50
N ALA D 271 -55.04 8.60 7.56
CA ALA D 271 -56.40 8.10 7.69
C ALA D 271 -56.83 7.27 6.49
N ASP D 272 -56.23 7.52 5.33
CA ASP D 272 -56.58 6.79 4.11
C ASP D 272 -55.61 5.66 3.79
N LEU D 273 -54.87 5.19 4.79
CA LEU D 273 -53.91 4.11 4.56
C LEU D 273 -54.59 2.86 4.01
N ALA D 274 -55.75 2.51 4.58
CA ALA D 274 -56.50 1.35 4.12
C ALA D 274 -56.90 1.52 2.66
N ASP D 275 -57.27 2.75 2.31
CA ASP D 275 -57.67 3.07 0.94
C ASP D 275 -56.49 2.86 0.01
N GLN D 276 -55.32 3.29 0.44
CA GLN D 276 -54.11 3.15 -0.36
C GLN D 276 -53.78 1.68 -0.54
N PHE D 277 -53.93 0.91 0.54
CA PHE D 277 -53.65 -0.52 0.50
C PHE D 277 -54.51 -1.21 -0.57
N VAL D 278 -55.82 -0.99 -0.50
CA VAL D 278 -56.74 -1.59 -1.46
C VAL D 278 -56.41 -1.18 -2.89
N ALA D 279 -56.00 0.07 -3.08
CA ALA D 279 -55.66 0.55 -4.42
C ALA D 279 -54.42 -0.19 -4.94
N SER D 280 -53.47 -0.45 -4.04
CA SER D 280 -52.24 -1.14 -4.42
C SER D 280 -52.50 -2.61 -4.76
N MET D 281 -53.26 -3.29 -3.91
CA MET D 281 -53.55 -4.70 -4.14
C MET D 281 -54.52 -4.97 -5.29
N THR D 282 -55.26 -3.96 -5.73
CA THR D 282 -56.19 -4.12 -6.84
C THR D 282 -55.70 -3.46 -8.12
N MET D 283 -54.50 -2.88 -8.08
CA MET D 283 -53.93 -2.24 -9.26
C MET D 283 -53.80 -3.28 -10.37
N GLY D 284 -54.27 -2.96 -11.58
CA GLY D 284 -54.21 -3.90 -12.67
C GLY D 284 -54.91 -5.19 -12.26
N CYS D 285 -55.94 -5.04 -11.43
CA CYS D 285 -56.71 -6.17 -10.92
C CYS D 285 -55.79 -7.13 -10.17
N GLY D 286 -54.80 -6.57 -9.47
CA GLY D 286 -53.87 -7.35 -8.69
C GLY D 286 -52.87 -8.17 -9.49
N GLN D 287 -52.78 -7.93 -10.78
CA GLN D 287 -51.87 -8.68 -11.62
C GLN D 287 -50.48 -8.09 -11.73
N PHE D 288 -49.93 -7.71 -10.58
CA PHE D 288 -48.59 -7.14 -10.45
C PHE D 288 -47.76 -8.11 -9.63
N CYS D 289 -46.53 -8.39 -10.06
CA CYS D 289 -45.66 -9.29 -9.31
C CYS D 289 -45.25 -8.69 -7.98
N THR D 290 -45.37 -7.36 -7.91
CA THR D 290 -45.02 -6.59 -6.73
C THR D 290 -46.23 -6.26 -5.86
N LYS D 291 -47.37 -6.88 -6.15
CA LYS D 291 -48.59 -6.62 -5.38
C LYS D 291 -48.41 -7.01 -3.92
N PRO D 292 -48.79 -6.13 -2.99
CA PRO D 292 -48.65 -6.46 -1.56
C PRO D 292 -49.59 -7.62 -1.23
N GLY D 293 -49.04 -8.82 -1.12
CA GLY D 293 -49.82 -10.01 -0.84
C GLY D 293 -50.10 -10.34 0.62
N VAL D 294 -49.34 -9.74 1.53
CA VAL D 294 -49.56 -9.99 2.95
C VAL D 294 -49.16 -8.76 3.75
N VAL D 295 -50.02 -8.38 4.67
CA VAL D 295 -49.79 -7.23 5.53
C VAL D 295 -49.75 -7.68 6.97
N PHE D 296 -48.65 -7.35 7.67
CA PHE D 296 -48.53 -7.69 9.08
C PHE D 296 -48.79 -6.41 9.85
N ALA D 297 -49.70 -6.50 10.83
CA ALA D 297 -50.07 -5.35 11.65
C ALA D 297 -50.30 -5.78 13.09
N LEU D 298 -50.31 -4.82 14.02
CA LEU D 298 -50.52 -5.12 15.43
C LEU D 298 -51.99 -5.21 15.79
N ASN D 299 -52.28 -5.91 16.89
CA ASN D 299 -53.65 -6.09 17.37
C ASN D 299 -54.10 -4.88 18.18
N THR D 300 -54.33 -3.76 17.49
CA THR D 300 -54.77 -2.53 18.12
C THR D 300 -56.04 -2.01 17.44
N PRO D 301 -56.69 -0.99 18.02
CA PRO D 301 -57.91 -0.45 17.41
C PRO D 301 -57.70 0.10 16.00
N GLU D 302 -56.52 0.68 15.76
CA GLU D 302 -56.19 1.22 14.45
C GLU D 302 -56.27 0.12 13.40
N THR D 303 -55.76 -1.05 13.76
CA THR D 303 -55.74 -2.20 12.85
C THR D 303 -57.16 -2.68 12.58
N GLN D 304 -57.96 -2.78 13.63
CA GLN D 304 -59.33 -3.23 13.49
C GLN D 304 -60.12 -2.28 12.58
N ALA D 305 -59.83 -0.98 12.64
CA ALA D 305 -60.49 0.02 11.81
C ALA D 305 -59.96 -0.08 10.38
N PHE D 306 -58.66 -0.32 10.26
CA PHE D 306 -57.99 -0.47 8.96
C PHE D 306 -58.68 -1.62 8.22
N ILE D 307 -58.82 -2.74 8.92
CA ILE D 307 -59.44 -3.94 8.36
C ILE D 307 -60.88 -3.68 7.90
N GLU D 308 -61.68 -3.01 8.73
CA GLU D 308 -63.07 -2.73 8.36
C GLU D 308 -63.18 -1.81 7.14
N THR D 309 -62.28 -0.83 7.05
CA THR D 309 -62.28 0.08 5.91
C THR D 309 -61.91 -0.69 4.64
N ALA D 310 -60.85 -1.50 4.73
CA ALA D 310 -60.39 -2.28 3.59
C ALA D 310 -61.48 -3.26 3.16
N GLN D 311 -62.09 -3.93 4.14
CA GLN D 311 -63.15 -4.88 3.86
C GLN D 311 -64.32 -4.23 3.13
N SER D 312 -64.68 -3.02 3.54
CA SER D 312 -65.77 -2.30 2.92
C SER D 312 -65.44 -1.94 1.47
N LEU D 313 -64.19 -1.52 1.21
CA LEU D 313 -63.78 -1.17 -0.13
C LEU D 313 -63.78 -2.42 -1.01
N ILE D 314 -63.29 -3.53 -0.47
CA ILE D 314 -63.26 -4.77 -1.24
C ILE D 314 -64.67 -5.17 -1.68
N ARG D 315 -65.64 -5.09 -0.77
CA ARG D 315 -67.03 -5.45 -1.12
C ARG D 315 -67.56 -4.59 -2.26
N GLN D 316 -67.12 -3.33 -2.26
CA GLN D 316 -67.50 -2.34 -3.25
C GLN D 316 -66.80 -2.50 -4.61
N GLN D 317 -65.63 -3.15 -4.60
CA GLN D 317 -64.81 -3.36 -5.80
C GLN D 317 -65.54 -3.96 -7.00
N SER D 318 -65.28 -3.42 -8.18
CA SER D 318 -65.89 -3.87 -9.44
C SER D 318 -65.33 -5.23 -9.88
N PRO D 319 -66.08 -5.99 -10.71
CA PRO D 319 -65.64 -7.30 -11.21
C PRO D 319 -64.36 -7.18 -12.04
N SER D 320 -63.47 -8.14 -11.92
CA SER D 320 -62.20 -8.11 -12.65
C SER D 320 -62.10 -9.18 -13.73
N THR D 321 -61.49 -8.81 -14.86
CA THR D 321 -61.27 -9.75 -15.95
C THR D 321 -59.76 -10.00 -15.97
N LEU D 322 -59.34 -11.21 -15.65
CA LEU D 322 -57.91 -11.50 -15.63
C LEU D 322 -57.37 -11.75 -17.04
N LEU D 323 -56.05 -11.68 -17.17
CA LEU D 323 -55.36 -11.82 -18.44
C LEU D 323 -55.83 -12.95 -19.36
N THR D 324 -56.18 -14.09 -18.78
CA THR D 324 -56.63 -15.25 -19.55
C THR D 324 -57.63 -16.07 -18.74
N PRO D 325 -58.45 -16.89 -19.42
CA PRO D 325 -59.41 -17.71 -18.70
C PRO D 325 -58.66 -18.65 -17.74
N GLY D 326 -57.48 -19.09 -18.17
CA GLY D 326 -56.67 -19.97 -17.34
C GLY D 326 -56.29 -19.32 -16.02
N ILE D 327 -55.78 -18.10 -16.10
CA ILE D 327 -55.40 -17.38 -14.88
C ILE D 327 -56.66 -17.12 -14.05
N ARG D 328 -57.78 -16.92 -14.75
CA ARG D 328 -59.06 -16.70 -14.08
C ARG D 328 -59.42 -17.92 -13.25
N ASP D 329 -59.24 -19.11 -13.83
CA ASP D 329 -59.55 -20.34 -13.13
C ASP D 329 -58.68 -20.63 -11.89
N SER D 330 -57.36 -20.49 -12.00
CA SER D 330 -56.46 -20.72 -10.86
C SER D 330 -56.79 -19.80 -9.69
N TYR D 331 -57.09 -18.54 -10.01
CA TYR D 331 -57.41 -17.55 -8.98
C TYR D 331 -58.65 -17.98 -8.22
N GLN D 332 -59.74 -18.21 -8.96
CA GLN D 332 -60.99 -18.59 -8.34
C GLN D 332 -60.89 -19.82 -7.46
N SER D 333 -60.29 -20.89 -7.98
CA SER D 333 -60.17 -22.09 -7.18
C SER D 333 -59.30 -21.89 -5.93
N GLN D 334 -58.20 -21.15 -6.06
CA GLN D 334 -57.31 -20.92 -4.92
C GLN D 334 -57.89 -20.02 -3.82
N VAL D 335 -58.60 -18.96 -4.21
CA VAL D 335 -59.19 -18.07 -3.20
C VAL D 335 -60.33 -18.76 -2.47
N VAL D 336 -61.17 -19.47 -3.21
CA VAL D 336 -62.29 -20.17 -2.59
C VAL D 336 -61.73 -21.29 -1.71
N SER D 337 -60.65 -21.88 -2.17
CA SER D 337 -59.99 -22.96 -1.46
C SER D 337 -59.33 -22.47 -0.18
N ARG D 338 -58.55 -21.40 -0.28
CA ARG D 338 -57.89 -20.87 0.90
C ARG D 338 -58.90 -20.28 1.87
N GLY D 339 -59.92 -19.62 1.34
CA GLY D 339 -60.95 -19.03 2.18
C GLY D 339 -61.69 -20.05 3.03
N SER D 340 -61.48 -21.33 2.73
CA SER D 340 -62.12 -22.41 3.46
C SER D 340 -61.15 -23.04 4.46
N ASP D 341 -59.89 -22.61 4.41
CA ASP D 341 -58.87 -23.13 5.30
C ASP D 341 -59.13 -22.79 6.76
N ASP D 342 -58.32 -23.37 7.63
CA ASP D 342 -58.46 -23.15 9.06
C ASP D 342 -57.97 -21.78 9.50
N GLY D 343 -58.73 -21.15 10.39
CA GLY D 343 -58.36 -19.85 10.92
C GLY D 343 -58.19 -18.68 9.97
N ILE D 344 -59.03 -18.60 8.94
CA ILE D 344 -58.94 -17.48 8.01
C ILE D 344 -60.31 -16.93 7.64
N ASP D 345 -60.44 -15.62 7.74
CA ASP D 345 -61.69 -14.91 7.44
C ASP D 345 -61.51 -14.28 6.04
N VAL D 346 -62.55 -14.30 5.22
CA VAL D 346 -62.44 -13.74 3.87
C VAL D 346 -63.63 -12.86 3.48
N THR D 347 -63.33 -11.79 2.74
CA THR D 347 -64.36 -10.86 2.27
C THR D 347 -64.24 -10.81 0.76
N PHE D 348 -65.34 -11.08 0.07
CA PHE D 348 -65.37 -11.07 -1.39
C PHE D 348 -66.19 -9.91 -1.94
N SER D 349 -65.85 -9.47 -3.14
CA SER D 349 -66.61 -8.42 -3.80
C SER D 349 -67.66 -9.22 -4.58
N GLN D 350 -68.57 -8.54 -5.27
CA GLN D 350 -69.61 -9.20 -6.03
C GLN D 350 -69.19 -9.38 -7.47
N ALA D 351 -69.16 -10.63 -7.96
CA ALA D 351 -68.77 -10.91 -9.34
C ALA D 351 -69.28 -12.25 -9.84
N GLU D 352 -69.50 -12.36 -11.15
CA GLU D 352 -69.98 -13.59 -11.78
C GLU D 352 -69.03 -13.96 -12.93
N SER D 353 -68.63 -15.23 -13.02
CA SER D 353 -67.73 -15.63 -14.10
C SER D 353 -68.23 -15.06 -15.42
N PRO D 354 -67.34 -14.81 -16.39
CA PRO D 354 -65.88 -14.99 -16.38
C PRO D 354 -65.13 -13.96 -15.54
N CYS D 355 -65.87 -13.12 -14.84
CA CYS D 355 -65.24 -12.12 -14.00
C CYS D 355 -64.95 -12.73 -12.62
N VAL D 356 -63.94 -12.22 -11.94
CA VAL D 356 -63.60 -12.72 -10.60
C VAL D 356 -63.80 -11.63 -9.57
N ALA D 357 -63.99 -12.06 -8.33
CA ALA D 357 -64.18 -11.13 -7.23
C ALA D 357 -62.87 -10.87 -6.52
N SER D 358 -62.71 -9.65 -6.02
CA SER D 358 -61.53 -9.28 -5.24
C SER D 358 -61.75 -9.92 -3.87
N ALA D 359 -60.67 -10.21 -3.17
CA ALA D 359 -60.81 -10.83 -1.86
C ALA D 359 -59.79 -10.31 -0.87
N LEU D 360 -60.21 -10.23 0.39
CA LEU D 360 -59.36 -9.78 1.47
C LEU D 360 -59.44 -10.80 2.59
N PHE D 361 -58.32 -11.47 2.86
CA PHE D 361 -58.30 -12.46 3.93
C PHE D 361 -57.75 -11.83 5.20
N VAL D 362 -58.21 -12.32 6.35
CA VAL D 362 -57.76 -11.83 7.65
C VAL D 362 -57.51 -13.02 8.54
N THR D 363 -56.41 -12.99 9.28
CA THR D 363 -56.05 -14.08 10.19
C THR D 363 -55.09 -13.58 11.27
N SER D 364 -54.74 -14.46 12.19
CA SER D 364 -53.83 -14.14 13.29
C SER D 364 -52.45 -14.69 12.98
N SER D 365 -51.42 -14.19 13.65
CA SER D 365 -50.07 -14.69 13.42
C SER D 365 -49.97 -16.16 13.85
N GLU D 366 -50.83 -16.56 14.79
CA GLU D 366 -50.83 -17.94 15.26
C GLU D 366 -51.16 -18.89 14.11
N ASN D 367 -52.22 -18.58 13.36
CA ASN D 367 -52.58 -19.44 12.25
C ASN D 367 -51.65 -19.30 11.05
N TRP D 368 -51.01 -18.13 10.91
CA TRP D 368 -50.07 -17.91 9.81
C TRP D 368 -48.90 -18.88 9.97
N ARG D 369 -48.40 -19.00 11.21
CA ARG D 369 -47.29 -19.92 11.49
C ARG D 369 -47.74 -21.35 11.19
N LYS D 370 -49.01 -21.65 11.47
CA LYS D 370 -49.54 -22.99 11.25
C LYS D 370 -49.84 -23.33 9.78
N HIS D 371 -49.88 -22.33 8.90
CA HIS D 371 -50.16 -22.60 7.48
C HIS D 371 -49.13 -21.99 6.54
N PRO D 372 -47.96 -22.64 6.41
CA PRO D 372 -46.92 -22.12 5.52
C PRO D 372 -47.36 -21.95 4.06
N ALA D 373 -48.40 -22.66 3.64
CA ALA D 373 -48.87 -22.55 2.27
C ALA D 373 -49.48 -21.17 1.98
N TRP D 374 -49.82 -20.43 3.03
CA TRP D 374 -50.40 -19.10 2.84
C TRP D 374 -49.36 -18.09 2.39
N GLU D 375 -48.09 -18.51 2.36
CA GLU D 375 -47.02 -17.61 1.94
C GLU D 375 -46.87 -17.64 0.42
N GLU D 376 -47.50 -18.63 -0.21
CA GLU D 376 -47.45 -18.76 -1.65
C GLU D 376 -48.40 -17.76 -2.30
N GLU D 377 -47.94 -17.15 -3.38
CA GLU D 377 -48.71 -16.17 -4.11
C GLU D 377 -49.97 -16.73 -4.78
N ILE D 378 -51.05 -15.95 -4.75
CA ILE D 378 -52.31 -16.30 -5.43
C ILE D 378 -52.48 -15.10 -6.35
N PHE D 379 -52.12 -15.29 -7.62
CA PHE D 379 -52.16 -14.23 -8.62
C PHE D 379 -53.55 -13.70 -8.94
N GLY D 380 -53.83 -12.49 -8.48
CA GLY D 380 -55.13 -11.89 -8.70
C GLY D 380 -55.39 -10.82 -7.66
N PRO D 381 -56.57 -10.18 -7.72
CA PRO D 381 -56.94 -9.13 -6.78
C PRO D 381 -57.26 -9.59 -5.37
N GLN D 382 -56.31 -10.26 -4.73
CA GLN D 382 -56.50 -10.72 -3.36
C GLN D 382 -55.29 -10.47 -2.49
N SER D 383 -55.54 -10.31 -1.20
CA SER D 383 -54.46 -10.08 -0.25
C SER D 383 -54.83 -10.57 1.14
N LEU D 384 -53.82 -10.70 2.00
CA LEU D 384 -54.02 -11.18 3.35
C LEU D 384 -53.47 -10.26 4.43
N ILE D 385 -54.23 -10.12 5.51
CA ILE D 385 -53.82 -9.31 6.65
C ILE D 385 -53.58 -10.24 7.83
N VAL D 386 -52.39 -10.16 8.42
CA VAL D 386 -52.04 -10.98 9.57
C VAL D 386 -51.91 -10.11 10.80
N VAL D 387 -52.82 -10.30 11.75
CA VAL D 387 -52.82 -9.52 12.99
C VAL D 387 -51.86 -10.13 13.99
N CYS D 388 -50.84 -9.37 14.38
CA CYS D 388 -49.83 -9.87 15.30
C CYS D 388 -50.04 -9.44 16.76
N GLU D 389 -49.53 -10.27 17.67
CA GLU D 389 -49.64 -10.02 19.11
C GLU D 389 -48.97 -8.72 19.51
N ASN D 390 -47.74 -8.54 19.02
CA ASN D 390 -46.94 -7.37 19.34
C ASN D 390 -45.80 -7.25 18.33
N VAL D 391 -44.93 -6.26 18.52
CA VAL D 391 -43.81 -6.05 17.60
C VAL D 391 -42.87 -7.25 17.60
N ALA D 392 -42.62 -7.82 18.77
CA ALA D 392 -41.72 -8.98 18.87
C ALA D 392 -42.26 -10.10 17.99
N ASP D 393 -43.57 -10.25 17.99
CA ASP D 393 -44.24 -11.28 17.20
C ASP D 393 -43.99 -10.98 15.71
N MET D 394 -44.12 -9.71 15.36
CA MET D 394 -43.93 -9.24 14.01
C MET D 394 -42.47 -9.48 13.55
N LEU D 395 -41.51 -9.12 14.39
CA LEU D 395 -40.10 -9.31 14.05
C LEU D 395 -39.77 -10.80 13.95
N SER D 396 -40.41 -11.60 14.79
CA SER D 396 -40.22 -13.04 14.81
C SER D 396 -40.64 -13.59 13.43
N LEU D 397 -41.81 -13.16 12.96
CA LEU D 397 -42.34 -13.60 11.67
C LEU D 397 -41.44 -13.23 10.49
N SER D 398 -40.85 -12.05 10.54
CA SER D 398 -39.99 -11.62 9.43
C SER D 398 -38.77 -12.52 9.28
N GLU D 399 -38.33 -13.14 10.37
CA GLU D 399 -37.17 -14.03 10.34
C GLU D 399 -37.37 -15.27 9.48
N MET D 400 -38.62 -15.69 9.30
CA MET D 400 -38.90 -16.90 8.53
C MET D 400 -39.47 -16.67 7.13
N LEU D 401 -39.57 -15.41 6.72
CA LEU D 401 -40.13 -15.10 5.40
C LEU D 401 -39.34 -15.68 4.24
N ALA D 402 -40.04 -16.13 3.21
CA ALA D 402 -39.39 -16.66 2.03
C ALA D 402 -38.93 -15.47 1.18
N GLY D 403 -38.14 -15.75 0.16
CA GLY D 403 -37.64 -14.70 -0.71
C GLY D 403 -38.77 -13.93 -1.37
N SER D 404 -38.56 -12.63 -1.56
CA SER D 404 -39.58 -11.79 -2.17
C SER D 404 -38.95 -10.67 -3.00
N LEU D 405 -39.70 -10.17 -3.97
CA LEU D 405 -39.21 -9.08 -4.80
C LEU D 405 -39.06 -7.84 -3.93
N THR D 406 -40.06 -7.60 -3.09
CA THR D 406 -40.06 -6.44 -2.22
C THR D 406 -40.51 -6.74 -0.79
N ALA D 407 -40.30 -5.74 0.07
CA ALA D 407 -40.70 -5.78 1.47
C ALA D 407 -41.02 -4.33 1.77
N THR D 408 -42.17 -4.07 2.37
CA THR D 408 -42.59 -2.70 2.66
C THR D 408 -42.80 -2.42 4.14
N ILE D 409 -42.50 -1.19 4.54
CA ILE D 409 -42.67 -0.75 5.91
C ILE D 409 -43.38 0.60 5.96
N HIS D 410 -44.43 0.67 6.76
CA HIS D 410 -45.17 1.91 6.96
C HIS D 410 -45.00 2.23 8.42
N ALA D 411 -44.35 3.35 8.70
CA ALA D 411 -44.09 3.75 10.07
C ALA D 411 -43.75 5.24 10.17
N THR D 412 -43.64 5.71 11.41
CA THR D 412 -43.27 7.09 11.67
C THR D 412 -42.09 7.04 12.63
N GLU D 413 -41.51 8.20 12.93
CA GLU D 413 -40.33 8.26 13.79
C GLU D 413 -40.46 7.49 15.08
N GLU D 414 -41.66 7.44 15.65
CA GLU D 414 -41.88 6.73 16.90
C GLU D 414 -41.51 5.26 16.81
N ASP D 415 -41.61 4.70 15.60
CA ASP D 415 -41.31 3.29 15.39
C ASP D 415 -39.87 2.99 14.96
N TYR D 416 -39.10 4.01 14.58
CA TYR D 416 -37.74 3.79 14.12
C TYR D 416 -36.92 2.81 14.94
N PRO D 417 -37.09 2.79 16.27
CA PRO D 417 -36.30 1.84 17.05
C PRO D 417 -36.58 0.40 16.62
N GLN D 418 -37.85 0.06 16.41
CA GLN D 418 -38.21 -1.29 15.99
C GLN D 418 -37.96 -1.52 14.49
N VAL D 419 -38.18 -0.48 13.69
CA VAL D 419 -37.93 -0.57 12.26
C VAL D 419 -36.44 -0.83 12.01
N SER D 420 -35.58 -0.23 12.84
CA SER D 420 -34.13 -0.40 12.69
C SER D 420 -33.73 -1.87 12.89
N GLN D 421 -34.54 -2.62 13.63
CA GLN D 421 -34.27 -4.03 13.88
C GLN D 421 -34.88 -4.89 12.76
N LEU D 422 -35.95 -4.39 12.16
CA LEU D 422 -36.65 -5.08 11.08
C LEU D 422 -35.95 -5.03 9.72
N ILE D 423 -35.37 -3.88 9.38
CA ILE D 423 -34.69 -3.71 8.11
C ILE D 423 -33.63 -4.79 7.80
N PRO D 424 -32.73 -5.07 8.76
CA PRO D 424 -31.70 -6.09 8.51
C PRO D 424 -32.29 -7.44 8.16
N ARG D 425 -33.46 -7.75 8.69
CA ARG D 425 -34.08 -9.02 8.38
C ARG D 425 -34.73 -8.96 6.99
N LEU D 426 -35.32 -7.81 6.66
CA LEU D 426 -35.95 -7.67 5.36
C LEU D 426 -34.90 -7.59 4.24
N GLU D 427 -33.72 -7.07 4.56
CA GLU D 427 -32.63 -6.97 3.59
C GLU D 427 -32.28 -8.37 3.09
N GLU D 428 -32.39 -9.34 3.99
CA GLU D 428 -32.07 -10.72 3.70
C GLU D 428 -33.10 -11.50 2.88
N ILE D 429 -34.31 -10.98 2.78
CA ILE D 429 -35.33 -11.71 2.03
C ILE D 429 -35.92 -11.01 0.83
N ALA D 430 -35.63 -9.72 0.67
CA ALA D 430 -36.18 -8.97 -0.45
C ALA D 430 -35.13 -8.23 -1.27
N GLY D 431 -35.43 -8.02 -2.54
CA GLY D 431 -34.53 -7.31 -3.42
C GLY D 431 -34.68 -5.79 -3.31
N ARG D 432 -35.87 -5.35 -2.91
CA ARG D 432 -36.15 -3.92 -2.77
C ARG D 432 -37.01 -3.60 -1.55
N LEU D 433 -36.54 -2.67 -0.73
CA LEU D 433 -37.28 -2.26 0.47
C LEU D 433 -37.97 -0.91 0.21
N VAL D 434 -39.26 -0.82 0.52
CA VAL D 434 -40.02 0.40 0.31
C VAL D 434 -40.49 0.97 1.65
N PHE D 435 -40.26 2.26 1.87
CA PHE D 435 -40.64 2.92 3.14
C PHE D 435 -41.76 3.92 2.90
N ASN D 436 -42.82 3.79 3.69
CA ASN D 436 -44.00 4.66 3.61
C ASN D 436 -44.47 4.90 2.19
N GLY D 437 -44.60 3.80 1.46
CA GLY D 437 -45.07 3.85 0.09
C GLY D 437 -45.53 2.45 -0.28
N TRP D 438 -45.90 2.22 -1.53
CA TRP D 438 -46.33 0.90 -1.94
C TRP D 438 -45.40 0.29 -2.98
N PRO D 439 -45.16 -1.03 -2.89
CA PRO D 439 -44.29 -1.78 -3.78
C PRO D 439 -44.63 -1.93 -5.26
N THR D 440 -45.89 -1.68 -5.62
CA THR D 440 -46.31 -1.84 -7.00
C THR D 440 -45.44 -1.23 -8.11
N GLY D 441 -45.15 0.07 -8.02
CA GLY D 441 -44.34 0.72 -9.05
C GLY D 441 -42.86 0.34 -9.08
N VAL D 442 -42.32 0.12 -10.28
CA VAL D 442 -40.91 -0.24 -10.45
C VAL D 442 -40.18 0.76 -11.36
N GLU D 443 -39.45 1.69 -10.74
CA GLU D 443 -38.70 2.70 -11.49
C GLU D 443 -37.58 2.12 -12.34
N VAL D 444 -37.61 2.42 -13.63
CA VAL D 444 -36.59 1.95 -14.56
C VAL D 444 -35.44 2.95 -14.58
N GLY D 445 -34.52 2.81 -13.63
CA GLY D 445 -33.40 3.72 -13.55
C GLY D 445 -32.07 3.01 -13.39
N TYR D 446 -31.17 3.58 -12.62
CA TYR D 446 -29.85 3.01 -12.41
C TYR D 446 -29.70 2.21 -11.13
N ALA D 447 -30.45 2.57 -10.11
CA ALA D 447 -30.36 1.91 -8.81
C ALA D 447 -31.31 0.74 -8.56
N MET D 448 -32.19 0.45 -9.51
CA MET D 448 -33.15 -0.63 -9.31
C MET D 448 -32.59 -2.04 -9.07
N VAL D 449 -33.32 -2.77 -8.24
CA VAL D 449 -33.03 -4.15 -7.94
C VAL D 449 -34.40 -4.81 -8.00
N HIS D 450 -34.71 -5.42 -9.14
CA HIS D 450 -35.98 -6.11 -9.31
C HIS D 450 -35.61 -7.57 -9.34
N GLY D 451 -35.80 -8.23 -8.20
CA GLY D 451 -35.46 -9.64 -8.05
C GLY D 451 -35.25 -9.88 -6.58
N GLY D 452 -34.33 -10.79 -6.24
CA GLY D 452 -34.08 -11.10 -4.84
C GLY D 452 -33.93 -12.59 -4.56
N PRO D 453 -33.85 -12.98 -3.28
CA PRO D 453 -33.71 -14.38 -2.89
C PRO D 453 -34.84 -15.25 -3.45
N TYR D 454 -34.53 -16.53 -3.69
CA TYR D 454 -35.50 -17.49 -4.23
C TYR D 454 -36.73 -17.49 -3.31
N PRO D 455 -37.94 -17.55 -3.90
CA PRO D 455 -38.28 -17.64 -5.33
C PRO D 455 -38.41 -16.31 -6.10
N ALA D 456 -38.19 -15.18 -5.43
CA ALA D 456 -38.29 -13.89 -6.11
C ALA D 456 -37.48 -13.94 -7.40
N SER D 457 -36.33 -14.61 -7.33
CA SER D 457 -35.47 -14.76 -8.50
C SER D 457 -34.62 -16.02 -8.35
N THR D 458 -34.21 -16.62 -9.46
CA THR D 458 -33.38 -17.83 -9.44
C THR D 458 -31.90 -17.44 -9.34
N HIS D 459 -31.64 -16.14 -9.36
CA HIS D 459 -30.28 -15.61 -9.24
C HIS D 459 -30.33 -14.27 -8.50
N SER D 460 -30.39 -14.35 -7.17
CA SER D 460 -30.48 -13.16 -6.32
C SER D 460 -29.44 -12.07 -6.56
N ALA D 461 -28.27 -12.46 -7.07
CA ALA D 461 -27.20 -11.51 -7.34
C ALA D 461 -27.37 -10.82 -8.69
N SER D 462 -28.58 -10.31 -8.95
CA SER D 462 -28.83 -9.62 -10.20
C SER D 462 -30.17 -8.89 -10.15
N THR D 463 -30.47 -8.15 -11.21
CA THR D 463 -31.73 -7.43 -11.33
C THR D 463 -32.22 -7.61 -12.76
N SER D 464 -33.53 -7.73 -12.94
CA SER D 464 -34.10 -7.89 -14.28
C SER D 464 -34.59 -6.55 -14.82
N VAL D 465 -34.51 -5.51 -14.00
CA VAL D 465 -34.94 -4.17 -14.38
C VAL D 465 -33.90 -3.17 -13.88
N GLY D 466 -33.57 -2.18 -14.71
CA GLY D 466 -32.58 -1.18 -14.31
C GLY D 466 -31.31 -1.34 -15.13
N ALA D 467 -30.46 -0.31 -15.13
CA ALA D 467 -29.21 -0.36 -15.89
C ALA D 467 -28.30 -1.55 -15.58
N GLU D 468 -28.33 -2.03 -14.34
CA GLU D 468 -27.47 -3.15 -13.96
C GLU D 468 -27.93 -4.49 -14.56
N ALA D 469 -29.10 -4.51 -15.17
CA ALA D 469 -29.63 -5.74 -15.75
C ALA D 469 -28.76 -6.25 -16.90
N ILE D 470 -27.99 -5.33 -17.51
CA ILE D 470 -27.13 -5.69 -18.63
C ILE D 470 -26.03 -6.68 -18.24
N HIS D 471 -25.58 -6.62 -16.98
CA HIS D 471 -24.50 -7.50 -16.52
C HIS D 471 -24.81 -8.97 -16.46
N ARG D 472 -26.09 -9.32 -16.51
CA ARG D 472 -26.50 -10.73 -16.47
C ARG D 472 -26.06 -11.48 -17.72
N TRP D 473 -25.87 -10.76 -18.81
CA TRP D 473 -25.50 -11.35 -20.10
C TRP D 473 -24.05 -11.18 -20.50
N LEU D 474 -23.19 -10.87 -19.53
CA LEU D 474 -21.78 -10.63 -19.77
C LEU D 474 -20.87 -11.48 -18.89
N ARG D 475 -19.66 -11.75 -19.38
CA ARG D 475 -18.66 -12.49 -18.64
C ARG D 475 -17.31 -11.82 -18.91
N PRO D 476 -16.42 -11.80 -17.91
CA PRO D 476 -15.11 -11.18 -18.07
C PRO D 476 -14.03 -12.03 -18.73
N VAL D 477 -13.10 -11.33 -19.37
CA VAL D 477 -11.98 -11.97 -20.03
C VAL D 477 -10.77 -11.11 -19.67
N ALA D 478 -9.69 -11.76 -19.27
CA ALA D 478 -8.47 -11.02 -18.92
C ALA D 478 -7.50 -11.17 -20.08
N TYR D 479 -6.81 -10.09 -20.42
CA TYR D 479 -5.84 -10.09 -21.50
C TYR D 479 -4.49 -9.80 -20.89
N GLN D 480 -3.55 -10.73 -21.04
CA GLN D 480 -2.23 -10.59 -20.46
C GLN D 480 -1.09 -10.41 -21.47
N ALA D 481 -0.39 -9.29 -21.35
CA ALA D 481 0.76 -8.97 -22.20
C ALA D 481 0.47 -8.87 -23.70
N LEU D 482 -0.76 -8.54 -24.07
CA LEU D 482 -1.08 -8.41 -25.48
C LEU D 482 -0.60 -7.05 -25.99
N PRO D 483 -0.15 -7.00 -27.27
CA PRO D 483 0.31 -5.72 -27.79
C PRO D 483 -0.88 -4.80 -28.04
N GLU D 484 -0.64 -3.50 -28.00
CA GLU D 484 -1.68 -2.52 -28.21
C GLU D 484 -2.60 -2.78 -29.41
N SER D 485 -2.01 -3.13 -30.55
CA SER D 485 -2.78 -3.36 -31.76
C SER D 485 -3.73 -4.55 -31.69
N LEU D 486 -3.47 -5.47 -30.78
CA LEU D 486 -4.32 -6.65 -30.65
C LEU D 486 -5.35 -6.53 -29.52
N LEU D 487 -5.25 -5.47 -28.73
CA LEU D 487 -6.19 -5.26 -27.62
C LEU D 487 -7.49 -4.60 -28.07
N PRO D 488 -8.62 -4.99 -27.47
CA PRO D 488 -9.87 -4.35 -27.88
C PRO D 488 -9.77 -2.87 -27.53
N ASP D 489 -10.48 -2.02 -28.26
CA ASP D 489 -10.45 -0.57 -28.03
C ASP D 489 -10.65 -0.16 -26.58
N SER D 490 -11.58 -0.84 -25.91
CA SER D 490 -11.88 -0.54 -24.52
C SER D 490 -10.67 -0.68 -23.59
N LEU D 491 -9.71 -1.52 -23.98
CA LEU D 491 -8.53 -1.75 -23.15
C LEU D 491 -7.22 -1.17 -23.69
N LYS D 492 -7.28 -0.47 -24.81
CA LYS D 492 -6.07 0.13 -25.37
C LYS D 492 -5.50 1.19 -24.41
N ALA D 493 -4.18 1.28 -24.33
CA ALA D 493 -3.52 2.23 -23.44
C ALA D 493 -4.05 3.65 -23.53
N GLU D 494 -4.29 4.13 -24.74
CA GLU D 494 -4.78 5.49 -24.92
C GLU D 494 -6.27 5.68 -24.61
N ASN D 495 -7.00 4.58 -24.44
CA ASN D 495 -8.42 4.66 -24.15
C ASN D 495 -9.15 5.49 -25.21
N PRO D 496 -9.07 5.04 -26.48
CA PRO D 496 -9.70 5.73 -27.61
C PRO D 496 -11.21 5.92 -27.48
N LEU D 497 -11.86 5.09 -26.68
CA LEU D 497 -13.30 5.21 -26.50
C LEU D 497 -13.64 6.20 -25.40
N GLU D 498 -12.64 6.55 -24.59
CA GLU D 498 -12.83 7.49 -23.50
C GLU D 498 -13.84 6.97 -22.49
N ILE D 499 -13.76 5.69 -22.17
CA ILE D 499 -14.67 5.08 -21.21
C ILE D 499 -14.07 5.09 -19.81
N ALA D 500 -14.90 4.83 -18.80
CA ALA D 500 -14.44 4.79 -17.43
C ALA D 500 -13.70 3.48 -17.24
N ARG D 501 -12.52 3.53 -16.63
CA ARG D 501 -11.72 2.33 -16.40
C ARG D 501 -11.08 2.40 -15.01
N ALA D 502 -11.01 1.25 -14.34
CA ALA D 502 -10.41 1.18 -13.01
C ALA D 502 -8.97 0.70 -13.11
N VAL D 503 -8.04 1.52 -12.62
CA VAL D 503 -6.63 1.17 -12.67
C VAL D 503 -6.08 0.90 -11.28
N ASP D 504 -5.46 -0.26 -11.11
CA ASP D 504 -4.87 -0.68 -9.85
C ASP D 504 -5.75 -0.40 -8.63
N GLY D 505 -7.04 -0.72 -8.74
CA GLY D 505 -7.94 -0.49 -7.64
C GLY D 505 -8.55 0.89 -7.49
N LYS D 506 -8.01 1.89 -8.16
CA LYS D 506 -8.53 3.26 -8.08
C LYS D 506 -10.00 3.30 -8.54
N ALA D 507 -10.72 4.37 -8.28
CA ALA D 507 -12.09 4.41 -8.76
C ALA D 507 -12.06 4.47 -10.30
N ALA D 508 -12.99 3.78 -10.96
CA ALA D 508 -13.04 3.77 -12.43
C ALA D 508 -13.15 5.20 -12.96
PA NAP E . -11.57 -33.67 -6.27
O1A NAP E . -12.63 -33.03 -7.08
O2A NAP E . -11.58 -35.16 -6.36
O5B NAP E . -11.72 -33.27 -4.70
C5B NAP E . -11.79 -31.85 -4.32
C4B NAP E . -12.59 -31.80 -2.96
O4B NAP E . -13.95 -32.10 -3.21
C3B NAP E . -12.05 -32.80 -1.87
O3B NAP E . -12.05 -32.16 -0.61
C2B NAP E . -13.10 -33.99 -2.02
O2B NAP E . -13.35 -34.74 -0.86
C1B NAP E . -14.34 -33.22 -2.41
N9A NAP E . -15.27 -33.97 -3.19
C8A NAP E . -15.12 -34.39 -4.49
N7A NAP E . -16.06 -35.25 -4.84
C5A NAP E . -17.02 -35.03 -3.91
C6A NAP E . -18.36 -35.53 -3.82
N6A NAP E . -18.96 -36.00 -4.92
N1A NAP E . -18.97 -35.49 -2.58
C2A NAP E . -18.32 -34.82 -1.54
N3A NAP E . -17.10 -34.30 -1.56
C4A NAP E . -16.53 -34.37 -2.81
O3 NAP E . -10.17 -33.15 -6.64
PN NAP E . -8.62 -33.48 -6.52
O1N NAP E . -8.43 -34.92 -6.18
O2N NAP E . -7.89 -32.58 -5.62
O5D NAP E . -8.07 -33.22 -8.07
C5D NAP E . -7.29 -32.02 -8.35
C4D NAP E . -8.12 -31.23 -9.38
O4D NAP E . -8.25 -29.88 -8.92
C3D NAP E . -7.42 -31.16 -10.78
O3D NAP E . -8.32 -31.65 -11.77
C2D NAP E . -7.12 -29.62 -10.89
O2D NAP E . -7.15 -29.18 -12.26
C1D NAP E . -8.26 -29.03 -10.06
N1N NAP E . -8.01 -27.60 -9.64
C2N NAP E . -8.65 -26.59 -10.44
C3N NAP E . -8.13 -25.27 -10.30
C7N NAP E . -8.75 -24.17 -11.21
O7N NAP E . -8.85 -23.05 -10.74
N7N NAP E . -9.41 -24.60 -12.35
C4N NAP E . -7.04 -24.90 -9.41
C5N NAP E . -6.46 -26.04 -8.75
C6N NAP E . -7.01 -27.30 -8.68
P2B NAP E . -12.19 -35.95 -0.44
O1X NAP E . -11.26 -35.04 0.34
O2X NAP E . -13.01 -36.87 0.39
O3X NAP E . -11.69 -36.51 -1.67
PA NAP F . 27.35 27.11 -8.02
O1A NAP F . 27.74 26.68 -6.64
O2A NAP F . 27.85 28.47 -8.37
O5B NAP F . 25.72 27.15 -8.18
C5B NAP F . 24.89 26.23 -7.38
C4B NAP F . 23.59 27.04 -6.97
O4B NAP F . 23.87 27.81 -5.80
C3B NAP F . 23.05 28.02 -8.07
O3B NAP F . 21.65 27.97 -8.06
C2B NAP F . 23.67 29.40 -7.59
O2B NAP F . 22.96 30.58 -7.90
C1B NAP F . 23.63 29.19 -6.09
N9A NAP F . 24.60 29.94 -5.37
C8A NAP F . 25.96 29.75 -5.34
N7A NAP F . 26.58 30.54 -4.49
C5A NAP F . 25.55 31.19 -3.85
C6A NAP F . 25.57 32.25 -2.88
N6A NAP F . 26.71 32.53 -2.23
N1A NAP F . 24.39 32.95 -2.67
C2A NAP F . 23.25 32.58 -3.37
N3A NAP F . 23.15 31.64 -4.31
C4A NAP F . 24.33 30.95 -4.47
O3 NAP F . 27.78 26.10 -9.09
PN NAP F . 27.64 25.71 -10.63
O1N NAP F . 27.67 26.92 -11.48
O2N NAP F . 26.50 24.81 -10.90
O5D NAP F . 29.03 24.83 -10.89
C5D NAP F . 28.93 23.40 -11.10
C4D NAP F . 29.51 22.77 -9.82
O4D NAP F . 28.56 21.83 -9.32
C3D NAP F . 30.82 21.98 -10.11
O3D NAP F . 31.86 22.51 -9.29
C2D NAP F . 30.37 20.52 -9.74
O2D NAP F . 31.45 19.73 -9.23
C1D NAP F . 29.29 20.79 -8.68
N1N NAP F . 28.40 19.60 -8.40
C2N NAP F . 28.77 18.77 -7.28
C3N NAP F . 28.17 17.48 -7.24
C7N NAP F . 28.60 16.53 -6.06
O7N NAP F . 27.78 15.72 -5.67
N7N NAP F . 29.77 16.87 -5.39
C4N NAP F . 27.26 16.94 -8.24
C5N NAP F . 27.05 17.88 -9.32
C6N NAP F . 27.42 19.20 -9.34
P2B NAP F . 23.17 31.26 -9.47
O1X NAP F . 22.19 30.34 -10.17
O2X NAP F . 22.70 32.66 -9.27
O3X NAP F . 24.57 31.12 -9.80
PA NAP G . 30.02 26.19 30.66
O1A NAP G . 29.47 26.29 29.28
O2A NAP G . 30.42 27.52 31.21
O5B NAP G . 31.36 25.25 30.70
C5B NAP G . 31.26 23.87 30.19
C4B NAP G . 32.71 23.50 29.73
O4B NAP G . 33.00 24.21 28.52
C3B NAP G . 33.82 23.85 30.76
O3B NAP G . 34.79 22.84 30.78
C2B NAP G . 34.34 25.25 30.20
O2B NAP G . 35.67 25.57 30.47
C1B NAP G . 34.16 25.02 28.71
N9A NAP G . 33.94 26.22 27.96
C8A NAP G . 32.81 26.99 27.90
N7A NAP G . 32.95 28.06 27.15
C5A NAP G . 34.19 27.91 26.62
C6A NAP G . 34.87 28.68 25.63
N6A NAP G . 34.26 29.71 25.05
N1A NAP G . 36.16 28.29 25.31
C2A NAP G . 36.71 27.17 25.93
N3A NAP G . 36.16 26.45 26.91
C4A NAP G . 34.85 26.83 27.15
O3 NAP G . 29.08 25.48 31.62
PN NAP G . 28.74 25.29 33.17
O1N NAP G . 29.28 26.42 33.95
O2N NAP G . 29.15 23.97 33.71
O5D NAP G . 27.07 25.35 33.19
C5D NAP G . 26.32 24.11 33.35
C4D NAP G . 25.39 24.02 32.12
O4D NAP G . 25.37 22.64 31.66
C3D NAP G . 23.91 24.39 32.45
O3D NAP G . 23.48 25.41 31.56
C2D NAP G . 23.21 23.00 32.23
O2D NAP G . 21.83 23.16 31.84
C1D NAP G . 24.07 22.41 31.12
N1N NAP G . 23.85 20.93 30.91
C2N NAP G . 23.07 20.56 29.76
C3N NAP G . 22.66 19.20 29.69
C7N NAP G . 21.77 18.78 28.48
O7N NAP G . 21.94 17.65 28.02
N7N NAP G . 21.07 19.78 27.86
C4N NAP G . 22.99 18.18 30.69
C5N NAP G . 23.65 18.75 31.83
C6N NAP G . 24.23 19.99 31.89
P2B NAP G . 36.02 26.20 32.04
O1X NAP G . 36.14 24.87 32.75
O2X NAP G . 37.32 26.90 31.79
O3X NAP G . 34.92 27.06 32.40
PA NAP H . -46.08 -19.22 -16.84
O1A NAP H . -44.93 -19.63 -15.99
O2A NAP H . -47.15 -20.28 -16.90
O5B NAP H . -45.62 -18.92 -18.37
C5B NAP H . -44.46 -18.05 -18.60
C4B NAP H . -43.83 -18.54 -19.96
O4B NAP H . -43.08 -19.76 -19.72
C3B NAP H . -44.86 -18.83 -21.10
O3B NAP H . -44.30 -18.44 -22.33
C2B NAP H . -45.03 -20.40 -20.95
O2B NAP H . -45.41 -21.10 -22.10
C1B NAP H . -43.63 -20.79 -20.54
N9A NAP H . -43.56 -22.00 -19.78
C8A NAP H . -43.98 -22.20 -18.48
N7A NAP H . -43.53 -23.32 -17.96
C5A NAP H . -42.81 -23.88 -18.98
C6A NAP H . -42.19 -25.17 -19.09
N6A NAP H . -42.12 -25.97 -18.01
N1A NAP H . -41.87 -25.62 -20.36
C2A NAP H . -41.95 -24.72 -21.42
N3A NAP H . -42.47 -23.50 -21.41
C4A NAP H . -42.91 -23.15 -20.14
O3 NAP H . -46.70 -17.92 -16.40
PN NAP H . -47.76 -16.80 -16.79
O1N NAP H . -48.60 -17.28 -17.91
O2N NAP H . -47.13 -15.47 -17.02
O5D NAP H . -48.71 -16.73 -15.43
C5D NAP H . -48.69 -15.54 -14.59
C4D NAP H . -47.67 -15.86 -13.48
O4D NAP H . -46.39 -15.35 -13.90
C3D NAP H . -48.01 -15.15 -12.14
O3D NAP H . -47.74 -16.04 -11.06
C2D NAP H . -47.02 -13.94 -12.21
O2D NAP H . -46.75 -13.41 -10.90
C1D NAP H . -45.81 -14.65 -12.80
N1N NAP H . -44.75 -13.73 -13.29
C2N NAP H . -43.70 -13.50 -12.34
C3N NAP H . -43.43 -12.14 -12.09
C7N NAP H . -42.17 -11.85 -11.21
O7N NAP H . -41.39 -10.99 -11.62
N7N NAP H . -42.20 -12.32 -9.91
C4N NAP H . -44.03 -11.03 -12.84
C5N NAP H . -44.76 -11.48 -13.99
C6N NAP H . -45.04 -12.78 -14.31
P2B NAP H . -47.06 -21.08 -22.52
O1X NAP H . -46.99 -19.88 -23.43
O2X NAP H . -47.21 -22.38 -23.23
O3X NAP H . -47.82 -20.95 -21.30
#